data_2LZ0
#
_entry.id   2LZ0
#
_entity_poly.entity_id   1
_entity_poly.type   'polypeptide(L)'
_entity_poly.pdbx_seq_one_letter_code
;GSHEGEPVVGMDKSLFAGNTVIREITVQPNIGLLYDGMFSGCTALEKLILTGEDPSAYSAGDGLRDGADFLICVPEEALD
RYRRDYFWQTYAAWIQPMEQ
;
_entity_poly.pdbx_strand_id   A
#
# COMPACT_ATOMS: atom_id res chain seq x y z
N GLY A 1 2.48 24.06 1.26
CA GLY A 1 3.10 22.76 1.50
C GLY A 1 2.04 21.76 1.92
N SER A 2 1.90 21.56 3.23
CA SER A 2 0.78 20.86 3.84
C SER A 2 0.12 21.79 4.85
N HIS A 3 -1.14 21.54 5.15
CA HIS A 3 -1.87 22.09 6.28
C HIS A 3 -2.80 20.98 6.70
N GLU A 4 -2.22 19.96 7.35
CA GLU A 4 -2.91 18.69 7.52
C GLU A 4 -2.19 17.81 8.55
N GLY A 5 -2.88 16.80 9.07
CA GLY A 5 -2.34 15.83 10.02
C GLY A 5 -2.78 14.38 9.77
N GLU A 6 -3.65 14.12 8.80
CA GLU A 6 -4.28 12.82 8.54
C GLU A 6 -3.77 12.23 7.22
N PRO A 7 -2.65 11.50 7.25
CA PRO A 7 -2.19 10.74 6.10
C PRO A 7 -3.09 9.52 5.89
N VAL A 8 -4.28 9.68 5.28
CA VAL A 8 -5.28 8.61 5.21
C VAL A 8 -5.91 8.49 3.81
N VAL A 9 -6.43 7.30 3.49
CA VAL A 9 -6.99 6.94 2.20
C VAL A 9 -8.53 7.12 2.23
N GLY A 10 -9.01 8.32 1.91
CA GLY A 10 -10.43 8.65 1.84
C GLY A 10 -10.68 9.59 0.67
N MET A 11 -11.08 9.05 -0.49
CA MET A 11 -11.44 9.81 -1.71
C MET A 11 -10.31 10.71 -2.25
N ASP A 12 -9.06 10.47 -1.84
CA ASP A 12 -7.85 11.04 -2.44
C ASP A 12 -6.72 10.03 -2.25
N LYS A 13 -5.54 10.30 -2.80
CA LYS A 13 -4.33 9.48 -2.76
C LYS A 13 -3.05 10.27 -2.53
N SER A 14 -3.11 11.59 -2.41
CA SER A 14 -1.88 12.37 -2.28
C SER A 14 -1.37 12.37 -0.83
N LEU A 15 -2.28 12.26 0.14
CA LEU A 15 -2.04 12.63 1.54
C LEU A 15 -1.33 11.52 2.29
N PHE A 16 -0.04 11.29 2.05
CA PHE A 16 0.75 10.28 2.76
C PHE A 16 2.20 10.75 2.91
N ALA A 17 2.82 11.21 1.82
CA ALA A 17 4.18 11.74 1.80
C ALA A 17 4.21 13.13 2.44
N GLY A 18 4.07 13.17 3.76
CA GLY A 18 4.17 14.38 4.55
C GLY A 18 4.34 14.04 6.01
N ASN A 19 3.54 13.10 6.53
CA ASN A 19 3.71 12.69 7.92
C ASN A 19 4.84 11.67 7.96
N THR A 20 6.02 12.08 8.42
CA THR A 20 7.23 11.28 8.46
C THR A 20 7.13 10.00 9.32
N VAL A 21 6.02 9.76 10.03
CA VAL A 21 6.03 8.97 11.26
C VAL A 21 4.85 7.98 11.27
N ILE A 22 4.41 7.52 10.10
CA ILE A 22 3.31 6.57 9.94
C ILE A 22 3.87 5.20 9.61
N ARG A 23 4.19 4.43 10.65
CA ARG A 23 4.84 3.14 10.49
C ARG A 23 3.92 2.09 9.88
N GLU A 24 2.61 2.33 9.78
CA GLU A 24 1.64 1.36 9.30
C GLU A 24 0.62 2.10 8.43
N ILE A 25 0.26 1.53 7.28
CA ILE A 25 -0.74 2.08 6.37
C ILE A 25 -1.71 0.95 6.05
N THR A 26 -2.89 0.93 6.67
CA THR A 26 -3.98 0.12 6.16
C THR A 26 -4.54 0.80 4.89
N VAL A 27 -4.98 -0.01 3.93
CA VAL A 27 -5.55 0.39 2.64
C VAL A 27 -6.69 -0.58 2.32
N GLN A 28 -7.71 -0.10 1.60
CA GLN A 28 -8.84 -0.87 1.11
C GLN A 28 -8.69 -1.16 -0.39
N PRO A 29 -9.48 -2.11 -0.93
CA PRO A 29 -9.53 -2.37 -2.38
C PRO A 29 -10.20 -1.21 -3.12
N ASN A 30 -9.96 -1.16 -4.43
CA ASN A 30 -10.63 -0.35 -5.44
C ASN A 30 -10.69 1.15 -5.15
N ILE A 31 -9.77 1.71 -4.34
CA ILE A 31 -9.83 3.10 -3.83
C ILE A 31 -8.61 3.91 -4.33
N GLY A 32 -8.51 4.07 -5.64
CA GLY A 32 -7.55 4.87 -6.39
C GLY A 32 -6.36 4.05 -6.89
N LEU A 33 -5.60 4.59 -7.85
CA LEU A 33 -4.35 4.01 -8.35
C LEU A 33 -3.23 4.45 -7.42
N LEU A 34 -2.49 3.50 -6.86
CA LEU A 34 -1.30 3.69 -6.04
C LEU A 34 -0.15 4.13 -6.96
N TYR A 35 -0.15 5.39 -7.38
CA TYR A 35 0.71 5.89 -8.47
C TYR A 35 2.18 5.97 -7.99
N ASP A 36 3.06 6.68 -8.71
CA ASP A 36 4.36 7.04 -8.15
C ASP A 36 4.20 8.07 -7.03
N GLY A 37 5.25 8.26 -6.24
CA GLY A 37 5.39 9.34 -5.28
C GLY A 37 4.38 9.41 -4.13
N MET A 38 3.55 8.38 -3.86
CA MET A 38 2.62 8.40 -2.73
C MET A 38 3.35 8.63 -1.42
N PHE A 39 4.48 7.95 -1.24
CA PHE A 39 5.05 7.63 0.06
C PHE A 39 6.41 8.29 0.28
N SER A 40 6.86 9.15 -0.62
CA SER A 40 8.17 9.79 -0.62
C SER A 40 8.54 10.37 0.75
N GLY A 41 9.69 9.96 1.28
CA GLY A 41 10.26 10.57 2.47
C GLY A 41 9.65 10.01 3.75
N CYS A 42 9.05 8.83 3.69
CA CYS A 42 8.52 8.13 4.85
C CYS A 42 9.64 7.59 5.75
N THR A 43 10.30 8.46 6.50
CA THR A 43 11.41 8.13 7.38
C THR A 43 11.03 7.11 8.46
N ALA A 44 9.75 6.88 8.73
CA ALA A 44 9.29 5.71 9.44
C ALA A 44 7.96 5.20 8.85
N LEU A 45 7.99 4.60 7.64
CA LEU A 45 6.94 3.71 7.14
C LEU A 45 7.50 2.30 6.93
N GLU A 46 7.01 1.32 7.68
CA GLU A 46 7.54 -0.04 7.66
C GLU A 46 6.41 -1.09 7.72
N LYS A 47 5.19 -0.76 7.31
CA LYS A 47 4.12 -1.73 7.12
C LYS A 47 3.06 -1.17 6.20
N LEU A 48 2.38 -2.06 5.49
CA LEU A 48 1.23 -1.79 4.64
C LEU A 48 0.28 -2.96 4.85
N ILE A 49 -1.03 -2.74 4.96
CA ILE A 49 -2.02 -3.80 5.11
C ILE A 49 -3.12 -3.57 4.08
N LEU A 50 -3.59 -4.64 3.44
CA LEU A 50 -4.62 -4.59 2.39
C LEU A 50 -5.87 -5.31 2.87
N THR A 51 -7.00 -4.60 3.00
CA THR A 51 -8.27 -5.14 3.48
C THR A 51 -9.13 -5.71 2.33
N GLY A 52 -8.49 -6.22 1.27
CA GLY A 52 -9.15 -6.88 0.14
C GLY A 52 -8.57 -8.28 -0.06
N GLU A 53 -9.26 -9.13 -0.83
CA GLU A 53 -8.91 -10.55 -0.95
C GLU A 53 -8.42 -10.94 -2.34
N ASP A 54 -8.29 -10.01 -3.30
CA ASP A 54 -7.90 -10.31 -4.66
C ASP A 54 -6.98 -9.20 -5.21
N PRO A 55 -5.99 -9.55 -6.05
CA PRO A 55 -4.95 -8.62 -6.50
C PRO A 55 -5.44 -7.59 -7.52
N SER A 56 -6.39 -7.96 -8.38
CA SER A 56 -6.93 -7.07 -9.40
C SER A 56 -7.69 -5.90 -8.77
N ALA A 57 -8.24 -6.07 -7.56
CA ALA A 57 -8.86 -5.02 -6.78
C ALA A 57 -7.85 -3.98 -6.24
N TYR A 58 -6.57 -4.07 -6.59
CA TYR A 58 -5.60 -3.02 -6.35
C TYR A 58 -4.86 -2.74 -7.66
N SER A 59 -4.42 -1.50 -7.87
CA SER A 59 -3.67 -1.09 -9.03
C SER A 59 -2.62 -0.07 -8.62
N ALA A 60 -1.40 -0.23 -9.13
CA ALA A 60 -0.21 0.48 -8.64
C ALA A 60 0.83 0.83 -9.70
N GLY A 61 0.54 0.50 -10.96
CA GLY A 61 1.17 0.99 -12.18
C GLY A 61 2.57 0.45 -12.42
N ASP A 62 3.47 0.86 -11.54
CA ASP A 62 4.94 0.72 -11.52
C ASP A 62 5.45 1.51 -10.31
N GLY A 63 4.77 2.62 -9.99
CA GLY A 63 5.23 3.62 -9.03
C GLY A 63 4.99 3.29 -7.56
N LEU A 64 4.48 2.09 -7.24
CA LEU A 64 3.78 1.76 -6.00
C LEU A 64 4.49 2.34 -4.76
N ARG A 65 5.79 2.05 -4.57
CA ARG A 65 6.51 2.42 -3.36
C ARG A 65 7.68 3.37 -3.64
N ASP A 66 7.58 4.26 -4.62
CA ASP A 66 8.66 5.23 -4.86
C ASP A 66 8.91 6.05 -3.59
N GLY A 67 10.18 6.19 -3.19
CA GLY A 67 10.57 6.93 -2.00
C GLY A 67 10.23 6.23 -0.69
N ALA A 68 10.02 4.91 -0.72
CA ALA A 68 9.71 4.08 0.43
C ALA A 68 10.40 2.71 0.32
N ASP A 69 10.22 1.85 1.33
CA ASP A 69 10.63 0.44 1.35
C ASP A 69 9.87 -0.27 2.47
N PHE A 70 8.81 -1.02 2.15
CA PHE A 70 8.03 -1.76 3.15
C PHE A 70 7.48 -3.09 2.59
N LEU A 71 6.96 -3.91 3.50
CA LEU A 71 6.28 -5.18 3.28
C LEU A 71 4.77 -4.96 3.08
N ILE A 72 4.12 -5.89 2.40
CA ILE A 72 2.73 -5.85 1.96
C ILE A 72 1.97 -7.00 2.64
N CYS A 73 1.32 -6.75 3.77
CA CYS A 73 0.46 -7.76 4.39
C CYS A 73 -0.83 -7.91 3.59
N VAL A 74 -1.20 -9.15 3.25
CA VAL A 74 -2.50 -9.51 2.62
C VAL A 74 -3.10 -10.71 3.40
N PRO A 75 -4.40 -11.01 3.33
CA PRO A 75 -4.97 -12.16 4.04
C PRO A 75 -4.46 -13.47 3.43
N GLU A 76 -4.39 -14.55 4.21
CA GLU A 76 -3.87 -15.84 3.73
C GLU A 76 -4.67 -16.35 2.53
N GLU A 77 -6.00 -16.13 2.52
CA GLU A 77 -6.85 -16.63 1.45
C GLU A 77 -6.66 -15.83 0.14
N ALA A 78 -5.87 -14.75 0.16
CA ALA A 78 -5.44 -14.00 -1.02
C ALA A 78 -3.98 -14.28 -1.43
N LEU A 79 -3.20 -15.00 -0.62
CA LEU A 79 -1.74 -15.06 -0.79
C LEU A 79 -1.36 -15.68 -2.13
N ASP A 80 -1.93 -16.84 -2.43
CA ASP A 80 -1.70 -17.59 -3.66
C ASP A 80 -2.17 -16.75 -4.85
N ARG A 81 -3.36 -16.14 -4.76
CA ARG A 81 -3.93 -15.27 -5.78
C ARG A 81 -2.95 -14.19 -6.18
N TYR A 82 -2.41 -13.42 -5.21
CA TYR A 82 -1.43 -12.39 -5.50
C TYR A 82 -0.17 -13.00 -6.13
N ARG A 83 0.26 -14.18 -5.69
CA ARG A 83 1.43 -14.84 -6.28
C ARG A 83 1.19 -15.33 -7.71
N ARG A 84 -0.05 -15.60 -8.13
CA ARG A 84 -0.36 -15.94 -9.53
C ARG A 84 -0.62 -14.71 -10.40
N ASP A 85 -0.61 -13.50 -9.82
CA ASP A 85 -1.07 -12.30 -10.51
C ASP A 85 -0.11 -11.86 -11.61
N TYR A 86 -0.60 -11.09 -12.58
CA TYR A 86 0.18 -10.59 -13.72
C TYR A 86 0.77 -9.19 -13.49
N PHE A 87 0.88 -8.81 -12.24
CA PHE A 87 1.61 -7.66 -11.73
C PHE A 87 2.26 -8.06 -10.42
N TRP A 88 1.47 -8.30 -9.37
CA TRP A 88 1.90 -8.40 -7.97
C TRP A 88 2.96 -9.48 -7.70
N GLN A 89 3.19 -10.41 -8.63
CA GLN A 89 4.40 -11.23 -8.66
C GLN A 89 5.67 -10.42 -8.43
N THR A 90 5.82 -9.28 -9.13
CA THR A 90 7.00 -8.41 -9.02
C THR A 90 7.17 -7.84 -7.60
N TYR A 91 6.14 -7.88 -6.74
CA TYR A 91 6.21 -7.47 -5.34
C TYR A 91 6.15 -8.68 -4.39
N ALA A 92 6.27 -9.91 -4.89
CA ALA A 92 6.25 -11.14 -4.08
C ALA A 92 7.49 -11.26 -3.18
N ALA A 93 8.48 -10.38 -3.35
CA ALA A 93 9.60 -10.24 -2.43
C ALA A 93 9.24 -9.41 -1.19
N TRP A 94 8.05 -8.83 -1.11
CA TRP A 94 7.60 -8.01 0.02
C TRP A 94 6.22 -8.40 0.53
N ILE A 95 5.45 -9.19 -0.22
CA ILE A 95 4.14 -9.66 0.25
C ILE A 95 4.36 -10.63 1.41
N GLN A 96 3.48 -10.62 2.41
CA GLN A 96 3.39 -11.64 3.43
C GLN A 96 1.95 -11.79 3.93
N PRO A 97 1.64 -12.89 4.62
CA PRO A 97 0.39 -13.07 5.32
C PRO A 97 0.21 -12.15 6.53
N MET A 98 -1.05 -11.83 6.79
CA MET A 98 -1.51 -11.23 8.03
C MET A 98 -1.43 -12.24 9.18
N GLU A 99 -1.73 -11.76 10.38
CA GLU A 99 -1.86 -12.47 11.64
C GLU A 99 -3.00 -11.79 12.43
N GLN A 100 -3.26 -12.25 13.66
CA GLN A 100 -3.88 -11.45 14.71
C GLN A 100 -2.75 -10.96 15.60
N GLY A 1 -11.18 26.82 2.69
CA GLY A 1 -10.06 25.90 2.42
C GLY A 1 -10.45 24.47 2.71
N SER A 2 -9.60 23.52 2.34
CA SER A 2 -9.57 22.20 2.95
C SER A 2 -8.59 22.30 4.12
N HIS A 3 -9.06 22.01 5.33
CA HIS A 3 -8.24 21.87 6.52
C HIS A 3 -8.63 20.56 7.20
N GLU A 4 -8.54 19.47 6.46
CA GLU A 4 -8.59 18.07 6.88
C GLU A 4 -7.71 17.30 5.87
N GLY A 5 -7.34 16.06 6.20
CA GLY A 5 -6.46 15.23 5.39
C GLY A 5 -5.31 14.69 6.21
N GLU A 6 -5.61 13.97 7.30
CA GLU A 6 -4.60 13.17 8.00
C GLU A 6 -4.17 12.01 7.11
N PRO A 7 -3.02 11.38 7.40
CA PRO A 7 -2.41 10.42 6.51
C PRO A 7 -3.09 9.05 6.69
N VAL A 8 -4.29 8.84 6.14
CA VAL A 8 -4.92 7.53 6.06
C VAL A 8 -5.64 7.36 4.71
N VAL A 9 -5.91 6.12 4.31
CA VAL A 9 -6.56 5.74 3.06
C VAL A 9 -8.08 5.79 3.26
N GLY A 10 -8.74 6.87 2.85
CA GLY A 10 -10.19 6.94 2.79
C GLY A 10 -10.58 8.03 1.81
N MET A 11 -11.34 7.67 0.77
CA MET A 11 -11.86 8.50 -0.32
C MET A 11 -10.85 9.33 -1.12
N ASP A 12 -9.59 9.48 -0.70
CA ASP A 12 -8.56 10.22 -1.42
C ASP A 12 -7.27 9.40 -1.42
N LYS A 13 -6.41 9.59 -2.41
CA LYS A 13 -5.06 9.04 -2.48
C LYS A 13 -4.08 10.13 -2.94
N SER A 14 -4.08 11.30 -2.30
CA SER A 14 -3.12 12.37 -2.55
C SER A 14 -2.41 12.87 -1.27
N LEU A 15 -2.94 12.61 -0.07
CA LEU A 15 -2.49 13.26 1.17
C LEU A 15 -1.76 12.25 2.05
N PHE A 16 -0.52 11.90 1.71
CA PHE A 16 0.25 10.83 2.38
C PHE A 16 1.63 11.32 2.75
N ALA A 17 2.37 11.82 1.76
CA ALA A 17 3.80 12.09 1.77
C ALA A 17 4.17 13.33 2.61
N GLY A 18 3.41 13.63 3.65
CA GLY A 18 3.63 14.72 4.60
C GLY A 18 3.97 14.22 6.01
N ASN A 19 3.38 13.12 6.49
CA ASN A 19 3.69 12.66 7.85
C ASN A 19 4.89 11.71 7.88
N THR A 20 6.06 12.19 8.28
CA THR A 20 7.30 11.43 8.45
C THR A 20 7.24 10.37 9.58
N VAL A 21 6.08 10.13 10.20
CA VAL A 21 5.93 9.37 11.43
C VAL A 21 4.85 8.29 11.26
N ILE A 22 4.20 8.20 10.08
CA ILE A 22 3.29 7.13 9.76
C ILE A 22 4.13 5.89 9.59
N ARG A 23 3.99 4.94 10.52
CA ARG A 23 4.67 3.66 10.46
C ARG A 23 3.84 2.63 9.72
N GLU A 24 2.55 2.90 9.52
CA GLU A 24 1.59 1.91 9.04
C GLU A 24 0.54 2.56 8.14
N ILE A 25 0.15 1.89 7.07
CA ILE A 25 -0.90 2.31 6.16
C ILE A 25 -1.72 1.07 5.84
N THR A 26 -2.87 0.93 6.47
CA THR A 26 -3.89 0.00 5.97
C THR A 26 -4.47 0.60 4.69
N VAL A 27 -4.60 -0.18 3.62
CA VAL A 27 -5.11 0.23 2.32
C VAL A 27 -6.22 -0.73 1.93
N GLN A 28 -7.33 -0.19 1.45
CA GLN A 28 -8.52 -0.96 1.13
C GLN A 28 -8.54 -1.33 -0.35
N PRO A 29 -9.37 -2.32 -0.73
CA PRO A 29 -9.59 -2.64 -2.13
C PRO A 29 -10.34 -1.50 -2.81
N ASN A 30 -10.14 -1.34 -4.13
CA ASN A 30 -10.90 -0.47 -5.03
C ASN A 30 -11.02 0.98 -4.53
N ILE A 31 -9.94 1.54 -3.94
CA ILE A 31 -9.99 2.78 -3.14
C ILE A 31 -9.08 3.90 -3.72
N GLY A 32 -8.39 3.67 -4.84
CA GLY A 32 -7.61 4.68 -5.57
C GLY A 32 -6.25 4.15 -6.01
N LEU A 33 -5.55 4.91 -6.87
CA LEU A 33 -4.30 4.50 -7.50
C LEU A 33 -3.11 4.63 -6.57
N LEU A 34 -2.29 3.56 -6.51
CA LEU A 34 -0.94 3.55 -5.96
C LEU A 34 -0.01 4.07 -7.05
N TYR A 35 0.05 5.38 -7.26
CA TYR A 35 0.93 5.94 -8.27
C TYR A 35 2.40 5.80 -7.83
N ASP A 36 3.30 5.96 -8.80
CA ASP A 36 4.74 5.99 -8.59
C ASP A 36 5.14 7.23 -7.78
N GLY A 37 5.58 7.01 -6.54
CA GLY A 37 6.06 8.05 -5.64
C GLY A 37 5.07 8.43 -4.53
N MET A 38 4.00 7.65 -4.32
CA MET A 38 2.87 7.98 -3.43
C MET A 38 3.28 8.35 -2.00
N PHE A 39 4.44 7.90 -1.54
CA PHE A 39 4.86 7.96 -0.15
C PHE A 39 6.25 8.63 -0.03
N SER A 40 6.67 9.38 -1.04
CA SER A 40 7.99 10.03 -1.12
C SER A 40 8.15 11.06 0.00
N GLY A 41 8.76 10.63 1.12
CA GLY A 41 8.98 11.41 2.32
C GLY A 41 8.52 10.69 3.59
N CYS A 42 7.85 9.54 3.51
CA CYS A 42 7.36 8.82 4.68
C CYS A 42 8.49 7.97 5.26
N THR A 43 9.51 8.57 5.87
CA THR A 43 10.72 7.81 6.18
C THR A 43 10.51 6.73 7.26
N ALA A 44 9.51 6.86 8.15
CA ALA A 44 9.20 5.84 9.15
C ALA A 44 8.28 4.73 8.62
N LEU A 45 7.83 4.82 7.36
CA LEU A 45 6.84 3.93 6.79
C LEU A 45 7.48 2.63 6.34
N GLU A 46 7.05 1.50 6.90
CA GLU A 46 7.60 0.18 6.60
C GLU A 46 6.51 -0.91 6.53
N LYS A 47 5.23 -0.57 6.69
CA LYS A 47 4.12 -1.50 6.42
C LYS A 47 3.11 -0.89 5.46
N LEU A 48 2.41 -1.75 4.74
CA LEU A 48 1.32 -1.53 3.79
C LEU A 48 0.41 -2.76 3.97
N ILE A 49 -0.70 -2.65 4.70
CA ILE A 49 -1.57 -3.80 4.99
C ILE A 49 -2.82 -3.66 4.12
N LEU A 50 -3.12 -4.68 3.32
CA LEU A 50 -4.11 -4.66 2.27
C LEU A 50 -5.37 -5.35 2.79
N THR A 51 -6.43 -4.61 3.08
CA THR A 51 -7.67 -5.13 3.67
C THR A 51 -8.58 -5.88 2.66
N GLY A 52 -8.07 -6.35 1.52
CA GLY A 52 -8.87 -6.90 0.43
C GLY A 52 -8.42 -8.30 0.03
N GLU A 53 -9.32 -9.00 -0.65
CA GLU A 53 -9.25 -10.43 -0.92
C GLU A 53 -8.67 -10.75 -2.30
N ASP A 54 -8.39 -9.76 -3.15
CA ASP A 54 -8.01 -9.97 -4.55
C ASP A 54 -6.95 -8.95 -4.98
N PRO A 55 -6.04 -9.32 -5.90
CA PRO A 55 -5.04 -8.40 -6.45
C PRO A 55 -5.65 -7.36 -7.38
N SER A 56 -6.66 -7.72 -8.16
CA SER A 56 -7.22 -6.85 -9.21
C SER A 56 -7.77 -5.53 -8.64
N ALA A 57 -8.16 -5.54 -7.36
CA ALA A 57 -8.66 -4.40 -6.63
C ALA A 57 -7.57 -3.41 -6.17
N TYR A 58 -6.29 -3.67 -6.44
CA TYR A 58 -5.17 -2.84 -6.03
C TYR A 58 -4.32 -2.53 -7.25
N SER A 59 -4.07 -1.25 -7.49
CA SER A 59 -3.22 -0.73 -8.55
C SER A 59 -1.76 -0.73 -8.09
N ALA A 60 -0.80 -0.44 -8.99
CA ALA A 60 0.55 0.02 -8.64
C ALA A 60 1.26 0.50 -9.91
N GLY A 61 2.12 1.51 -9.78
CA GLY A 61 3.10 1.90 -10.77
C GLY A 61 4.45 1.28 -10.41
N ASP A 62 5.49 1.67 -11.15
CA ASP A 62 6.87 1.22 -10.92
C ASP A 62 7.31 1.63 -9.53
N GLY A 63 7.08 2.90 -9.20
CA GLY A 63 7.45 3.50 -7.93
C GLY A 63 6.40 3.25 -6.86
N LEU A 64 5.74 2.08 -6.83
CA LEU A 64 4.75 1.70 -5.81
C LEU A 64 5.32 2.09 -4.44
N ARG A 65 6.51 1.58 -4.15
CA ARG A 65 7.23 1.76 -2.89
C ARG A 65 8.40 2.74 -3.00
N ASP A 66 8.38 3.68 -3.95
CA ASP A 66 9.44 4.68 -4.07
C ASP A 66 9.43 5.67 -2.90
N GLY A 67 10.58 5.89 -2.26
CA GLY A 67 10.79 6.94 -1.27
C GLY A 67 10.54 6.50 0.17
N ALA A 68 10.06 5.29 0.39
CA ALA A 68 10.05 4.60 1.67
C ALA A 68 10.52 3.16 1.39
N ASP A 69 10.42 2.25 2.36
CA ASP A 69 10.74 0.85 2.18
C ASP A 69 9.81 0.00 3.04
N PHE A 70 8.69 -0.48 2.48
CA PHE A 70 7.69 -1.27 3.21
C PHE A 70 7.37 -2.61 2.58
N LEU A 71 6.71 -3.44 3.38
CA LEU A 71 6.18 -4.77 3.08
C LEU A 71 4.69 -4.67 2.77
N ILE A 72 4.15 -5.66 2.05
CA ILE A 72 2.76 -5.74 1.60
C ILE A 72 2.08 -6.95 2.27
N CYS A 73 1.47 -6.74 3.42
CA CYS A 73 0.70 -7.79 4.06
C CYS A 73 -0.67 -7.89 3.40
N VAL A 74 -1.14 -9.10 3.12
CA VAL A 74 -2.47 -9.42 2.55
C VAL A 74 -3.08 -10.56 3.38
N PRO A 75 -4.40 -10.78 3.34
CA PRO A 75 -5.01 -11.88 4.10
C PRO A 75 -4.63 -13.21 3.46
N GLU A 76 -4.61 -14.29 4.25
CA GLU A 76 -4.18 -15.61 3.77
C GLU A 76 -4.98 -16.07 2.53
N GLU A 77 -6.26 -15.72 2.48
CA GLU A 77 -7.15 -15.98 1.36
C GLU A 77 -6.58 -15.43 0.07
N ALA A 78 -6.04 -14.22 0.13
CA ALA A 78 -5.49 -13.52 -1.01
C ALA A 78 -4.04 -13.91 -1.29
N LEU A 79 -3.36 -14.65 -0.41
CA LEU A 79 -1.92 -14.87 -0.45
C LEU A 79 -1.45 -15.36 -1.82
N ASP A 80 -1.96 -16.52 -2.21
CA ASP A 80 -1.62 -17.20 -3.45
C ASP A 80 -2.28 -16.48 -4.63
N ARG A 81 -3.41 -15.83 -4.36
CA ARG A 81 -4.18 -15.05 -5.30
C ARG A 81 -3.34 -13.92 -5.86
N TYR A 82 -2.62 -13.18 -5.02
CA TYR A 82 -1.68 -12.16 -5.50
C TYR A 82 -0.55 -12.83 -6.29
N ARG A 83 -0.01 -13.97 -5.83
CA ARG A 83 1.03 -14.66 -6.60
C ARG A 83 0.55 -15.23 -7.94
N ARG A 84 -0.76 -15.30 -8.25
CA ARG A 84 -1.23 -15.73 -9.56
C ARG A 84 -1.55 -14.55 -10.49
N ASP A 85 -1.33 -13.29 -10.07
CA ASP A 85 -1.56 -12.13 -10.93
C ASP A 85 -0.42 -11.93 -11.93
N TYR A 86 -0.74 -11.49 -13.15
CA TYR A 86 0.23 -11.24 -14.23
C TYR A 86 1.06 -9.95 -14.04
N PHE A 87 0.99 -9.35 -12.86
CA PHE A 87 1.74 -8.19 -12.43
C PHE A 87 2.24 -8.35 -11.00
N TRP A 88 1.35 -8.44 -9.99
CA TRP A 88 1.75 -8.43 -8.57
C TRP A 88 2.79 -9.50 -8.23
N GLN A 89 2.91 -10.56 -9.04
CA GLN A 89 4.00 -11.54 -8.99
C GLN A 89 5.38 -10.92 -8.80
N THR A 90 5.73 -9.89 -9.57
CA THR A 90 7.06 -9.31 -9.50
C THR A 90 7.33 -8.66 -8.12
N TYR A 91 6.29 -8.27 -7.38
CA TYR A 91 6.39 -7.74 -6.02
C TYR A 91 6.14 -8.83 -4.97
N ALA A 92 6.15 -10.12 -5.35
CA ALA A 92 6.00 -11.23 -4.41
C ALA A 92 7.08 -11.20 -3.34
N ALA A 93 8.19 -10.48 -3.57
CA ALA A 93 9.23 -10.26 -2.57
C ALA A 93 8.70 -9.61 -1.29
N TRP A 94 7.55 -8.93 -1.33
CA TRP A 94 6.96 -8.21 -0.21
C TRP A 94 5.57 -8.74 0.16
N ILE A 95 4.98 -9.64 -0.63
CA ILE A 95 3.59 -10.06 -0.46
C ILE A 95 3.60 -11.27 0.47
N GLN A 96 3.00 -11.16 1.66
CA GLN A 96 2.95 -12.22 2.66
C GLN A 96 1.66 -12.12 3.50
N PRO A 97 1.31 -13.18 4.26
CA PRO A 97 0.10 -13.18 5.09
C PRO A 97 0.09 -12.11 6.19
N MET A 98 -1.11 -11.80 6.65
CA MET A 98 -1.41 -11.14 7.92
C MET A 98 -1.32 -12.15 9.07
N GLU A 99 -1.49 -11.68 10.30
CA GLU A 99 -1.62 -12.52 11.49
C GLU A 99 -3.12 -12.65 11.84
N GLN A 100 -3.43 -13.35 12.94
CA GLN A 100 -4.79 -13.59 13.42
C GLN A 100 -5.47 -12.28 13.75
N GLY A 1 -4.32 27.46 4.65
CA GLY A 1 -5.71 27.10 4.34
C GLY A 1 -5.99 25.77 4.99
N SER A 2 -6.90 25.74 5.97
CA SER A 2 -7.19 24.56 6.76
C SER A 2 -8.07 23.66 5.91
N HIS A 3 -7.45 22.76 5.17
CA HIS A 3 -8.05 21.95 4.13
C HIS A 3 -7.78 20.48 4.44
N GLU A 4 -8.69 19.60 4.01
CA GLU A 4 -8.61 18.17 4.22
C GLU A 4 -7.36 17.65 3.50
N GLY A 5 -6.48 16.96 4.23
CA GLY A 5 -5.22 16.45 3.70
C GLY A 5 -4.37 15.92 4.83
N GLU A 6 -4.82 14.85 5.46
CA GLU A 6 -4.12 14.14 6.55
C GLU A 6 -3.75 12.73 6.10
N PRO A 7 -2.79 12.06 6.76
CA PRO A 7 -2.16 10.85 6.27
C PRO A 7 -3.08 9.64 6.52
N VAL A 8 -4.17 9.52 5.77
CA VAL A 8 -5.16 8.45 5.83
C VAL A 8 -5.63 8.20 4.38
N VAL A 9 -6.32 7.08 4.13
CA VAL A 9 -6.83 6.74 2.81
C VAL A 9 -8.36 6.77 2.84
N GLY A 10 -8.99 6.95 1.68
CA GLY A 10 -10.43 6.94 1.55
C GLY A 10 -10.83 7.66 0.27
N MET A 11 -10.76 8.99 0.31
CA MET A 11 -11.35 9.85 -0.71
C MET A 11 -10.35 10.80 -1.36
N ASP A 12 -9.06 10.72 -1.00
CA ASP A 12 -7.99 11.42 -1.73
C ASP A 12 -6.81 10.49 -1.89
N LYS A 13 -5.96 10.73 -2.90
CA LYS A 13 -4.67 10.10 -3.08
C LYS A 13 -3.64 11.13 -3.55
N SER A 14 -3.09 11.89 -2.60
CA SER A 14 -1.85 12.66 -2.75
C SER A 14 -1.10 12.79 -1.41
N LEU A 15 -1.80 13.09 -0.32
CA LEU A 15 -1.25 13.50 0.99
C LEU A 15 -0.37 12.47 1.74
N PHE A 16 0.03 11.35 1.15
CA PHE A 16 0.70 10.27 1.86
C PHE A 16 2.21 10.50 2.06
N ALA A 17 2.81 11.48 1.38
CA ALA A 17 4.18 11.89 1.60
C ALA A 17 4.16 13.20 2.40
N GLY A 18 3.97 13.14 3.72
CA GLY A 18 4.05 14.35 4.53
C GLY A 18 4.01 14.14 6.05
N ASN A 19 3.63 12.96 6.56
CA ASN A 19 3.62 12.68 7.99
C ASN A 19 4.68 11.62 8.30
N THR A 20 5.88 12.09 8.62
CA THR A 20 7.15 11.38 8.85
C THR A 20 7.14 10.46 10.10
N VAL A 21 5.99 9.89 10.45
CA VAL A 21 5.73 9.15 11.67
C VAL A 21 4.73 7.99 11.43
N ILE A 22 4.11 7.90 10.25
CA ILE A 22 3.09 6.92 9.94
C ILE A 22 3.72 5.53 9.79
N ARG A 23 3.83 4.78 10.88
CA ARG A 23 4.43 3.44 10.85
C ARG A 23 3.52 2.42 10.17
N GLU A 24 2.25 2.73 9.95
CA GLU A 24 1.24 1.76 9.54
C GLU A 24 0.26 2.43 8.58
N ILE A 25 -0.12 1.73 7.51
CA ILE A 25 -1.18 2.11 6.58
C ILE A 25 -1.98 0.84 6.28
N THR A 26 -3.27 0.83 6.59
CA THR A 26 -4.25 -0.08 5.99
C THR A 26 -4.73 0.54 4.67
N VAL A 27 -4.98 -0.26 3.63
CA VAL A 27 -5.65 0.18 2.40
C VAL A 27 -6.68 -0.86 2.01
N GLN A 28 -7.84 -0.40 1.55
CA GLN A 28 -8.99 -1.23 1.22
C GLN A 28 -9.11 -1.44 -0.30
N PRO A 29 -9.92 -2.41 -0.75
CA PRO A 29 -10.04 -2.69 -2.17
C PRO A 29 -10.70 -1.50 -2.88
N ASN A 30 -10.28 -1.23 -4.12
CA ASN A 30 -10.80 -0.18 -4.98
C ASN A 30 -10.90 1.18 -4.25
N ILE A 31 -9.77 1.85 -4.00
CA ILE A 31 -9.72 3.08 -3.19
C ILE A 31 -8.69 4.10 -3.73
N GLY A 32 -8.53 4.15 -5.06
CA GLY A 32 -7.71 5.13 -5.79
C GLY A 32 -6.52 4.47 -6.47
N LEU A 33 -5.80 5.19 -7.32
CA LEU A 33 -4.61 4.69 -8.01
C LEU A 33 -3.39 4.81 -7.11
N LEU A 34 -2.67 3.71 -6.93
CA LEU A 34 -1.31 3.70 -6.41
C LEU A 34 -0.38 4.23 -7.52
N TYR A 35 -0.16 5.53 -7.56
CA TYR A 35 0.70 6.19 -8.54
C TYR A 35 2.18 5.86 -8.33
N ASP A 36 3.08 6.62 -8.96
CA ASP A 36 4.48 6.71 -8.54
C ASP A 36 4.62 7.22 -7.09
N GLY A 37 5.77 7.76 -6.67
CA GLY A 37 6.16 8.02 -5.28
C GLY A 37 5.12 8.68 -4.37
N MET A 38 4.15 7.89 -3.92
CA MET A 38 3.14 8.25 -2.94
C MET A 38 3.75 8.46 -1.55
N PHE A 39 4.93 7.88 -1.32
CA PHE A 39 5.48 7.65 0.02
C PHE A 39 6.93 8.13 0.10
N SER A 40 7.43 8.85 -0.91
CA SER A 40 8.81 9.31 -0.90
C SER A 40 8.96 10.24 0.30
N GLY A 41 9.82 9.87 1.24
CA GLY A 41 10.07 10.65 2.46
C GLY A 41 9.35 10.14 3.70
N CYS A 42 8.68 8.98 3.66
CA CYS A 42 8.16 8.32 4.86
C CYS A 42 9.30 7.80 5.75
N THR A 43 10.01 8.68 6.45
CA THR A 43 11.13 8.35 7.33
C THR A 43 10.74 7.47 8.53
N ALA A 44 9.46 7.08 8.65
CA ALA A 44 8.98 6.14 9.64
C ALA A 44 7.79 5.31 9.13
N LEU A 45 7.75 4.84 7.87
CA LEU A 45 6.73 3.87 7.42
C LEU A 45 7.36 2.52 7.14
N GLU A 46 6.91 1.47 7.82
CA GLU A 46 7.44 0.10 7.65
C GLU A 46 6.37 -0.96 7.40
N LYS A 47 5.08 -0.68 7.61
CA LYS A 47 4.01 -1.65 7.39
C LYS A 47 3.04 -1.19 6.30
N LEU A 48 2.27 -2.16 5.82
CA LEU A 48 1.08 -2.00 5.02
C LEU A 48 0.15 -3.17 5.35
N ILE A 49 -1.15 -2.96 5.33
CA ILE A 49 -2.14 -4.04 5.38
C ILE A 49 -3.11 -3.79 4.23
N LEU A 50 -3.46 -4.83 3.46
CA LEU A 50 -4.43 -4.74 2.38
C LEU A 50 -5.68 -5.53 2.76
N THR A 51 -6.81 -4.86 3.00
CA THR A 51 -8.02 -5.51 3.52
C THR A 51 -8.75 -6.36 2.48
N GLY A 52 -8.43 -6.22 1.18
CA GLY A 52 -9.11 -6.91 0.09
C GLY A 52 -8.59 -8.33 -0.06
N GLU A 53 -9.06 -9.05 -1.07
CA GLU A 53 -8.71 -10.46 -1.25
C GLU A 53 -8.21 -10.77 -2.67
N ASP A 54 -8.07 -9.76 -3.54
CA ASP A 54 -7.70 -9.99 -4.93
C ASP A 54 -6.77 -8.88 -5.41
N PRO A 55 -5.77 -9.19 -6.27
CA PRO A 55 -4.88 -8.20 -6.85
C PRO A 55 -5.59 -7.28 -7.84
N SER A 56 -6.64 -7.75 -8.49
CA SER A 56 -7.50 -6.93 -9.33
C SER A 56 -8.43 -6.01 -8.53
N ALA A 57 -8.25 -5.89 -7.21
CA ALA A 57 -8.81 -4.81 -6.41
C ALA A 57 -7.76 -3.75 -6.03
N TYR A 58 -6.53 -3.83 -6.56
CA TYR A 58 -5.40 -2.95 -6.25
C TYR A 58 -4.65 -2.58 -7.54
N SER A 59 -4.74 -1.32 -7.92
CA SER A 59 -4.04 -0.70 -9.04
C SER A 59 -2.56 -0.43 -8.68
N ALA A 60 -1.80 0.07 -9.64
CA ALA A 60 -0.41 0.51 -9.60
C ALA A 60 -0.20 1.31 -10.90
N GLY A 61 0.85 2.11 -10.89
CA GLY A 61 1.37 2.90 -11.97
C GLY A 61 2.65 2.20 -12.39
N ASP A 62 3.78 2.75 -11.96
CA ASP A 62 5.11 2.22 -12.18
C ASP A 62 5.76 1.99 -10.82
N GLY A 63 5.87 3.02 -9.98
CA GLY A 63 6.60 2.98 -8.72
C GLY A 63 5.67 3.08 -7.52
N LEU A 64 4.95 1.99 -7.21
CA LEU A 64 3.96 1.86 -6.12
C LEU A 64 4.50 2.50 -4.83
N ARG A 65 5.79 2.25 -4.57
CA ARG A 65 6.56 2.73 -3.44
C ARG A 65 7.89 3.26 -3.96
N ASP A 66 7.82 4.21 -4.89
CA ASP A 66 8.98 5.01 -5.22
C ASP A 66 9.33 5.83 -3.98
N GLY A 67 10.60 5.80 -3.56
CA GLY A 67 11.11 6.58 -2.43
C GLY A 67 10.77 6.01 -1.05
N ALA A 68 10.19 4.82 -0.98
CA ALA A 68 9.90 4.09 0.27
C ALA A 68 10.34 2.63 0.15
N ASP A 69 10.31 1.91 1.26
CA ASP A 69 10.56 0.48 1.35
C ASP A 69 9.88 -0.04 2.63
N PHE A 70 8.71 -0.68 2.46
CA PHE A 70 7.94 -1.21 3.58
C PHE A 70 7.33 -2.57 3.23
N LEU A 71 6.80 -3.25 4.24
CA LEU A 71 6.26 -4.60 4.16
C LEU A 71 4.78 -4.56 3.74
N ILE A 72 4.34 -5.55 2.97
CA ILE A 72 2.99 -5.77 2.44
C ILE A 72 2.35 -6.99 3.12
N CYS A 73 1.53 -6.80 4.16
CA CYS A 73 0.70 -7.88 4.71
C CYS A 73 -0.62 -8.04 3.94
N VAL A 74 -1.02 -9.27 3.60
CA VAL A 74 -2.22 -9.61 2.83
C VAL A 74 -2.93 -10.82 3.48
N PRO A 75 -4.23 -11.08 3.29
CA PRO A 75 -4.88 -12.19 3.96
C PRO A 75 -4.38 -13.53 3.40
N GLU A 76 -4.36 -14.55 4.27
CA GLU A 76 -3.93 -15.91 3.92
C GLU A 76 -4.72 -16.47 2.73
N GLU A 77 -6.02 -16.13 2.63
CA GLU A 77 -6.94 -16.57 1.61
C GLU A 77 -6.59 -15.98 0.24
N ALA A 78 -5.83 -14.88 0.18
CA ALA A 78 -5.45 -14.19 -1.04
C ALA A 78 -3.94 -14.29 -1.34
N LEU A 79 -3.16 -14.97 -0.48
CA LEU A 79 -1.70 -14.95 -0.58
C LEU A 79 -1.20 -15.54 -1.90
N ASP A 80 -1.91 -16.54 -2.42
CA ASP A 80 -1.57 -17.22 -3.68
C ASP A 80 -2.14 -16.42 -4.85
N ARG A 81 -3.29 -15.77 -4.65
CA ARG A 81 -3.98 -14.89 -5.58
C ARG A 81 -3.04 -13.83 -6.13
N TYR A 82 -2.51 -12.96 -5.26
CA TYR A 82 -1.64 -11.86 -5.66
C TYR A 82 -0.34 -12.40 -6.24
N ARG A 83 0.20 -13.50 -5.70
CA ARG A 83 1.39 -14.12 -6.29
C ARG A 83 1.13 -14.66 -7.71
N ARG A 84 -0.11 -15.00 -8.08
CA ARG A 84 -0.49 -15.41 -9.43
C ARG A 84 -0.81 -14.22 -10.36
N ASP A 85 -0.82 -12.99 -9.87
CA ASP A 85 -1.17 -11.84 -10.71
C ASP A 85 -0.09 -11.56 -11.75
N TYR A 86 -0.46 -11.03 -12.91
CA TYR A 86 0.52 -10.63 -13.92
C TYR A 86 1.40 -9.50 -13.39
N PHE A 87 0.81 -8.49 -12.75
CA PHE A 87 1.51 -7.33 -12.22
C PHE A 87 2.11 -7.67 -10.85
N TRP A 88 1.26 -7.94 -9.84
CA TRP A 88 1.64 -7.96 -8.42
C TRP A 88 2.76 -8.95 -8.05
N GLN A 89 3.09 -9.91 -8.91
CA GLN A 89 4.32 -10.69 -8.81
C GLN A 89 5.55 -9.84 -8.53
N THR A 90 5.68 -8.70 -9.22
CA THR A 90 6.87 -7.86 -9.14
C THR A 90 7.11 -7.27 -7.74
N TYR A 91 6.15 -7.30 -6.81
CA TYR A 91 6.33 -6.88 -5.42
C TYR A 91 6.21 -8.06 -4.45
N ALA A 92 6.26 -9.30 -4.95
CA ALA A 92 6.25 -10.51 -4.13
C ALA A 92 7.54 -10.68 -3.31
N ALA A 93 8.45 -9.71 -3.35
CA ALA A 93 9.55 -9.62 -2.41
C ALA A 93 9.14 -9.08 -1.03
N TRP A 94 7.93 -8.53 -0.88
CA TRP A 94 7.46 -7.95 0.39
C TRP A 94 6.07 -8.46 0.80
N ILE A 95 5.45 -9.36 0.02
CA ILE A 95 4.08 -9.81 0.24
C ILE A 95 4.12 -11.04 1.16
N GLN A 96 3.59 -10.92 2.38
CA GLN A 96 3.47 -12.00 3.38
C GLN A 96 2.08 -11.98 4.03
N PRO A 97 1.65 -13.04 4.73
CA PRO A 97 0.32 -13.10 5.32
C PRO A 97 0.08 -12.05 6.42
N MET A 98 -1.20 -11.83 6.74
CA MET A 98 -1.67 -11.20 7.96
C MET A 98 -1.71 -12.23 9.09
N GLU A 99 -1.97 -11.76 10.30
CA GLU A 99 -2.22 -12.58 11.47
C GLU A 99 -3.56 -12.20 12.12
N GLN A 100 -3.88 -12.76 13.28
CA GLN A 100 -4.96 -12.36 14.17
C GLN A 100 -4.32 -11.97 15.49
N GLY A 1 -0.98 24.23 10.02
CA GLY A 1 -2.21 23.46 9.92
C GLY A 1 -3.15 24.11 8.94
N SER A 2 -3.85 23.32 8.15
CA SER A 2 -4.88 23.76 7.23
C SER A 2 -5.88 22.61 7.05
N HIS A 3 -6.84 22.56 7.99
CA HIS A 3 -7.85 21.53 8.20
C HIS A 3 -7.23 20.19 8.63
N GLU A 4 -8.08 19.25 9.04
CA GLU A 4 -7.65 17.94 9.49
C GLU A 4 -7.06 17.16 8.32
N GLY A 5 -6.16 16.23 8.65
CA GLY A 5 -5.51 15.38 7.66
C GLY A 5 -4.27 14.77 8.27
N GLU A 6 -4.46 13.81 9.16
CA GLU A 6 -3.50 12.73 9.28
C GLU A 6 -3.28 12.11 7.88
N PRO A 7 -2.14 11.44 7.67
CA PRO A 7 -1.95 10.59 6.52
C PRO A 7 -2.86 9.35 6.66
N VAL A 8 -4.09 9.39 6.13
CA VAL A 8 -5.04 8.27 6.17
C VAL A 8 -5.77 8.25 4.83
N VAL A 9 -5.83 7.09 4.18
CA VAL A 9 -6.59 6.91 2.96
C VAL A 9 -8.08 7.17 3.22
N GLY A 10 -8.68 8.11 2.48
CA GLY A 10 -10.12 8.33 2.46
C GLY A 10 -10.49 8.76 1.06
N MET A 11 -10.65 7.79 0.15
CA MET A 11 -10.77 7.93 -1.31
C MET A 11 -9.59 8.63 -1.99
N ASP A 12 -9.30 9.89 -1.64
CA ASP A 12 -8.33 10.71 -2.35
C ASP A 12 -6.93 10.23 -1.97
N LYS A 13 -6.37 9.30 -2.74
CA LYS A 13 -4.97 8.93 -2.56
C LYS A 13 -4.11 10.07 -3.08
N SER A 14 -3.80 11.05 -2.21
CA SER A 14 -2.87 12.14 -2.42
C SER A 14 -2.69 12.92 -1.12
N LEU A 15 -2.33 12.25 -0.02
CA LEU A 15 -2.00 12.87 1.27
C LEU A 15 -1.13 11.91 2.11
N PHE A 16 0.05 11.56 1.61
CA PHE A 16 0.94 10.56 2.24
C PHE A 16 2.37 11.09 2.35
N ALA A 17 2.88 11.71 1.28
CA ALA A 17 4.14 12.42 1.29
C ALA A 17 3.97 13.74 2.07
N GLY A 18 3.94 13.64 3.40
CA GLY A 18 3.94 14.80 4.28
C GLY A 18 4.13 14.46 5.76
N ASN A 19 3.74 13.27 6.23
CA ASN A 19 3.73 12.96 7.67
C ASN A 19 4.66 11.80 8.02
N THR A 20 5.92 12.13 8.28
CA THR A 20 7.12 11.33 8.58
C THR A 20 7.03 10.27 9.70
N VAL A 21 5.85 9.98 10.23
CA VAL A 21 5.61 9.22 11.46
C VAL A 21 4.40 8.29 11.28
N ILE A 22 4.02 8.00 10.03
CA ILE A 22 3.08 6.95 9.67
C ILE A 22 3.94 5.70 9.49
N ARG A 23 3.75 4.73 10.36
CA ARG A 23 4.43 3.43 10.31
C ARG A 23 3.57 2.39 9.61
N GLU A 24 2.27 2.65 9.50
CA GLU A 24 1.30 1.59 9.23
C GLU A 24 0.14 2.12 8.41
N ILE A 25 -0.22 1.34 7.39
CA ILE A 25 -1.09 1.74 6.32
C ILE A 25 -2.00 0.57 5.97
N THR A 26 -3.17 0.47 6.60
CA THR A 26 -4.17 -0.54 6.29
C THR A 26 -5.07 -0.02 5.15
N VAL A 27 -4.68 -0.25 3.90
CA VAL A 27 -5.46 0.12 2.71
C VAL A 27 -6.60 -0.89 2.54
N GLN A 28 -7.59 -0.53 1.72
CA GLN A 28 -8.73 -1.35 1.38
C GLN A 28 -8.85 -1.46 -0.14
N PRO A 29 -9.65 -2.39 -0.68
CA PRO A 29 -9.81 -2.53 -2.12
C PRO A 29 -10.63 -1.37 -2.69
N ASN A 30 -10.32 -1.04 -3.94
CA ASN A 30 -10.92 -0.01 -4.80
C ASN A 30 -11.03 1.33 -4.07
N ILE A 31 -9.87 1.93 -3.75
CA ILE A 31 -9.77 3.19 -3.02
C ILE A 31 -8.59 4.01 -3.53
N GLY A 32 -8.54 4.29 -4.83
CA GLY A 32 -7.60 5.22 -5.42
C GLY A 32 -6.43 4.52 -6.09
N LEU A 33 -5.97 5.10 -7.21
CA LEU A 33 -4.75 4.69 -7.88
C LEU A 33 -3.56 4.91 -6.95
N LEU A 34 -2.62 3.99 -6.98
CA LEU A 34 -1.36 4.07 -6.25
C LEU A 34 -0.28 4.62 -7.19
N TYR A 35 -0.30 5.92 -7.43
CA TYR A 35 0.61 6.56 -8.37
C TYR A 35 2.06 6.55 -7.83
N ASP A 36 3.00 6.76 -8.76
CA ASP A 36 4.43 6.79 -8.55
C ASP A 36 4.83 8.03 -7.75
N GLY A 37 5.32 7.84 -6.53
CA GLY A 37 5.83 8.91 -5.67
C GLY A 37 4.92 9.27 -4.50
N MET A 38 3.80 8.54 -4.31
CA MET A 38 2.90 8.70 -3.15
C MET A 38 3.65 8.73 -1.82
N PHE A 39 4.66 7.87 -1.66
CA PHE A 39 5.27 7.53 -0.38
C PHE A 39 6.71 8.05 -0.29
N SER A 40 7.07 9.00 -1.14
CA SER A 40 8.34 9.70 -1.05
C SER A 40 8.40 10.40 0.31
N GLY A 41 9.42 10.07 1.12
CA GLY A 41 9.71 10.78 2.35
C GLY A 41 8.96 10.26 3.57
N CYS A 42 8.33 9.09 3.49
CA CYS A 42 7.65 8.42 4.59
C CYS A 42 8.68 7.69 5.49
N THR A 43 9.61 8.39 6.13
CA THR A 43 10.81 7.75 6.72
C THR A 43 10.52 6.73 7.84
N ALA A 44 9.32 6.68 8.41
CA ALA A 44 8.94 5.70 9.44
C ALA A 44 8.07 4.56 8.89
N LEU A 45 7.72 4.57 7.61
CA LEU A 45 6.75 3.66 6.99
C LEU A 45 7.41 2.32 6.69
N GLU A 46 7.05 1.29 7.44
CA GLU A 46 7.67 -0.03 7.31
C GLU A 46 6.63 -1.15 7.10
N LYS A 47 5.33 -0.86 7.26
CA LYS A 47 4.24 -1.83 7.13
C LYS A 47 3.07 -1.26 6.33
N LEU A 48 2.44 -2.11 5.52
CA LEU A 48 1.24 -1.87 4.76
C LEU A 48 0.38 -3.13 4.83
N ILE A 49 -0.92 -3.00 4.96
CA ILE A 49 -1.87 -4.10 5.08
C ILE A 49 -3.00 -3.83 4.09
N LEU A 50 -3.65 -4.86 3.56
CA LEU A 50 -4.60 -4.78 2.45
C LEU A 50 -5.86 -5.58 2.78
N THR A 51 -6.98 -4.93 3.09
CA THR A 51 -8.23 -5.60 3.46
C THR A 51 -9.02 -6.06 2.22
N GLY A 52 -8.36 -6.68 1.23
CA GLY A 52 -8.97 -7.10 -0.02
C GLY A 52 -8.37 -8.42 -0.50
N GLU A 53 -9.26 -9.37 -0.83
CA GLU A 53 -9.00 -10.79 -1.01
C GLU A 53 -8.53 -11.14 -2.43
N ASP A 54 -8.36 -10.17 -3.32
CA ASP A 54 -7.88 -10.39 -4.69
C ASP A 54 -6.92 -9.26 -5.06
N PRO A 55 -5.85 -9.52 -5.82
CA PRO A 55 -4.93 -8.46 -6.22
C PRO A 55 -5.57 -7.45 -7.15
N SER A 56 -6.50 -7.88 -8.02
CA SER A 56 -7.13 -7.05 -9.04
C SER A 56 -7.93 -5.89 -8.44
N ALA A 57 -8.31 -6.02 -7.17
CA ALA A 57 -9.07 -5.02 -6.41
C ALA A 57 -8.26 -3.74 -6.09
N TYR A 58 -7.08 -3.56 -6.69
CA TYR A 58 -6.15 -2.47 -6.46
C TYR A 58 -5.49 -2.06 -7.79
N SER A 59 -4.55 -1.11 -7.73
CA SER A 59 -3.74 -0.67 -8.85
C SER A 59 -2.34 -0.29 -8.32
N ALA A 60 -1.47 0.20 -9.20
CA ALA A 60 -0.20 0.86 -8.95
C ALA A 60 0.28 1.47 -10.27
N GLY A 61 1.10 2.53 -10.20
CA GLY A 61 2.09 2.81 -11.23
C GLY A 61 3.23 1.80 -11.10
N ASP A 62 4.30 2.02 -11.85
CA ASP A 62 5.46 1.14 -11.81
C ASP A 62 6.15 1.28 -10.44
N GLY A 63 6.44 2.52 -10.03
CA GLY A 63 7.07 2.83 -8.74
C GLY A 63 6.05 2.89 -7.60
N LEU A 64 5.31 1.79 -7.36
CA LEU A 64 4.28 1.64 -6.33
C LEU A 64 4.74 2.21 -4.97
N ARG A 65 6.02 2.09 -4.61
CA ARG A 65 6.51 2.65 -3.34
C ARG A 65 7.78 3.45 -3.52
N ASP A 66 7.99 4.08 -4.68
CA ASP A 66 9.17 4.90 -4.90
C ASP A 66 9.37 5.89 -3.74
N GLY A 67 10.62 6.00 -3.27
CA GLY A 67 11.00 6.85 -2.16
C GLY A 67 10.97 6.11 -0.82
N ALA A 68 10.27 4.97 -0.73
CA ALA A 68 10.25 4.09 0.43
C ALA A 68 10.51 2.66 -0.04
N ASP A 69 10.50 1.71 0.89
CA ASP A 69 10.47 0.28 0.57
C ASP A 69 9.98 -0.45 1.81
N PHE A 70 8.73 -0.91 1.81
CA PHE A 70 8.05 -1.42 3.00
C PHE A 70 7.33 -2.74 2.71
N LEU A 71 6.89 -3.42 3.78
CA LEU A 71 6.25 -4.72 3.70
C LEU A 71 4.75 -4.61 3.45
N ILE A 72 4.19 -5.56 2.70
CA ILE A 72 2.78 -5.74 2.39
C ILE A 72 2.23 -6.94 3.19
N CYS A 73 0.99 -6.85 3.65
CA CYS A 73 0.24 -7.94 4.29
C CYS A 73 -1.11 -8.09 3.58
N VAL A 74 -1.56 -9.33 3.33
CA VAL A 74 -2.83 -9.69 2.68
C VAL A 74 -3.47 -10.85 3.47
N PRO A 75 -4.77 -11.19 3.30
CA PRO A 75 -5.28 -12.41 3.92
C PRO A 75 -4.62 -13.63 3.27
N GLU A 76 -4.41 -14.70 4.03
CA GLU A 76 -3.87 -15.97 3.53
C GLU A 76 -4.61 -16.48 2.28
N GLU A 77 -5.91 -16.24 2.21
CA GLU A 77 -6.80 -16.73 1.18
C GLU A 77 -6.43 -16.14 -0.18
N ALA A 78 -5.83 -14.95 -0.18
CA ALA A 78 -5.38 -14.23 -1.37
C ALA A 78 -3.86 -14.37 -1.58
N LEU A 79 -3.12 -15.00 -0.67
CA LEU A 79 -1.66 -14.96 -0.69
C LEU A 79 -1.08 -15.45 -2.01
N ASP A 80 -1.47 -16.66 -2.43
CA ASP A 80 -1.02 -17.26 -3.68
C ASP A 80 -1.55 -16.47 -4.88
N ARG A 81 -2.76 -15.90 -4.75
CA ARG A 81 -3.43 -15.09 -5.76
C ARG A 81 -2.62 -13.85 -6.12
N TYR A 82 -2.22 -13.06 -5.11
CA TYR A 82 -1.33 -11.92 -5.30
C TYR A 82 0.00 -12.38 -5.91
N ARG A 83 0.53 -13.52 -5.47
CA ARG A 83 1.80 -14.03 -5.98
C ARG A 83 1.72 -14.55 -7.42
N ARG A 84 0.53 -14.82 -7.97
CA ARG A 84 0.33 -15.26 -9.35
C ARG A 84 -0.11 -14.13 -10.27
N ASP A 85 -0.17 -12.89 -9.77
CA ASP A 85 -0.60 -11.70 -10.50
C ASP A 85 0.28 -11.37 -11.71
N TYR A 86 -0.03 -10.33 -12.48
CA TYR A 86 0.79 -9.89 -13.60
C TYR A 86 1.72 -8.73 -13.22
N PHE A 87 1.45 -7.99 -12.16
CA PHE A 87 2.31 -6.93 -11.65
C PHE A 87 2.89 -7.29 -10.30
N TRP A 88 2.06 -7.66 -9.31
CA TRP A 88 2.49 -7.87 -7.93
C TRP A 88 3.58 -8.94 -7.77
N GLN A 89 3.82 -9.78 -8.78
CA GLN A 89 4.95 -10.70 -8.89
C GLN A 89 6.31 -10.10 -8.55
N THR A 90 6.64 -8.89 -9.03
CA THR A 90 7.95 -8.32 -8.80
C THR A 90 8.09 -7.99 -7.31
N TYR A 91 7.04 -7.40 -6.75
CA TYR A 91 6.90 -7.03 -5.36
C TYR A 91 6.59 -8.23 -4.45
N ALA A 92 6.61 -9.48 -4.95
CA ALA A 92 6.22 -10.65 -4.18
C ALA A 92 7.15 -10.88 -3.01
N ALA A 93 8.37 -10.33 -3.07
CA ALA A 93 9.34 -10.40 -1.99
C ALA A 93 8.90 -9.70 -0.71
N TRP A 94 7.80 -8.93 -0.75
CA TRP A 94 7.25 -8.22 0.40
C TRP A 94 5.82 -8.67 0.70
N ILE A 95 5.28 -9.68 -0.01
CA ILE A 95 3.89 -10.09 0.09
C ILE A 95 3.82 -11.28 1.06
N GLN A 96 3.41 -11.01 2.31
CA GLN A 96 3.14 -12.05 3.31
C GLN A 96 1.67 -12.01 3.80
N PRO A 97 1.20 -13.08 4.49
CA PRO A 97 -0.13 -13.14 5.06
C PRO A 97 -0.28 -12.23 6.30
N MET A 98 -1.53 -12.06 6.74
CA MET A 98 -1.95 -11.41 7.98
C MET A 98 -1.92 -12.37 9.17
N GLU A 99 -2.06 -11.84 10.39
CA GLU A 99 -2.38 -12.56 11.62
C GLU A 99 -3.91 -12.69 11.72
N GLN A 100 -4.40 -13.45 12.70
CA GLN A 100 -5.80 -13.73 12.91
C GLN A 100 -6.23 -13.45 14.35
N GLY A 1 3.04 24.22 4.30
CA GLY A 1 1.66 23.75 4.25
C GLY A 1 0.84 24.28 5.42
N SER A 2 -0.45 23.97 5.45
CA SER A 2 -1.35 24.23 6.57
C SER A 2 -2.54 23.29 6.45
N HIS A 3 -3.08 22.83 7.58
CA HIS A 3 -4.11 21.80 7.73
C HIS A 3 -3.82 20.59 6.83
N GLU A 4 -2.95 19.70 7.28
CA GLU A 4 -2.72 18.42 6.64
C GLU A 4 -2.33 17.40 7.72
N GLY A 5 -1.81 16.22 7.36
CA GLY A 5 -1.20 15.33 8.35
C GLY A 5 -2.13 14.22 8.80
N GLU A 6 -3.14 13.87 8.00
CA GLU A 6 -3.87 12.63 8.14
C GLU A 6 -3.46 11.72 6.98
N PRO A 7 -2.32 11.02 7.08
CA PRO A 7 -1.86 10.05 6.08
C PRO A 7 -2.69 8.77 6.15
N VAL A 8 -3.98 8.85 5.86
CA VAL A 8 -4.95 7.79 6.12
C VAL A 8 -5.63 7.37 4.83
N VAL A 9 -6.09 6.13 4.74
CA VAL A 9 -6.75 5.60 3.56
C VAL A 9 -8.27 5.80 3.75
N GLY A 10 -8.65 7.08 3.86
CA GLY A 10 -10.03 7.52 3.80
C GLY A 10 -10.58 7.28 2.40
N MET A 11 -10.32 8.21 1.47
CA MET A 11 -10.77 8.10 0.08
C MET A 11 -9.76 8.56 -0.97
N ASP A 12 -8.95 9.61 -0.70
CA ASP A 12 -8.07 10.22 -1.72
C ASP A 12 -6.64 9.69 -1.61
N LYS A 13 -6.04 9.26 -2.72
CA LYS A 13 -4.60 9.02 -2.80
C LYS A 13 -3.91 10.27 -3.27
N SER A 14 -3.44 11.06 -2.31
CA SER A 14 -2.63 12.25 -2.53
C SER A 14 -1.91 12.59 -1.21
N LEU A 15 -2.66 12.70 -0.12
CA LEU A 15 -2.26 13.18 1.22
C LEU A 15 -1.20 12.34 1.98
N PHE A 16 -0.58 11.33 1.37
CA PHE A 16 0.36 10.40 2.01
C PHE A 16 1.81 10.88 1.99
N ALA A 17 2.12 12.02 1.39
CA ALA A 17 3.47 12.56 1.35
C ALA A 17 3.59 13.75 2.31
N GLY A 18 3.88 13.47 3.58
CA GLY A 18 4.28 14.48 4.53
C GLY A 18 4.52 13.96 5.95
N ASN A 19 3.88 12.86 6.40
CA ASN A 19 4.06 12.42 7.78
C ASN A 19 5.16 11.35 7.85
N THR A 20 6.36 11.74 8.23
CA THR A 20 7.59 10.95 8.33
C THR A 20 7.57 9.86 9.43
N VAL A 21 6.39 9.42 9.90
CA VAL A 21 6.22 8.74 11.19
C VAL A 21 5.15 7.64 11.12
N ILE A 22 4.56 7.36 9.95
CA ILE A 22 3.47 6.41 9.77
C ILE A 22 4.09 5.06 9.47
N ARG A 23 4.10 4.18 10.47
CA ARG A 23 4.69 2.85 10.32
C ARG A 23 3.71 1.87 9.69
N GLU A 24 2.41 2.19 9.63
CA GLU A 24 1.38 1.24 9.20
C GLU A 24 0.36 1.95 8.33
N ILE A 25 0.04 1.39 7.16
CA ILE A 25 -0.93 1.93 6.22
C ILE A 25 -1.89 0.80 5.84
N THR A 26 -3.04 0.75 6.50
CA THR A 26 -4.12 -0.17 6.12
C THR A 26 -4.89 0.42 4.92
N VAL A 27 -4.85 -0.23 3.76
CA VAL A 27 -5.44 0.22 2.49
C VAL A 27 -6.58 -0.71 2.08
N GLN A 28 -7.77 -0.15 1.84
CA GLN A 28 -8.88 -0.89 1.23
C GLN A 28 -8.76 -1.01 -0.29
N PRO A 29 -9.52 -1.91 -0.92
CA PRO A 29 -9.58 -2.00 -2.37
C PRO A 29 -10.42 -0.85 -2.90
N ASN A 30 -10.28 -0.57 -4.20
CA ASN A 30 -10.97 0.50 -4.91
C ASN A 30 -10.94 1.82 -4.14
N ILE A 31 -9.75 2.30 -3.73
CA ILE A 31 -9.60 3.51 -2.93
C ILE A 31 -8.48 4.44 -3.43
N GLY A 32 -8.09 4.32 -4.70
CA GLY A 32 -7.27 5.30 -5.40
C GLY A 32 -6.14 4.62 -6.18
N LEU A 33 -5.58 5.34 -7.16
CA LEU A 33 -4.43 4.84 -7.90
C LEU A 33 -3.22 4.90 -6.98
N LEU A 34 -2.48 3.80 -6.87
CA LEU A 34 -1.14 3.77 -6.33
C LEU A 34 -0.22 4.11 -7.50
N TYR A 35 0.03 5.40 -7.73
CA TYR A 35 0.97 5.86 -8.76
C TYR A 35 2.41 5.63 -8.29
N ASP A 36 3.39 6.24 -8.96
CA ASP A 36 4.73 6.46 -8.44
C ASP A 36 4.73 7.63 -7.46
N GLY A 37 5.58 7.60 -6.44
CA GLY A 37 5.92 8.75 -5.62
C GLY A 37 4.94 9.11 -4.50
N MET A 38 3.86 8.35 -4.28
CA MET A 38 2.85 8.62 -3.25
C MET A 38 3.52 8.69 -1.87
N PHE A 39 4.54 7.85 -1.68
CA PHE A 39 5.23 7.62 -0.40
C PHE A 39 6.61 8.27 -0.39
N SER A 40 6.85 9.21 -1.30
CA SER A 40 8.02 10.07 -1.27
C SER A 40 7.98 10.78 0.08
N GLY A 41 8.92 10.44 0.97
CA GLY A 41 9.05 11.03 2.29
C GLY A 41 8.51 10.17 3.43
N CYS A 42 8.01 8.96 3.19
CA CYS A 42 7.58 8.06 4.26
C CYS A 42 8.80 7.37 4.89
N THR A 43 9.65 8.14 5.55
CA THR A 43 10.95 7.74 6.10
C THR A 43 10.85 6.73 7.24
N ALA A 44 9.63 6.40 7.71
CA ALA A 44 9.40 5.45 8.79
C ALA A 44 8.27 4.49 8.43
N LEU A 45 8.02 4.24 7.14
CA LEU A 45 7.08 3.20 6.72
C LEU A 45 7.73 1.85 7.03
N GLU A 46 6.97 0.91 7.62
CA GLU A 46 7.49 -0.41 7.95
C GLU A 46 6.47 -1.50 7.61
N LYS A 47 5.17 -1.19 7.55
CA LYS A 47 4.06 -2.11 7.35
C LYS A 47 2.96 -1.46 6.52
N LEU A 48 2.17 -2.29 5.85
CA LEU A 48 1.00 -1.96 5.07
C LEU A 48 0.11 -3.20 5.13
N ILE A 49 -1.21 -3.01 5.10
CA ILE A 49 -2.21 -4.07 5.16
C ILE A 49 -3.20 -3.83 4.00
N LEU A 50 -3.71 -4.90 3.35
CA LEU A 50 -4.67 -4.78 2.24
C LEU A 50 -5.96 -5.54 2.58
N THR A 51 -7.08 -4.84 2.69
CA THR A 51 -8.37 -5.43 3.07
C THR A 51 -9.17 -6.00 1.87
N GLY A 52 -8.60 -5.98 0.65
CA GLY A 52 -9.21 -6.58 -0.53
C GLY A 52 -8.69 -7.99 -0.75
N GLU A 53 -9.41 -8.77 -1.55
CA GLU A 53 -9.24 -10.22 -1.63
C GLU A 53 -8.64 -10.70 -2.95
N ASP A 54 -8.28 -9.78 -3.84
CA ASP A 54 -7.71 -10.08 -5.16
C ASP A 54 -6.82 -8.92 -5.61
N PRO A 55 -5.72 -9.18 -6.31
CA PRO A 55 -4.84 -8.13 -6.84
C PRO A 55 -5.51 -7.26 -7.88
N SER A 56 -6.56 -7.73 -8.55
CA SER A 56 -7.37 -6.90 -9.46
C SER A 56 -8.02 -5.71 -8.74
N ALA A 57 -8.22 -5.82 -7.42
CA ALA A 57 -8.96 -4.83 -6.62
C ALA A 57 -8.10 -3.61 -6.24
N TYR A 58 -6.86 -3.53 -6.74
CA TYR A 58 -5.85 -2.54 -6.43
C TYR A 58 -5.18 -2.05 -7.71
N SER A 59 -4.37 -0.99 -7.61
CA SER A 59 -3.45 -0.53 -8.65
C SER A 59 -2.03 -0.52 -8.09
N ALA A 60 -1.06 -0.07 -8.89
CA ALA A 60 0.35 0.12 -8.51
C ALA A 60 1.24 0.54 -9.69
N GLY A 61 0.73 0.34 -10.90
CA GLY A 61 1.33 0.61 -12.19
C GLY A 61 2.77 0.10 -12.25
N ASP A 62 3.73 0.97 -12.01
CA ASP A 62 5.15 0.69 -12.07
C ASP A 62 5.90 1.46 -10.97
N GLY A 63 5.17 2.01 -9.99
CA GLY A 63 5.70 2.95 -9.01
C GLY A 63 5.22 2.74 -7.58
N LEU A 64 4.60 1.60 -7.22
CA LEU A 64 3.85 1.46 -5.96
C LEU A 64 4.61 2.05 -4.77
N ARG A 65 5.87 1.66 -4.60
CA ARG A 65 6.65 2.00 -3.40
C ARG A 65 7.35 3.35 -3.46
N ASP A 66 7.34 4.04 -4.61
CA ASP A 66 8.41 4.98 -4.96
C ASP A 66 8.59 6.04 -3.88
N GLY A 67 9.80 6.04 -3.30
CA GLY A 67 10.22 6.95 -2.24
C GLY A 67 10.36 6.28 -0.86
N ALA A 68 9.91 5.03 -0.69
CA ALA A 68 9.85 4.32 0.59
C ALA A 68 10.55 2.95 0.57
N ASP A 69 10.40 2.24 1.69
CA ASP A 69 10.70 0.84 1.99
C ASP A 69 9.68 0.48 3.07
N PHE A 70 8.78 -0.43 2.80
CA PHE A 70 7.81 -0.97 3.76
C PHE A 70 7.49 -2.44 3.45
N LEU A 71 6.56 -3.07 4.17
CA LEU A 71 6.18 -4.48 4.00
C LEU A 71 4.66 -4.59 3.82
N ILE A 72 4.18 -5.57 3.07
CA ILE A 72 2.79 -5.78 2.67
C ILE A 72 2.27 -7.03 3.40
N CYS A 73 1.04 -6.96 3.95
CA CYS A 73 0.30 -8.06 4.57
C CYS A 73 -1.07 -8.25 3.88
N VAL A 74 -1.36 -9.45 3.36
CA VAL A 74 -2.62 -9.79 2.68
C VAL A 74 -3.21 -11.00 3.40
N PRO A 75 -4.52 -11.29 3.31
CA PRO A 75 -5.10 -12.43 4.00
C PRO A 75 -4.57 -13.70 3.34
N GLU A 76 -4.51 -14.79 4.08
CA GLU A 76 -3.96 -16.04 3.54
C GLU A 76 -4.77 -16.57 2.35
N GLU A 77 -6.10 -16.35 2.34
CA GLU A 77 -6.97 -16.81 1.26
C GLU A 77 -6.65 -16.06 -0.04
N ALA A 78 -6.14 -14.83 0.03
CA ALA A 78 -5.68 -14.08 -1.13
C ALA A 78 -4.17 -14.29 -1.39
N LEU A 79 -3.41 -14.95 -0.52
CA LEU A 79 -1.94 -14.82 -0.54
C LEU A 79 -1.36 -15.33 -1.86
N ASP A 80 -1.66 -16.58 -2.23
CA ASP A 80 -1.26 -17.13 -3.54
C ASP A 80 -1.97 -16.40 -4.68
N ARG A 81 -3.18 -15.91 -4.42
CA ARG A 81 -3.96 -15.11 -5.35
C ARG A 81 -3.24 -13.82 -5.77
N TYR A 82 -2.41 -13.22 -4.91
CA TYR A 82 -1.47 -12.18 -5.30
C TYR A 82 -0.24 -12.79 -5.99
N ARG A 83 0.30 -13.92 -5.50
CA ARG A 83 1.52 -14.52 -6.07
C ARG A 83 1.33 -15.04 -7.49
N ARG A 84 0.12 -15.42 -7.88
CA ARG A 84 -0.19 -15.80 -9.24
C ARG A 84 -0.34 -14.57 -10.15
N ASP A 85 -0.23 -13.35 -9.66
CA ASP A 85 -0.38 -12.17 -10.51
C ASP A 85 0.93 -11.93 -11.22
N TYR A 86 0.89 -11.77 -12.54
CA TYR A 86 2.08 -11.51 -13.32
C TYR A 86 2.72 -10.19 -12.91
N PHE A 87 1.94 -9.15 -12.63
CA PHE A 87 2.47 -7.88 -12.15
C PHE A 87 2.99 -8.01 -10.73
N TRP A 88 2.13 -8.35 -9.76
CA TRP A 88 2.52 -8.40 -8.34
C TRP A 88 3.68 -9.37 -8.06
N GLN A 89 4.09 -10.19 -9.04
CA GLN A 89 5.38 -10.89 -9.04
C GLN A 89 6.53 -9.99 -8.58
N THR A 90 6.60 -8.79 -9.14
CA THR A 90 7.72 -7.88 -8.93
C THR A 90 7.85 -7.49 -7.44
N TYR A 91 6.81 -7.70 -6.64
CA TYR A 91 6.70 -7.36 -5.23
C TYR A 91 6.63 -8.58 -4.30
N ALA A 92 6.76 -9.82 -4.81
CA ALA A 92 6.51 -11.02 -4.03
C ALA A 92 7.45 -11.10 -2.82
N ALA A 93 8.63 -10.45 -2.89
CA ALA A 93 9.61 -10.45 -1.82
C ALA A 93 9.18 -9.69 -0.57
N TRP A 94 8.12 -8.87 -0.62
CA TRP A 94 7.65 -8.06 0.51
C TRP A 94 6.19 -8.36 0.86
N ILE A 95 5.66 -9.49 0.37
CA ILE A 95 4.29 -9.93 0.57
C ILE A 95 4.32 -11.04 1.63
N GLN A 96 3.58 -10.85 2.72
CA GLN A 96 3.35 -11.82 3.79
C GLN A 96 1.84 -11.95 4.11
N PRO A 97 1.41 -12.99 4.85
CA PRO A 97 0.06 -13.09 5.39
C PRO A 97 -0.25 -11.97 6.40
N MET A 98 -1.50 -11.91 6.86
CA MET A 98 -1.97 -11.08 7.96
C MET A 98 -2.02 -11.86 9.28
N GLU A 99 -2.24 -11.14 10.38
CA GLU A 99 -2.67 -11.71 11.65
C GLU A 99 -4.21 -11.73 11.73
N GLN A 100 -4.72 -12.32 12.82
CA GLN A 100 -6.06 -12.85 13.05
C GLN A 100 -6.19 -14.16 12.29
N GLY A 1 4.49 25.15 4.10
CA GLY A 1 3.32 25.17 3.20
C GLY A 1 2.18 24.46 3.89
N SER A 2 0.95 24.99 3.85
CA SER A 2 -0.21 24.39 4.49
C SER A 2 -0.46 22.96 3.98
N HIS A 3 -1.00 22.10 4.84
CA HIS A 3 -1.40 20.72 4.62
C HIS A 3 -1.88 20.13 5.93
N GLU A 4 -2.66 19.06 5.83
CA GLU A 4 -3.26 18.43 6.98
C GLU A 4 -2.36 17.30 7.51
N GLY A 5 -2.62 16.85 8.74
CA GLY A 5 -1.78 15.95 9.50
C GLY A 5 -2.40 14.57 9.75
N GLU A 6 -3.44 14.17 9.01
CA GLU A 6 -4.03 12.85 9.05
C GLU A 6 -3.50 12.04 7.85
N PRO A 7 -2.34 11.36 7.94
CA PRO A 7 -1.82 10.49 6.91
C PRO A 7 -2.64 9.20 6.89
N VAL A 8 -3.83 9.21 6.28
CA VAL A 8 -4.68 8.04 6.11
C VAL A 8 -5.35 8.12 4.75
N VAL A 9 -5.72 6.97 4.21
CA VAL A 9 -6.62 6.86 3.08
C VAL A 9 -8.03 7.29 3.51
N GLY A 10 -8.83 7.75 2.55
CA GLY A 10 -10.23 8.10 2.72
C GLY A 10 -10.87 7.98 1.35
N MET A 11 -10.54 8.89 0.44
CA MET A 11 -10.87 8.84 -0.97
C MET A 11 -9.75 9.46 -1.79
N ASP A 12 -9.35 10.69 -1.43
CA ASP A 12 -8.46 11.51 -2.23
C ASP A 12 -7.01 11.15 -1.93
N LYS A 13 -6.30 10.59 -2.91
CA LYS A 13 -5.00 9.96 -2.68
C LYS A 13 -3.83 10.91 -2.47
N SER A 14 -4.06 12.20 -2.35
CA SER A 14 -2.99 13.17 -2.26
C SER A 14 -2.44 13.42 -0.85
N LEU A 15 -2.89 12.66 0.15
CA LEU A 15 -2.80 13.03 1.56
C LEU A 15 -1.71 12.30 2.35
N PHE A 16 -0.87 11.48 1.69
CA PHE A 16 -0.02 10.52 2.38
C PHE A 16 1.27 11.18 2.81
N ALA A 17 2.01 11.73 1.84
CA ALA A 17 3.36 12.25 1.92
C ALA A 17 3.40 13.52 2.79
N GLY A 18 3.51 13.36 4.09
CA GLY A 18 3.67 14.44 5.04
C GLY A 18 4.02 13.96 6.44
N ASN A 19 3.83 12.67 6.77
CA ASN A 19 4.24 12.10 8.06
C ASN A 19 5.39 11.09 7.87
N THR A 20 6.59 11.35 8.39
CA THR A 20 7.74 10.44 8.28
C THR A 20 7.64 9.19 9.16
N VAL A 21 6.59 9.01 9.96
CA VAL A 21 6.58 8.23 11.22
C VAL A 21 5.48 7.18 11.21
N ILE A 22 4.60 7.22 10.21
CA ILE A 22 3.54 6.27 9.93
C ILE A 22 4.18 4.94 9.56
N ARG A 23 4.25 4.02 10.51
CA ARG A 23 4.81 2.71 10.22
C ARG A 23 3.76 1.76 9.66
N GLU A 24 2.48 2.13 9.67
CA GLU A 24 1.37 1.24 9.29
C GLU A 24 0.33 2.04 8.53
N ILE A 25 -0.17 1.49 7.42
CA ILE A 25 -1.33 1.99 6.69
C ILE A 25 -2.22 0.77 6.43
N THR A 26 -3.47 0.79 6.88
CA THR A 26 -4.48 -0.12 6.33
C THR A 26 -5.02 0.53 5.05
N VAL A 27 -5.30 -0.26 4.00
CA VAL A 27 -5.89 0.21 2.75
C VAL A 27 -6.93 -0.80 2.30
N GLN A 28 -8.01 -0.31 1.72
CA GLN A 28 -9.05 -1.11 1.10
C GLN A 28 -8.78 -1.28 -0.40
N PRO A 29 -9.44 -2.25 -1.06
CA PRO A 29 -9.44 -2.35 -2.50
C PRO A 29 -10.24 -1.19 -3.11
N ASN A 30 -10.15 -1.05 -4.45
CA ASN A 30 -10.96 -0.17 -5.28
C ASN A 30 -11.04 1.28 -4.77
N ILE A 31 -9.95 1.81 -4.18
CA ILE A 31 -9.97 3.10 -3.47
C ILE A 31 -8.82 4.02 -3.90
N GLY A 32 -8.81 4.40 -5.16
CA GLY A 32 -7.91 5.41 -5.72
C GLY A 32 -6.58 4.81 -6.15
N LEU A 33 -5.88 5.52 -7.03
CA LEU A 33 -4.65 5.08 -7.67
C LEU A 33 -3.50 4.93 -6.65
N LEU A 34 -2.39 4.32 -7.06
CA LEU A 34 -1.14 4.27 -6.31
C LEU A 34 -0.04 4.61 -7.31
N TYR A 35 0.23 5.90 -7.54
CA TYR A 35 1.18 6.32 -8.56
C TYR A 35 2.61 6.29 -8.01
N ASP A 36 3.60 6.29 -8.90
CA ASP A 36 5.01 6.36 -8.50
C ASP A 36 5.26 7.68 -7.79
N GLY A 37 5.81 7.61 -6.58
CA GLY A 37 6.14 8.79 -5.78
C GLY A 37 5.01 9.27 -4.86
N MET A 38 3.92 8.51 -4.67
CA MET A 38 2.87 8.82 -3.70
C MET A 38 3.40 8.83 -2.25
N PHE A 39 4.39 7.99 -1.94
CA PHE A 39 4.96 7.80 -0.60
C PHE A 39 6.35 8.42 -0.51
N SER A 40 6.60 9.48 -1.29
CA SER A 40 7.91 10.09 -1.43
C SER A 40 8.30 10.71 -0.08
N GLY A 41 9.18 10.04 0.67
CA GLY A 41 9.63 10.49 1.98
C GLY A 41 8.87 9.83 3.15
N CYS A 42 8.10 8.76 2.92
CA CYS A 42 7.47 7.98 4.00
C CYS A 42 8.52 7.09 4.67
N THR A 43 9.54 7.70 5.30
CA THR A 43 10.81 7.07 5.59
C THR A 43 10.78 6.03 6.73
N ALA A 44 9.70 5.95 7.52
CA ALA A 44 9.54 4.92 8.55
C ALA A 44 8.38 3.97 8.21
N LEU A 45 7.86 3.99 6.98
CA LEU A 45 6.80 3.07 6.57
C LEU A 45 7.33 1.66 6.60
N GLU A 46 6.76 0.79 7.44
CA GLU A 46 7.24 -0.57 7.62
C GLU A 46 6.14 -1.62 7.45
N LYS A 47 4.87 -1.22 7.33
CA LYS A 47 3.75 -2.09 7.11
C LYS A 47 2.65 -1.44 6.30
N LEU A 48 1.95 -2.26 5.52
CA LEU A 48 0.92 -1.85 4.60
C LEU A 48 -0.05 -2.99 4.47
N ILE A 49 -1.17 -2.86 5.17
CA ILE A 49 -2.16 -3.90 5.26
C ILE A 49 -3.20 -3.64 4.19
N LEU A 50 -3.65 -4.69 3.51
CA LEU A 50 -4.58 -4.59 2.40
C LEU A 50 -5.80 -5.45 2.70
N THR A 51 -7.01 -4.91 2.56
CA THR A 51 -8.24 -5.54 3.01
C THR A 51 -9.15 -5.92 1.83
N GLY A 52 -8.54 -6.34 0.71
CA GLY A 52 -9.23 -6.83 -0.47
C GLY A 52 -8.58 -8.11 -0.92
N GLU A 53 -9.40 -9.08 -1.34
CA GLU A 53 -8.99 -10.47 -1.46
C GLU A 53 -8.22 -10.78 -2.76
N ASP A 54 -7.91 -9.77 -3.60
CA ASP A 54 -7.48 -9.99 -4.97
C ASP A 54 -6.57 -8.82 -5.41
N PRO A 55 -5.54 -9.05 -6.23
CA PRO A 55 -4.61 -8.01 -6.66
C PRO A 55 -5.21 -7.05 -7.68
N SER A 56 -6.03 -7.52 -8.62
CA SER A 56 -6.59 -6.70 -9.67
C SER A 56 -7.71 -5.78 -9.15
N ALA A 57 -8.14 -5.94 -7.90
CA ALA A 57 -8.95 -4.97 -7.18
C ALA A 57 -8.13 -3.77 -6.69
N TYR A 58 -6.80 -3.83 -6.74
CA TYR A 58 -5.93 -2.72 -6.37
C TYR A 58 -5.49 -1.94 -7.59
N SER A 59 -4.82 -0.84 -7.30
CA SER A 59 -4.08 0.03 -8.18
C SER A 59 -2.59 -0.29 -7.98
N ALA A 60 -1.73 0.61 -8.45
CA ALA A 60 -0.28 0.54 -8.62
C ALA A 60 0.06 -0.29 -9.85
N GLY A 61 1.11 0.15 -10.54
CA GLY A 61 1.71 -0.64 -11.60
C GLY A 61 3.02 -0.06 -12.12
N ASP A 62 3.13 1.26 -12.08
CA ASP A 62 4.32 2.04 -12.34
C ASP A 62 5.38 1.75 -11.29
N GLY A 63 5.01 1.72 -10.00
CA GLY A 63 5.98 1.82 -8.94
C GLY A 63 5.33 2.18 -7.61
N LEU A 64 4.59 1.24 -6.99
CA LEU A 64 3.82 1.49 -5.78
C LEU A 64 4.64 2.28 -4.77
N ARG A 65 5.74 1.69 -4.30
CA ARG A 65 6.39 2.21 -3.12
C ARG A 65 7.28 3.40 -3.42
N ASP A 66 7.52 3.70 -4.71
CA ASP A 66 8.66 4.47 -5.17
C ASP A 66 8.87 5.70 -4.30
N GLY A 67 9.98 5.72 -3.55
CA GLY A 67 10.27 6.76 -2.57
C GLY A 67 10.21 6.29 -1.11
N ALA A 68 9.81 5.04 -0.84
CA ALA A 68 9.93 4.36 0.45
C ALA A 68 10.09 2.84 0.25
N ASP A 69 10.35 2.10 1.33
CA ASP A 69 10.49 0.63 1.32
C ASP A 69 9.82 0.06 2.57
N PHE A 70 8.50 -0.08 2.48
CA PHE A 70 7.64 -0.67 3.52
C PHE A 70 7.43 -2.14 3.21
N LEU A 71 6.61 -2.84 4.01
CA LEU A 71 6.29 -4.26 3.85
C LEU A 71 4.79 -4.38 3.67
N ILE A 72 4.28 -5.46 3.09
CA ILE A 72 2.86 -5.65 2.74
C ILE A 72 2.33 -6.86 3.51
N CYS A 73 1.11 -6.76 4.03
CA CYS A 73 0.35 -7.87 4.58
C CYS A 73 -0.99 -8.01 3.87
N VAL A 74 -1.33 -9.25 3.53
CA VAL A 74 -2.58 -9.64 2.86
C VAL A 74 -3.09 -10.91 3.56
N PRO A 75 -4.40 -11.24 3.55
CA PRO A 75 -4.88 -12.45 4.22
C PRO A 75 -4.36 -13.68 3.47
N GLU A 76 -4.22 -14.82 4.15
CA GLU A 76 -3.70 -16.04 3.52
C GLU A 76 -4.52 -16.48 2.31
N GLU A 77 -5.82 -16.20 2.32
CA GLU A 77 -6.75 -16.54 1.25
C GLU A 77 -6.44 -15.73 -0.02
N ALA A 78 -5.90 -14.52 0.12
CA ALA A 78 -5.50 -13.67 -0.98
C ALA A 78 -3.99 -13.77 -1.25
N LEU A 79 -3.21 -14.40 -0.36
CA LEU A 79 -1.76 -14.39 -0.44
C LEU A 79 -1.28 -14.94 -1.78
N ASP A 80 -1.75 -16.13 -2.15
CA ASP A 80 -1.39 -16.75 -3.42
C ASP A 80 -1.89 -15.93 -4.63
N ARG A 81 -2.98 -15.18 -4.44
CA ARG A 81 -3.56 -14.30 -5.43
C ARG A 81 -2.53 -13.24 -5.85
N TYR A 82 -2.01 -12.43 -4.92
CA TYR A 82 -1.01 -11.41 -5.26
C TYR A 82 0.28 -12.07 -5.80
N ARG A 83 0.59 -13.31 -5.41
CA ARG A 83 1.76 -14.05 -5.90
C ARG A 83 1.63 -14.55 -7.34
N ARG A 84 0.43 -14.60 -7.92
CA ARG A 84 0.25 -15.04 -9.31
C ARG A 84 0.00 -13.89 -10.28
N ASP A 85 -0.22 -12.69 -9.76
CA ASP A 85 -0.52 -11.50 -10.54
C ASP A 85 0.59 -11.16 -11.52
N TYR A 86 0.27 -10.52 -12.64
CA TYR A 86 1.26 -10.07 -13.61
C TYR A 86 2.27 -9.10 -12.99
N PHE A 87 1.77 -8.06 -12.31
CA PHE A 87 2.57 -7.01 -11.70
C PHE A 87 3.05 -7.49 -10.34
N TRP A 88 2.12 -7.81 -9.42
CA TRP A 88 2.44 -7.96 -8.00
C TRP A 88 3.46 -9.07 -7.70
N GLN A 89 3.74 -10.00 -8.63
CA GLN A 89 4.91 -10.88 -8.59
C GLN A 89 6.20 -10.15 -8.21
N THR A 90 6.49 -9.03 -8.86
CA THR A 90 7.74 -8.32 -8.65
C THR A 90 7.95 -7.95 -7.17
N TYR A 91 6.87 -7.68 -6.42
CA TYR A 91 6.91 -7.27 -5.02
C TYR A 91 6.79 -8.45 -4.05
N ALA A 92 6.97 -9.70 -4.48
CA ALA A 92 6.80 -10.89 -3.65
C ALA A 92 7.79 -10.92 -2.48
N ALA A 93 8.90 -10.18 -2.58
CA ALA A 93 9.87 -10.00 -1.51
C ALA A 93 9.31 -9.18 -0.34
N TRP A 94 8.12 -8.59 -0.48
CA TRP A 94 7.49 -7.80 0.56
C TRP A 94 6.06 -8.29 0.82
N ILE A 95 5.72 -9.54 0.45
CA ILE A 95 4.34 -10.03 0.53
C ILE A 95 4.31 -11.21 1.52
N GLN A 96 3.74 -10.94 2.70
CA GLN A 96 3.51 -11.90 3.78
C GLN A 96 2.03 -11.97 4.17
N PRO A 97 1.61 -13.00 4.92
CA PRO A 97 0.25 -13.08 5.45
C PRO A 97 -0.02 -12.02 6.52
N MET A 98 -1.31 -11.80 6.79
CA MET A 98 -1.80 -11.12 7.98
C MET A 98 -1.71 -12.04 9.18
N GLU A 99 -2.06 -11.51 10.34
CA GLU A 99 -2.29 -12.25 11.57
C GLU A 99 -3.79 -12.40 11.82
N GLN A 100 -4.14 -12.81 13.03
CA GLN A 100 -5.47 -13.20 13.46
C GLN A 100 -5.78 -12.46 14.75
N GLY A 1 -6.42 28.12 2.48
CA GLY A 1 -5.51 27.01 2.16
C GLY A 1 -5.99 25.77 2.89
N SER A 2 -5.75 24.61 2.29
CA SER A 2 -6.27 23.34 2.80
C SER A 2 -5.72 23.05 4.20
N HIS A 3 -6.53 22.45 5.06
CA HIS A 3 -6.17 22.07 6.42
C HIS A 3 -6.91 20.78 6.81
N GLU A 4 -7.08 19.88 5.86
CA GLU A 4 -7.59 18.53 6.06
C GLU A 4 -6.79 17.58 5.20
N GLY A 5 -6.58 16.36 5.71
CA GLY A 5 -6.00 15.25 4.99
C GLY A 5 -4.86 14.66 5.80
N GLU A 6 -5.20 13.93 6.86
CA GLU A 6 -4.24 13.13 7.62
C GLU A 6 -3.71 11.97 6.76
N PRO A 7 -2.62 11.31 7.17
CA PRO A 7 -2.05 10.15 6.49
C PRO A 7 -2.93 8.91 6.73
N VAL A 8 -4.14 8.90 6.20
CA VAL A 8 -5.12 7.84 6.38
C VAL A 8 -5.72 7.49 5.02
N VAL A 9 -6.08 6.23 4.81
CA VAL A 9 -6.73 5.79 3.59
C VAL A 9 -8.24 5.99 3.75
N GLY A 10 -8.74 7.09 3.17
CA GLY A 10 -10.13 7.41 2.93
C GLY A 10 -10.19 8.13 1.60
N MET A 11 -10.31 7.35 0.52
CA MET A 11 -10.45 7.73 -0.90
C MET A 11 -9.35 8.59 -1.52
N ASP A 12 -8.53 9.34 -0.78
CA ASP A 12 -7.60 10.31 -1.36
C ASP A 12 -6.16 9.86 -1.21
N LYS A 13 -5.60 9.24 -2.25
CA LYS A 13 -4.25 8.66 -2.25
C LYS A 13 -3.14 9.72 -2.30
N SER A 14 -3.36 10.91 -1.77
CA SER A 14 -2.46 12.04 -1.98
C SER A 14 -2.13 12.75 -0.64
N LEU A 15 -2.15 12.00 0.47
CA LEU A 15 -2.04 12.52 1.84
C LEU A 15 -0.90 11.86 2.64
N PHE A 16 -0.13 10.95 2.05
CA PHE A 16 0.70 10.02 2.80
C PHE A 16 2.10 10.56 3.02
N ALA A 17 2.62 11.28 2.02
CA ALA A 17 3.94 11.92 1.98
C ALA A 17 4.15 13.03 3.01
N GLY A 18 3.27 13.11 3.99
CA GLY A 18 3.18 14.16 4.98
C GLY A 18 3.48 13.69 6.40
N ASN A 19 3.52 12.38 6.69
CA ASN A 19 3.79 11.89 8.05
C ASN A 19 5.03 11.00 8.09
N THR A 20 6.12 11.52 8.66
CA THR A 20 7.46 10.94 8.62
C THR A 20 7.68 9.78 9.61
N VAL A 21 6.63 9.28 10.25
CA VAL A 21 6.70 8.33 11.36
C VAL A 21 5.63 7.23 11.26
N ILE A 22 4.73 7.29 10.27
CA ILE A 22 3.72 6.26 10.06
C ILE A 22 4.46 5.01 9.57
N ARG A 23 4.61 4.02 10.46
CA ARG A 23 5.25 2.77 10.10
C ARG A 23 4.27 1.83 9.41
N GLU A 24 2.96 2.09 9.50
CA GLU A 24 1.92 1.12 9.21
C GLU A 24 0.75 1.82 8.54
N ILE A 25 0.34 1.31 7.38
CA ILE A 25 -0.72 1.90 6.55
C ILE A 25 -1.65 0.76 6.13
N THR A 26 -2.82 0.67 6.74
CA THR A 26 -3.91 -0.16 6.24
C THR A 26 -4.54 0.53 5.02
N VAL A 27 -4.88 -0.24 3.99
CA VAL A 27 -5.51 0.20 2.74
C VAL A 27 -6.65 -0.79 2.41
N GLN A 28 -7.54 -0.41 1.48
CA GLN A 28 -8.64 -1.22 0.99
C GLN A 28 -8.55 -1.31 -0.55
N PRO A 29 -9.27 -2.22 -1.22
CA PRO A 29 -9.22 -2.33 -2.67
C PRO A 29 -9.96 -1.16 -3.33
N ASN A 30 -9.69 -0.92 -4.61
CA ASN A 30 -10.28 0.12 -5.46
C ASN A 30 -10.28 1.54 -4.84
N ILE A 31 -9.45 1.83 -3.83
CA ILE A 31 -9.52 3.07 -3.06
C ILE A 31 -8.55 4.12 -3.62
N GLY A 32 -8.67 4.42 -4.91
CA GLY A 32 -7.87 5.45 -5.56
C GLY A 32 -6.56 4.89 -6.10
N LEU A 33 -6.03 5.49 -7.17
CA LEU A 33 -4.80 5.02 -7.78
C LEU A 33 -3.60 5.31 -6.89
N LEU A 34 -2.70 4.34 -6.79
CA LEU A 34 -1.36 4.51 -6.27
C LEU A 34 -0.50 4.98 -7.44
N TYR A 35 -0.23 6.28 -7.52
CA TYR A 35 0.75 6.82 -8.46
C TYR A 35 2.16 6.52 -7.93
N ASP A 36 3.18 6.66 -8.77
CA ASP A 36 4.58 6.54 -8.31
C ASP A 36 4.99 7.87 -7.69
N GLY A 37 5.65 7.80 -6.53
CA GLY A 37 6.07 8.96 -5.74
C GLY A 37 5.03 9.38 -4.69
N MET A 38 3.90 8.68 -4.58
CA MET A 38 2.86 8.82 -3.58
C MET A 38 3.42 8.84 -2.16
N PHE A 39 4.37 7.95 -1.86
CA PHE A 39 4.93 7.78 -0.53
C PHE A 39 6.23 8.56 -0.34
N SER A 40 6.63 9.44 -1.27
CA SER A 40 7.89 10.16 -1.21
C SER A 40 7.97 10.97 0.08
N GLY A 41 8.89 10.61 0.97
CA GLY A 41 9.07 11.27 2.25
C GLY A 41 8.46 10.51 3.43
N CYS A 42 7.83 9.34 3.22
CA CYS A 42 7.39 8.44 4.28
C CYS A 42 8.60 7.70 4.87
N THR A 43 9.45 8.46 5.54
CA THR A 43 10.78 8.07 5.98
C THR A 43 10.78 7.12 7.20
N ALA A 44 9.62 6.57 7.59
CA ALA A 44 9.52 5.49 8.57
C ALA A 44 8.63 4.34 8.10
N LEU A 45 8.21 4.28 6.83
CA LEU A 45 7.27 3.24 6.37
C LEU A 45 7.95 1.87 6.46
N GLU A 46 7.42 0.94 7.25
CA GLU A 46 7.95 -0.41 7.38
C GLU A 46 6.87 -1.48 7.13
N LYS A 47 5.58 -1.13 7.06
CA LYS A 47 4.47 -2.07 6.95
C LYS A 47 3.26 -1.43 6.24
N LEU A 48 2.53 -2.23 5.49
CA LEU A 48 1.33 -1.86 4.75
C LEU A 48 0.43 -3.09 4.76
N ILE A 49 -0.89 -2.91 4.89
CA ILE A 49 -1.86 -4.00 5.00
C ILE A 49 -2.98 -3.74 4.01
N LEU A 50 -3.49 -4.79 3.36
CA LEU A 50 -4.42 -4.69 2.23
C LEU A 50 -5.69 -5.46 2.56
N THR A 51 -6.78 -4.77 2.90
CA THR A 51 -8.07 -5.36 3.30
C THR A 51 -8.89 -5.87 2.10
N GLY A 52 -8.26 -6.49 1.10
CA GLY A 52 -8.96 -7.03 -0.06
C GLY A 52 -8.28 -8.30 -0.55
N GLU A 53 -9.06 -9.15 -1.20
CA GLU A 53 -8.75 -10.57 -1.35
C GLU A 53 -8.34 -10.97 -2.77
N ASP A 54 -8.22 -10.03 -3.69
CA ASP A 54 -7.80 -10.26 -5.05
C ASP A 54 -6.84 -9.15 -5.54
N PRO A 55 -5.83 -9.49 -6.37
CA PRO A 55 -4.78 -8.56 -6.77
C PRO A 55 -5.15 -7.60 -7.92
N SER A 56 -6.14 -7.91 -8.76
CA SER A 56 -6.61 -6.97 -9.78
C SER A 56 -7.23 -5.75 -9.11
N ALA A 57 -7.94 -5.94 -7.99
CA ALA A 57 -8.62 -4.88 -7.27
C ALA A 57 -7.67 -3.91 -6.51
N TYR A 58 -6.35 -4.04 -6.69
CA TYR A 58 -5.36 -3.17 -6.08
C TYR A 58 -4.46 -2.60 -7.14
N SER A 59 -4.30 -1.27 -7.15
CA SER A 59 -3.54 -0.54 -8.15
C SER A 59 -2.08 -0.42 -7.73
N ALA A 60 -1.23 -0.01 -8.68
CA ALA A 60 0.03 0.69 -8.48
C ALA A 60 0.48 1.27 -9.82
N GLY A 61 1.47 2.15 -9.77
CA GLY A 61 2.35 2.48 -10.87
C GLY A 61 3.57 1.59 -10.79
N ASP A 62 4.51 1.82 -11.70
CA ASP A 62 5.73 1.03 -11.89
C ASP A 62 6.46 0.89 -10.56
N GLY A 63 6.54 2.03 -9.87
CA GLY A 63 7.13 2.22 -8.57
C GLY A 63 6.04 2.43 -7.55
N LEU A 64 5.43 1.36 -7.06
CA LEU A 64 4.47 1.38 -5.95
C LEU A 64 5.07 2.13 -4.78
N ARG A 65 6.15 1.60 -4.22
CA ARG A 65 6.83 2.08 -3.03
C ARG A 65 7.86 3.17 -3.36
N ASP A 66 7.79 3.78 -4.54
CA ASP A 66 8.71 4.83 -4.93
C ASP A 66 8.69 5.94 -3.88
N GLY A 67 9.86 6.32 -3.37
CA GLY A 67 10.02 7.38 -2.38
C GLY A 67 9.90 6.90 -0.93
N ALA A 68 9.68 5.59 -0.71
CA ALA A 68 9.73 4.90 0.58
C ALA A 68 10.35 3.53 0.34
N ASP A 69 10.21 2.60 1.28
CA ASP A 69 10.53 1.18 1.10
C ASP A 69 9.96 0.43 2.29
N PHE A 70 8.79 -0.18 2.11
CA PHE A 70 7.96 -0.75 3.17
C PHE A 70 7.54 -2.17 2.80
N LEU A 71 6.99 -2.89 3.77
CA LEU A 71 6.54 -4.28 3.64
C LEU A 71 5.05 -4.32 3.39
N ILE A 72 4.55 -5.36 2.72
CA ILE A 72 3.14 -5.48 2.30
C ILE A 72 2.55 -6.78 2.89
N CYS A 73 1.31 -6.72 3.38
CA CYS A 73 0.56 -7.87 3.88
C CYS A 73 -0.80 -7.97 3.20
N VAL A 74 -1.28 -9.18 2.96
CA VAL A 74 -2.51 -9.50 2.23
C VAL A 74 -3.30 -10.54 3.03
N PRO A 75 -4.62 -10.70 2.85
CA PRO A 75 -5.37 -11.61 3.68
C PRO A 75 -4.95 -13.05 3.40
N GLU A 76 -5.03 -13.90 4.43
CA GLU A 76 -4.57 -15.28 4.39
C GLU A 76 -5.30 -16.14 3.34
N GLU A 77 -6.50 -15.74 2.92
CA GLU A 77 -7.29 -16.40 1.91
C GLU A 77 -6.84 -16.04 0.50
N ALA A 78 -6.18 -14.89 0.34
CA ALA A 78 -5.73 -14.35 -0.93
C ALA A 78 -4.23 -14.59 -1.15
N LEU A 79 -3.55 -15.20 -0.19
CA LEU A 79 -2.10 -15.21 -0.14
C LEU A 79 -1.48 -15.82 -1.41
N ASP A 80 -1.99 -16.97 -1.84
CA ASP A 80 -1.61 -17.57 -3.13
C ASP A 80 -2.10 -16.72 -4.29
N ARG A 81 -3.35 -16.25 -4.22
CA ARG A 81 -3.98 -15.40 -5.24
C ARG A 81 -3.06 -14.23 -5.65
N TYR A 82 -2.58 -13.43 -4.70
CA TYR A 82 -1.65 -12.34 -5.01
C TYR A 82 -0.33 -12.90 -5.57
N ARG A 83 0.19 -14.00 -5.00
CA ARG A 83 1.40 -14.64 -5.54
C ARG A 83 1.18 -15.22 -6.94
N ARG A 84 -0.05 -15.39 -7.39
CA ARG A 84 -0.44 -15.82 -8.73
C ARG A 84 -0.88 -14.68 -9.63
N ASP A 85 -0.58 -13.43 -9.26
CA ASP A 85 -0.88 -12.28 -10.10
C ASP A 85 0.11 -12.15 -11.27
N TYR A 86 -0.06 -11.15 -12.13
CA TYR A 86 0.83 -10.80 -13.24
C TYR A 86 1.64 -9.53 -12.98
N PHE A 87 1.14 -8.59 -12.19
CA PHE A 87 1.87 -7.41 -11.76
C PHE A 87 2.50 -7.68 -10.40
N TRP A 88 1.71 -8.07 -9.39
CA TRP A 88 2.17 -8.21 -8.02
C TRP A 88 3.28 -9.28 -7.88
N GLN A 89 3.55 -10.11 -8.91
CA GLN A 89 4.72 -10.98 -8.99
C GLN A 89 6.01 -10.32 -8.56
N THR A 90 6.34 -9.22 -9.24
CA THR A 90 7.60 -8.53 -9.00
C THR A 90 7.66 -7.84 -7.63
N TYR A 91 6.55 -7.75 -6.89
CA TYR A 91 6.54 -7.31 -5.50
C TYR A 91 6.33 -8.50 -4.53
N ALA A 92 6.21 -9.74 -5.02
CA ALA A 92 5.92 -10.93 -4.21
C ALA A 92 7.09 -11.30 -3.29
N ALA A 93 8.21 -10.59 -3.37
CA ALA A 93 9.34 -10.69 -2.47
C ALA A 93 9.07 -10.02 -1.12
N TRP A 94 8.03 -9.18 -1.00
CA TRP A 94 7.70 -8.42 0.20
C TRP A 94 6.22 -8.66 0.58
N ILE A 95 5.71 -9.88 0.37
CA ILE A 95 4.32 -10.23 0.74
C ILE A 95 4.34 -11.18 1.93
N GLN A 96 3.44 -11.00 2.88
CA GLN A 96 3.11 -11.95 3.96
C GLN A 96 1.59 -11.99 4.18
N PRO A 97 1.06 -13.02 4.86
CA PRO A 97 -0.31 -12.99 5.34
C PRO A 97 -0.48 -11.87 6.38
N MET A 98 -1.69 -11.30 6.43
CA MET A 98 -2.10 -10.33 7.43
C MET A 98 -2.42 -11.06 8.73
N GLU A 99 -2.41 -10.36 9.86
CA GLU A 99 -2.70 -10.87 11.20
C GLU A 99 -3.65 -9.88 11.88
N GLN A 100 -3.87 -10.02 13.19
CA GLN A 100 -4.62 -9.10 14.03
C GLN A 100 -3.73 -8.77 15.21
N GLY A 1 -8.77 28.00 1.68
CA GLY A 1 -9.34 26.66 1.78
C GLY A 1 -8.24 25.64 1.97
N SER A 2 -8.58 24.54 2.63
CA SER A 2 -7.70 23.42 2.91
C SER A 2 -7.44 22.66 1.60
N HIS A 3 -6.44 21.79 1.59
CA HIS A 3 -6.28 20.75 0.58
C HIS A 3 -5.48 19.58 1.15
N GLU A 4 -5.74 19.24 2.42
CA GLU A 4 -5.10 18.14 3.14
C GLU A 4 -5.98 17.68 4.32
N GLY A 5 -5.52 16.68 5.09
CA GLY A 5 -6.09 16.30 6.36
C GLY A 5 -5.06 15.47 7.13
N GLU A 6 -5.05 14.16 6.90
CA GLU A 6 -4.13 13.22 7.50
C GLU A 6 -3.58 12.28 6.42
N PRO A 7 -2.39 11.67 6.61
CA PRO A 7 -1.85 10.62 5.78
C PRO A 7 -2.67 9.35 6.05
N VAL A 8 -3.79 9.19 5.35
CA VAL A 8 -4.71 8.09 5.57
C VAL A 8 -5.39 7.80 4.25
N VAL A 9 -5.71 6.53 4.01
CA VAL A 9 -6.51 6.14 2.86
C VAL A 9 -7.93 6.47 3.26
N GLY A 10 -8.45 7.59 2.74
CA GLY A 10 -9.80 8.06 2.98
C GLY A 10 -10.56 8.07 1.65
N MET A 11 -10.26 9.06 0.81
CA MET A 11 -10.86 9.29 -0.50
C MET A 11 -9.80 9.65 -1.55
N ASP A 12 -8.95 10.63 -1.25
CA ASP A 12 -7.83 10.97 -2.13
C ASP A 12 -6.64 10.09 -1.74
N LYS A 13 -5.57 10.14 -2.53
CA LYS A 13 -4.37 9.34 -2.33
C LYS A 13 -3.09 10.15 -2.27
N SER A 14 -3.17 11.48 -2.31
CA SER A 14 -1.97 12.29 -2.35
C SER A 14 -1.31 12.56 -0.99
N LEU A 15 -2.11 12.59 0.08
CA LEU A 15 -1.80 13.27 1.35
C LEU A 15 -0.85 12.47 2.25
N PHE A 16 -0.05 11.55 1.71
CA PHE A 16 0.76 10.61 2.50
C PHE A 16 2.18 11.11 2.64
N ALA A 17 2.77 11.53 1.51
CA ALA A 17 4.05 12.19 1.43
C ALA A 17 3.97 13.50 2.22
N GLY A 18 4.23 13.46 3.51
CA GLY A 18 4.25 14.64 4.35
C GLY A 18 4.35 14.34 5.84
N ASN A 19 3.94 13.16 6.33
CA ASN A 19 4.19 12.80 7.72
C ASN A 19 5.26 11.72 7.85
N THR A 20 6.45 12.12 8.28
CA THR A 20 7.64 11.31 8.51
C THR A 20 7.49 10.35 9.72
N VAL A 21 6.28 9.92 10.04
CA VAL A 21 5.91 9.31 11.33
C VAL A 21 4.87 8.19 11.14
N ILE A 22 4.28 8.03 9.95
CA ILE A 22 3.27 7.02 9.72
C ILE A 22 3.95 5.67 9.57
N ARG A 23 4.00 4.92 10.66
CA ARG A 23 4.66 3.62 10.69
C ARG A 23 3.84 2.54 9.99
N GLU A 24 2.54 2.79 9.74
CA GLU A 24 1.60 1.76 9.30
C GLU A 24 0.53 2.40 8.42
N ILE A 25 0.21 1.79 7.28
CA ILE A 25 -0.89 2.25 6.42
C ILE A 25 -1.76 1.05 6.05
N THR A 26 -3.00 1.04 6.51
CA THR A 26 -3.99 0.08 6.04
C THR A 26 -4.71 0.70 4.82
N VAL A 27 -4.96 -0.06 3.76
CA VAL A 27 -5.53 0.40 2.48
C VAL A 27 -6.68 -0.53 2.11
N GLN A 28 -7.89 0.01 1.94
CA GLN A 28 -9.00 -0.77 1.41
C GLN A 28 -8.88 -0.94 -0.12
N PRO A 29 -9.56 -1.91 -0.73
CA PRO A 29 -9.55 -2.11 -2.17
C PRO A 29 -10.41 -1.06 -2.88
N ASN A 30 -10.15 -0.86 -4.17
CA ASN A 30 -10.98 -0.11 -5.10
C ASN A 30 -11.27 1.33 -4.63
N ILE A 31 -10.29 1.99 -4.00
CA ILE A 31 -10.44 3.32 -3.39
C ILE A 31 -9.27 4.27 -3.76
N GLY A 32 -8.62 4.02 -4.91
CA GLY A 32 -7.76 4.93 -5.66
C GLY A 32 -6.50 4.23 -6.17
N LEU A 33 -5.87 4.81 -7.19
CA LEU A 33 -4.61 4.32 -7.74
C LEU A 33 -3.47 4.60 -6.78
N LEU A 34 -2.70 3.57 -6.42
CA LEU A 34 -1.46 3.69 -5.67
C LEU A 34 -0.34 4.08 -6.66
N TYR A 35 -0.28 5.35 -7.06
CA TYR A 35 0.67 5.81 -8.08
C TYR A 35 2.12 5.74 -7.57
N ASP A 36 3.09 5.90 -8.45
CA ASP A 36 4.50 5.89 -8.11
C ASP A 36 4.85 7.23 -7.44
N GLY A 37 5.63 7.16 -6.36
CA GLY A 37 5.98 8.32 -5.53
C GLY A 37 4.90 8.69 -4.51
N MET A 38 3.79 7.94 -4.39
CA MET A 38 2.71 8.25 -3.46
C MET A 38 3.17 8.29 -1.99
N PHE A 39 4.24 7.58 -1.65
CA PHE A 39 4.75 7.43 -0.28
C PHE A 39 6.13 8.08 -0.12
N SER A 40 6.53 8.93 -1.06
CA SER A 40 7.77 9.69 -1.00
C SER A 40 7.94 10.36 0.35
N GLY A 41 9.01 10.01 1.06
CA GLY A 41 9.36 10.64 2.33
C GLY A 41 8.51 10.18 3.49
N CYS A 42 7.62 9.18 3.34
CA CYS A 42 7.05 8.47 4.48
C CYS A 42 8.16 7.61 5.09
N THR A 43 9.11 8.23 5.79
CA THR A 43 10.35 7.61 6.21
C THR A 43 10.12 6.48 7.20
N ALA A 44 9.37 6.76 8.27
CA ALA A 44 9.01 5.80 9.32
C ALA A 44 8.16 4.63 8.81
N LEU A 45 7.72 4.64 7.55
CA LEU A 45 6.79 3.67 7.00
C LEU A 45 7.50 2.37 6.70
N GLU A 46 7.23 1.33 7.51
CA GLU A 46 7.66 -0.03 7.21
C GLU A 46 6.48 -0.99 7.05
N LYS A 47 5.26 -0.60 7.42
CA LYS A 47 4.09 -1.48 7.29
C LYS A 47 3.03 -0.93 6.38
N LEU A 48 2.41 -1.84 5.64
CA LEU A 48 1.34 -1.62 4.70
C LEU A 48 0.47 -2.86 4.76
N ILE A 49 -0.84 -2.65 4.78
CA ILE A 49 -1.84 -3.72 4.95
C ILE A 49 -2.92 -3.48 3.90
N LEU A 50 -3.38 -4.55 3.26
CA LEU A 50 -4.35 -4.50 2.17
C LEU A 50 -5.59 -5.28 2.61
N THR A 51 -6.74 -4.60 2.80
CA THR A 51 -7.94 -5.22 3.35
C THR A 51 -8.81 -5.96 2.31
N GLY A 52 -8.39 -5.99 1.04
CA GLY A 52 -9.08 -6.72 -0.02
C GLY A 52 -8.50 -8.13 -0.16
N GLU A 53 -9.06 -8.90 -1.09
CA GLU A 53 -8.81 -10.33 -1.21
C GLU A 53 -8.46 -10.75 -2.65
N ASP A 54 -8.31 -9.79 -3.56
CA ASP A 54 -8.04 -9.99 -4.98
C ASP A 54 -7.06 -8.90 -5.43
N PRO A 55 -6.11 -9.19 -6.35
CA PRO A 55 -5.09 -8.22 -6.75
C PRO A 55 -5.63 -7.17 -7.71
N SER A 56 -6.63 -7.50 -8.53
CA SER A 56 -7.23 -6.61 -9.50
C SER A 56 -8.20 -5.63 -8.83
N ALA A 57 -8.62 -5.89 -7.59
CA ALA A 57 -9.28 -4.94 -6.71
C ALA A 57 -8.36 -3.77 -6.29
N TYR A 58 -7.07 -3.80 -6.65
CA TYR A 58 -6.15 -2.70 -6.40
C TYR A 58 -5.50 -2.26 -7.71
N SER A 59 -4.81 -1.13 -7.66
CA SER A 59 -4.01 -0.60 -8.76
C SER A 59 -2.77 0.01 -8.14
N ALA A 60 -1.60 -0.29 -8.69
CA ALA A 60 -0.30 0.29 -8.39
C ALA A 60 0.26 0.84 -9.71
N GLY A 61 1.38 1.53 -9.68
CA GLY A 61 2.07 2.13 -10.82
C GLY A 61 3.44 1.50 -10.97
N ASP A 62 4.44 2.27 -11.39
CA ASP A 62 5.81 1.76 -11.57
C ASP A 62 6.57 1.62 -10.26
N GLY A 63 6.03 2.10 -9.14
CA GLY A 63 6.74 2.19 -7.88
C GLY A 63 5.77 2.27 -6.71
N LEU A 64 5.04 1.19 -6.45
CA LEU A 64 4.02 1.09 -5.39
C LEU A 64 4.53 1.67 -4.08
N ARG A 65 5.77 1.35 -3.71
CA ARG A 65 6.35 1.71 -2.43
C ARG A 65 7.51 2.70 -2.60
N ASP A 66 7.62 3.36 -3.75
CA ASP A 66 8.78 4.22 -4.04
C ASP A 66 8.86 5.38 -3.06
N GLY A 67 10.08 5.80 -2.73
CA GLY A 67 10.36 6.87 -1.77
C GLY A 67 10.20 6.44 -0.30
N ALA A 68 9.80 5.19 -0.08
CA ALA A 68 9.71 4.48 1.19
C ALA A 68 10.21 3.05 0.95
N ASP A 69 10.13 2.18 1.95
CA ASP A 69 10.43 0.76 1.76
C ASP A 69 9.75 -0.08 2.83
N PHE A 70 8.55 -0.59 2.51
CA PHE A 70 7.68 -1.27 3.46
C PHE A 70 7.30 -2.66 2.95
N LEU A 71 6.81 -3.48 3.87
CA LEU A 71 6.27 -4.81 3.62
C LEU A 71 4.76 -4.70 3.47
N ILE A 72 4.17 -5.61 2.72
CA ILE A 72 2.80 -5.55 2.24
C ILE A 72 2.11 -6.81 2.76
N CYS A 73 1.31 -6.67 3.81
CA CYS A 73 0.60 -7.80 4.40
C CYS A 73 -0.75 -8.01 3.69
N VAL A 74 -1.11 -9.26 3.41
CA VAL A 74 -2.31 -9.69 2.69
C VAL A 74 -2.91 -10.94 3.36
N PRO A 75 -4.22 -11.24 3.23
CA PRO A 75 -4.79 -12.42 3.89
C PRO A 75 -4.27 -13.68 3.19
N GLU A 76 -4.05 -14.75 3.97
CA GLU A 76 -3.50 -16.00 3.41
C GLU A 76 -4.33 -16.54 2.24
N GLU A 77 -5.64 -16.32 2.29
CA GLU A 77 -6.68 -16.71 1.36
C GLU A 77 -6.54 -16.00 0.01
N ALA A 78 -5.81 -14.88 -0.05
CA ALA A 78 -5.51 -14.16 -1.29
C ALA A 78 -4.03 -14.28 -1.71
N LEU A 79 -3.19 -15.00 -0.95
CA LEU A 79 -1.74 -14.97 -1.15
C LEU A 79 -1.36 -15.50 -2.53
N ASP A 80 -1.87 -16.68 -2.89
CA ASP A 80 -1.54 -17.32 -4.17
C ASP A 80 -1.99 -16.42 -5.31
N ARG A 81 -3.19 -15.85 -5.19
CA ARG A 81 -3.80 -14.91 -6.13
C ARG A 81 -2.85 -13.78 -6.51
N TYR A 82 -2.33 -13.03 -5.53
CA TYR A 82 -1.42 -11.93 -5.79
C TYR A 82 -0.07 -12.47 -6.28
N ARG A 83 0.43 -13.56 -5.70
CA ARG A 83 1.70 -14.16 -6.11
C ARG A 83 1.67 -14.66 -7.56
N ARG A 84 0.49 -14.99 -8.08
CA ARG A 84 0.29 -15.39 -9.48
C ARG A 84 0.08 -14.19 -10.40
N ASP A 85 -0.16 -13.01 -9.85
CA ASP A 85 -0.75 -11.92 -10.60
C ASP A 85 0.17 -11.42 -11.71
N TYR A 86 -0.40 -11.05 -12.86
CA TYR A 86 0.25 -10.54 -14.07
C TYR A 86 0.78 -9.10 -13.91
N PHE A 87 1.03 -8.71 -12.68
CA PHE A 87 1.65 -7.48 -12.24
C PHE A 87 2.33 -7.75 -10.90
N TRP A 88 1.55 -8.04 -9.83
CA TRP A 88 2.03 -8.08 -8.44
C TRP A 88 3.17 -9.09 -8.19
N GLN A 89 3.40 -10.06 -9.09
CA GLN A 89 4.51 -11.01 -9.04
C GLN A 89 5.85 -10.37 -8.68
N THR A 90 6.18 -9.23 -9.30
CA THR A 90 7.48 -8.61 -9.15
C THR A 90 7.73 -8.03 -7.75
N TYR A 91 6.75 -8.01 -6.85
CA TYR A 91 6.92 -7.58 -5.46
C TYR A 91 6.64 -8.71 -4.47
N ALA A 92 6.59 -9.98 -4.92
CA ALA A 92 6.30 -11.09 -4.03
C ALA A 92 7.36 -11.19 -2.93
N ALA A 93 8.57 -10.70 -3.16
CA ALA A 93 9.63 -10.57 -2.16
C ALA A 93 9.26 -9.70 -0.94
N TRP A 94 8.15 -8.94 -0.96
CA TRP A 94 7.71 -8.10 0.15
C TRP A 94 6.25 -8.39 0.55
N ILE A 95 5.61 -9.40 -0.06
CA ILE A 95 4.24 -9.79 0.25
C ILE A 95 4.32 -10.91 1.28
N GLN A 96 3.68 -10.74 2.44
CA GLN A 96 3.56 -11.77 3.46
C GLN A 96 2.14 -11.85 4.04
N PRO A 97 1.79 -12.96 4.70
CA PRO A 97 0.51 -13.12 5.36
C PRO A 97 0.27 -12.15 6.49
N MET A 98 -1.02 -11.84 6.65
CA MET A 98 -1.55 -11.17 7.84
C MET A 98 -1.59 -12.13 9.02
N GLU A 99 -1.58 -11.55 10.21
CA GLU A 99 -1.78 -12.20 11.50
C GLU A 99 -3.23 -11.99 11.96
N GLN A 100 -3.57 -12.48 13.15
CA GLN A 100 -4.66 -11.93 13.93
C GLN A 100 -4.11 -10.68 14.59
N GLY A 1 -0.29 22.60 4.09
CA GLY A 1 -1.64 22.65 4.68
C GLY A 1 -1.59 23.19 6.09
N SER A 2 -2.48 24.13 6.41
CA SER A 2 -2.57 24.78 7.71
C SER A 2 -3.39 23.93 8.67
N HIS A 3 -2.82 23.52 9.80
CA HIS A 3 -3.51 22.75 10.85
C HIS A 3 -4.32 21.60 10.28
N GLU A 4 -3.66 20.77 9.47
CA GLU A 4 -4.21 19.57 8.83
C GLU A 4 -3.06 18.54 8.75
N GLY A 5 -3.30 17.40 8.09
CA GLY A 5 -2.30 16.36 7.89
C GLY A 5 -2.86 15.02 8.32
N GLU A 6 -3.68 14.42 7.45
CA GLU A 6 -4.40 13.18 7.70
C GLU A 6 -3.92 12.09 6.72
N PRO A 7 -2.84 11.35 7.04
CA PRO A 7 -2.27 10.30 6.20
C PRO A 7 -3.13 9.02 6.25
N VAL A 8 -4.37 9.10 5.78
CA VAL A 8 -5.35 8.03 5.83
C VAL A 8 -6.04 7.92 4.47
N VAL A 9 -6.73 6.81 4.22
CA VAL A 9 -7.12 6.39 2.89
C VAL A 9 -8.64 6.53 2.72
N GLY A 10 -9.09 7.79 2.70
CA GLY A 10 -10.48 8.19 2.58
C GLY A 10 -10.72 8.83 1.22
N MET A 11 -10.86 8.00 0.20
CA MET A 11 -11.19 8.35 -1.18
C MET A 11 -10.19 9.30 -1.85
N ASP A 12 -9.03 9.57 -1.25
CA ASP A 12 -8.03 10.48 -1.81
C ASP A 12 -6.63 9.94 -1.58
N LYS A 13 -5.86 9.74 -2.66
CA LYS A 13 -4.43 9.47 -2.64
C LYS A 13 -3.72 10.74 -3.07
N SER A 14 -3.37 11.59 -2.11
CA SER A 14 -2.59 12.80 -2.38
C SER A 14 -1.95 13.38 -1.11
N LEU A 15 -1.97 12.65 0.04
CA LEU A 15 -1.76 13.26 1.36
C LEU A 15 -0.73 12.51 2.21
N PHE A 16 -0.12 11.44 1.68
CA PHE A 16 0.58 10.45 2.49
C PHE A 16 2.04 10.85 2.70
N ALA A 17 2.67 11.45 1.69
CA ALA A 17 4.02 11.99 1.70
C ALA A 17 4.11 13.29 2.54
N GLY A 18 3.51 13.32 3.72
CA GLY A 18 3.53 14.46 4.62
C GLY A 18 3.74 14.07 6.08
N ASN A 19 3.35 12.87 6.51
CA ASN A 19 3.39 12.48 7.92
C ASN A 19 4.53 11.50 8.18
N THR A 20 5.67 12.03 8.58
CA THR A 20 6.95 11.37 8.86
C THR A 20 6.93 10.37 10.04
N VAL A 21 5.76 9.84 10.42
CA VAL A 21 5.59 9.04 11.63
C VAL A 21 4.55 7.93 11.38
N ILE A 22 4.07 7.72 10.14
CA ILE A 22 3.15 6.65 9.83
C ILE A 22 3.98 5.40 9.56
N ARG A 23 4.10 4.54 10.57
CA ARG A 23 4.72 3.24 10.41
C ARG A 23 3.83 2.30 9.60
N GLU A 24 2.51 2.52 9.61
CA GLU A 24 1.56 1.48 9.24
C GLU A 24 0.46 2.04 8.34
N ILE A 25 0.33 1.50 7.13
CA ILE A 25 -0.65 1.94 6.13
C ILE A 25 -1.51 0.73 5.79
N THR A 26 -2.60 0.57 6.53
CA THR A 26 -3.72 -0.24 6.15
C THR A 26 -4.36 0.43 4.93
N VAL A 27 -4.63 -0.32 3.87
CA VAL A 27 -5.28 0.12 2.65
C VAL A 27 -6.47 -0.81 2.42
N GLN A 28 -7.48 -0.34 1.70
CA GLN A 28 -8.69 -1.07 1.38
C GLN A 28 -8.78 -1.18 -0.16
N PRO A 29 -9.56 -2.13 -0.69
CA PRO A 29 -9.61 -2.37 -2.12
C PRO A 29 -10.37 -1.25 -2.83
N ASN A 30 -10.03 -1.03 -4.10
CA ASN A 30 -10.71 -0.17 -5.05
C ASN A 30 -10.80 1.30 -4.62
N ILE A 31 -9.92 1.74 -3.72
CA ILE A 31 -9.81 3.11 -3.26
C ILE A 31 -8.41 3.60 -3.65
N GLY A 32 -8.40 4.23 -4.81
CA GLY A 32 -7.37 5.13 -5.31
C GLY A 32 -6.23 4.42 -6.01
N LEU A 33 -5.78 4.98 -7.13
CA LEU A 33 -4.56 4.54 -7.80
C LEU A 33 -3.41 4.67 -6.81
N LEU A 34 -2.62 3.61 -6.67
CA LEU A 34 -1.30 3.68 -6.06
C LEU A 34 -0.35 4.03 -7.18
N TYR A 35 0.38 5.12 -7.04
CA TYR A 35 1.26 5.66 -8.07
C TYR A 35 2.61 6.01 -7.45
N ASP A 36 3.55 6.46 -8.27
CA ASP A 36 4.91 6.72 -7.85
C ASP A 36 5.00 7.98 -6.99
N GLY A 37 5.99 8.01 -6.11
CA GLY A 37 6.29 9.11 -5.21
C GLY A 37 5.20 9.38 -4.15
N MET A 38 4.07 8.65 -4.16
CA MET A 38 2.89 8.92 -3.35
C MET A 38 3.21 8.92 -1.84
N PHE A 39 4.18 8.09 -1.43
CA PHE A 39 4.67 7.97 -0.06
C PHE A 39 6.01 8.68 0.19
N SER A 40 6.65 9.23 -0.84
CA SER A 40 8.05 9.63 -0.80
C SER A 40 8.30 10.59 0.37
N GLY A 41 9.26 10.23 1.23
CA GLY A 41 9.65 10.99 2.40
C GLY A 41 9.05 10.44 3.69
N CYS A 42 8.42 9.27 3.65
CA CYS A 42 7.85 8.57 4.79
C CYS A 42 8.94 8.03 5.73
N THR A 43 9.59 8.88 6.52
CA THR A 43 10.79 8.53 7.30
C THR A 43 10.66 7.37 8.30
N ALA A 44 9.43 6.87 8.53
CA ALA A 44 9.15 5.79 9.46
C ALA A 44 8.34 4.64 8.85
N LEU A 45 7.95 4.67 7.57
CA LEU A 45 7.04 3.68 7.00
C LEU A 45 7.70 2.33 6.78
N GLU A 46 7.14 1.26 7.37
CA GLU A 46 7.66 -0.10 7.27
C GLU A 46 6.58 -1.19 7.29
N LYS A 47 5.29 -0.84 7.23
CA LYS A 47 4.22 -1.83 7.26
C LYS A 47 3.07 -1.37 6.39
N LEU A 48 2.66 -2.22 5.47
CA LEU A 48 1.48 -2.05 4.64
C LEU A 48 0.59 -3.25 4.90
N ILE A 49 -0.72 -3.02 4.99
CA ILE A 49 -1.72 -4.07 5.03
C ILE A 49 -2.77 -3.75 3.97
N LEU A 50 -3.35 -4.76 3.34
CA LEU A 50 -4.40 -4.64 2.34
C LEU A 50 -5.61 -5.42 2.85
N THR A 51 -6.82 -4.88 2.73
CA THR A 51 -8.05 -5.54 3.21
C THR A 51 -8.94 -5.96 2.04
N GLY A 52 -8.33 -6.35 0.91
CA GLY A 52 -9.01 -6.80 -0.29
C GLY A 52 -8.48 -8.16 -0.70
N GLU A 53 -9.25 -8.86 -1.53
CA GLU A 53 -9.18 -10.30 -1.65
C GLU A 53 -8.67 -10.76 -3.01
N ASP A 54 -8.27 -9.85 -3.91
CA ASP A 54 -7.73 -10.20 -5.23
C ASP A 54 -6.80 -9.08 -5.72
N PRO A 55 -5.74 -9.39 -6.49
CA PRO A 55 -4.78 -8.39 -6.98
C PRO A 55 -5.39 -7.37 -7.94
N SER A 56 -6.47 -7.73 -8.65
CA SER A 56 -7.21 -6.77 -9.48
C SER A 56 -8.04 -5.79 -8.64
N ALA A 57 -8.24 -6.04 -7.34
CA ALA A 57 -8.95 -5.12 -6.46
C ALA A 57 -8.09 -3.91 -6.06
N TYR A 58 -6.90 -3.75 -6.65
CA TYR A 58 -5.91 -2.72 -6.39
C TYR A 58 -5.29 -2.27 -7.72
N SER A 59 -4.37 -1.31 -7.66
CA SER A 59 -3.54 -0.82 -8.76
C SER A 59 -2.12 -0.58 -8.23
N ALA A 60 -1.17 -0.14 -9.07
CA ALA A 60 0.18 0.17 -8.59
C ALA A 60 1.04 1.06 -9.48
N GLY A 61 0.49 1.52 -10.59
CA GLY A 61 1.18 2.28 -11.61
C GLY A 61 2.40 1.50 -12.04
N ASP A 62 3.57 1.96 -11.65
CA ASP A 62 4.84 1.21 -11.63
C ASP A 62 5.74 1.74 -10.51
N GLY A 63 5.09 2.05 -9.39
CA GLY A 63 5.69 2.84 -8.32
C GLY A 63 4.93 2.77 -7.01
N LEU A 64 4.22 1.68 -6.71
CA LEU A 64 3.37 1.55 -5.50
C LEU A 64 4.09 2.06 -4.25
N ARG A 65 5.38 1.73 -4.10
CA ARG A 65 6.18 2.05 -2.94
C ARG A 65 7.36 2.96 -3.29
N ASP A 66 7.27 3.76 -4.35
CA ASP A 66 8.37 4.63 -4.77
C ASP A 66 8.76 5.59 -3.65
N GLY A 67 10.05 5.85 -3.48
CA GLY A 67 10.61 6.64 -2.38
C GLY A 67 10.78 5.80 -1.10
N ALA A 68 9.95 4.79 -0.91
CA ALA A 68 9.88 3.95 0.27
C ALA A 68 10.42 2.56 -0.05
N ASP A 69 10.41 1.69 0.95
CA ASP A 69 10.59 0.25 0.80
C ASP A 69 10.05 -0.42 2.05
N PHE A 70 8.89 -1.09 1.92
CA PHE A 70 8.17 -1.74 3.00
C PHE A 70 7.61 -3.08 2.51
N LEU A 71 7.16 -3.91 3.45
CA LEU A 71 6.54 -5.20 3.20
C LEU A 71 5.04 -5.01 3.05
N ILE A 72 4.46 -5.77 2.13
CA ILE A 72 3.05 -5.85 1.82
C ILE A 72 2.50 -6.96 2.71
N CYS A 73 1.33 -6.75 3.30
CA CYS A 73 0.57 -7.78 3.99
C CYS A 73 -0.79 -7.90 3.31
N VAL A 74 -1.26 -9.12 3.07
CA VAL A 74 -2.59 -9.40 2.50
C VAL A 74 -3.26 -10.45 3.38
N PRO A 75 -4.59 -10.62 3.34
CA PRO A 75 -5.24 -11.63 4.15
C PRO A 75 -4.81 -13.03 3.69
N GLU A 76 -4.73 -13.98 4.63
CA GLU A 76 -4.28 -15.35 4.39
C GLU A 76 -5.01 -16.00 3.21
N GLU A 77 -6.31 -15.71 3.05
CA GLU A 77 -7.14 -16.42 2.12
C GLU A 77 -6.87 -15.95 0.68
N ALA A 78 -6.49 -14.68 0.52
CA ALA A 78 -6.08 -14.09 -0.76
C ALA A 78 -4.58 -14.27 -1.03
N LEU A 79 -3.83 -14.81 -0.08
CA LEU A 79 -2.36 -14.86 -0.12
C LEU A 79 -1.85 -15.54 -1.38
N ASP A 80 -2.51 -16.60 -1.85
CA ASP A 80 -2.16 -17.24 -3.11
C ASP A 80 -2.52 -16.34 -4.32
N ARG A 81 -3.73 -15.77 -4.33
CA ARG A 81 -4.29 -14.95 -5.41
C ARG A 81 -3.33 -13.85 -5.83
N TYR A 82 -2.83 -13.05 -4.89
CA TYR A 82 -1.88 -11.99 -5.22
C TYR A 82 -0.56 -12.60 -5.71
N ARG A 83 -0.05 -13.67 -5.05
CA ARG A 83 1.23 -14.27 -5.39
C ARG A 83 1.29 -14.70 -6.85
N ARG A 84 0.28 -15.42 -7.31
CA ARG A 84 0.26 -16.03 -8.65
C ARG A 84 0.16 -15.01 -9.79
N ASP A 85 -0.13 -13.74 -9.51
CA ASP A 85 -0.47 -12.76 -10.55
C ASP A 85 0.74 -12.40 -11.38
N TYR A 86 0.58 -12.29 -12.70
CA TYR A 86 1.69 -11.96 -13.58
C TYR A 86 2.27 -10.57 -13.24
N PHE A 87 1.43 -9.59 -12.89
CA PHE A 87 1.84 -8.24 -12.54
C PHE A 87 2.47 -8.27 -11.15
N TRP A 88 1.68 -8.57 -10.11
CA TRP A 88 2.13 -8.46 -8.72
C TRP A 88 3.36 -9.32 -8.43
N GLN A 89 3.61 -10.37 -9.21
CA GLN A 89 4.81 -11.20 -9.11
C GLN A 89 6.12 -10.41 -9.00
N THR A 90 6.22 -9.25 -9.65
CA THR A 90 7.40 -8.42 -9.59
C THR A 90 7.73 -8.07 -8.11
N TYR A 91 6.71 -7.76 -7.31
CA TYR A 91 6.82 -7.39 -5.91
C TYR A 91 6.77 -8.61 -4.97
N ALA A 92 6.82 -9.85 -5.48
CA ALA A 92 6.51 -11.02 -4.66
C ALA A 92 7.50 -11.23 -3.53
N ALA A 93 8.71 -10.67 -3.64
CA ALA A 93 9.71 -10.76 -2.60
C ALA A 93 9.27 -10.06 -1.30
N TRP A 94 8.28 -9.16 -1.34
CA TRP A 94 7.93 -8.31 -0.20
C TRP A 94 6.55 -8.64 0.35
N ILE A 95 5.93 -9.68 -0.17
CA ILE A 95 4.57 -10.11 0.15
C ILE A 95 4.61 -11.04 1.37
N GLN A 96 3.72 -10.82 2.34
CA GLN A 96 3.46 -11.68 3.50
C GLN A 96 1.96 -11.70 3.86
N PRO A 97 1.50 -12.63 4.71
CA PRO A 97 0.16 -12.59 5.29
C PRO A 97 -0.05 -11.37 6.22
N MET A 98 -1.27 -11.21 6.72
CA MET A 98 -1.67 -10.20 7.71
C MET A 98 -1.79 -10.85 9.09
N GLU A 99 -1.96 -10.07 10.15
CA GLU A 99 -2.16 -10.56 11.51
C GLU A 99 -3.65 -10.48 11.90
N GLN A 100 -3.95 -10.87 13.13
CA GLN A 100 -5.18 -10.52 13.84
C GLN A 100 -4.65 -9.70 14.98
N GLY A 1 -10.67 28.49 3.68
CA GLY A 1 -9.88 27.64 4.57
C GLY A 1 -9.72 26.26 3.98
N SER A 2 -8.74 25.49 4.44
CA SER A 2 -8.60 24.07 4.15
C SER A 2 -7.84 23.44 5.32
N HIS A 3 -8.61 23.02 6.31
CA HIS A 3 -8.18 22.57 7.63
C HIS A 3 -8.68 21.13 7.79
N GLU A 4 -8.37 20.28 6.81
CA GLU A 4 -8.85 18.92 6.77
C GLU A 4 -8.06 18.15 5.70
N GLY A 5 -7.05 17.36 6.07
CA GLY A 5 -6.22 16.61 5.13
C GLY A 5 -5.04 15.97 5.85
N GLU A 6 -5.23 14.73 6.32
CA GLU A 6 -4.25 13.98 7.11
C GLU A 6 -3.63 12.85 6.27
N PRO A 7 -2.50 12.24 6.67
CA PRO A 7 -1.84 11.15 5.96
C PRO A 7 -2.60 9.83 6.21
N VAL A 8 -3.82 9.72 5.70
CA VAL A 8 -4.65 8.52 5.67
C VAL A 8 -5.27 8.40 4.28
N VAL A 9 -5.82 7.24 3.95
CA VAL A 9 -6.53 7.01 2.70
C VAL A 9 -8.02 7.26 2.95
N GLY A 10 -8.51 8.45 2.64
CA GLY A 10 -9.93 8.79 2.59
C GLY A 10 -10.43 8.59 1.18
N MET A 11 -10.26 9.60 0.33
CA MET A 11 -10.54 9.59 -1.10
C MET A 11 -9.33 10.08 -1.89
N ASP A 12 -8.83 11.29 -1.61
CA ASP A 12 -7.93 12.00 -2.51
C ASP A 12 -6.48 11.55 -2.26
N LYS A 13 -5.84 10.93 -3.24
CA LYS A 13 -4.61 10.17 -3.04
C LYS A 13 -3.33 11.00 -2.79
N SER A 14 -3.35 12.33 -2.67
CA SER A 14 -2.13 13.12 -2.48
C SER A 14 -2.11 13.80 -1.11
N LEU A 15 -2.08 13.01 -0.04
CA LEU A 15 -1.99 13.49 1.35
C LEU A 15 -0.96 12.69 2.18
N PHE A 16 -0.23 11.75 1.57
CA PHE A 16 0.60 10.74 2.25
C PHE A 16 2.03 11.23 2.43
N ALA A 17 2.67 11.61 1.33
CA ALA A 17 3.94 12.31 1.32
C ALA A 17 3.71 13.65 2.03
N GLY A 18 3.94 13.70 3.33
CA GLY A 18 3.57 14.79 4.20
C GLY A 18 3.57 14.41 5.68
N ASN A 19 3.77 13.13 6.03
CA ASN A 19 4.17 12.78 7.40
C ASN A 19 5.23 11.68 7.44
N THR A 20 6.15 11.76 8.42
CA THR A 20 7.47 11.12 8.45
C THR A 20 7.61 10.08 9.59
N VAL A 21 6.49 9.64 10.17
CA VAL A 21 6.37 8.85 11.40
C VAL A 21 5.26 7.77 11.27
N ILE A 22 4.77 7.49 10.06
CA ILE A 22 3.53 6.74 9.81
C ILE A 22 3.90 5.29 9.58
N ARG A 23 4.02 4.54 10.67
CA ARG A 23 4.52 3.17 10.63
C ARG A 23 3.40 2.16 10.37
N GLU A 24 2.23 2.59 9.87
CA GLU A 24 1.25 1.70 9.27
C GLU A 24 0.49 2.48 8.21
N ILE A 25 0.09 1.83 7.12
CA ILE A 25 -0.95 2.32 6.21
C ILE A 25 -1.82 1.11 5.88
N THR A 26 -3.01 1.03 6.47
CA THR A 26 -4.05 0.16 5.95
C THR A 26 -4.53 0.76 4.62
N VAL A 27 -4.89 -0.05 3.62
CA VAL A 27 -5.50 0.39 2.36
C VAL A 27 -6.64 -0.58 2.05
N GLN A 28 -7.86 -0.06 1.89
CA GLN A 28 -8.97 -0.86 1.37
C GLN A 28 -8.87 -0.96 -0.17
N PRO A 29 -9.54 -1.91 -0.83
CA PRO A 29 -9.52 -2.03 -2.29
C PRO A 29 -10.42 -0.96 -2.94
N ASN A 30 -10.27 -0.79 -4.26
CA ASN A 30 -11.07 0.08 -5.14
C ASN A 30 -11.31 1.50 -4.59
N ILE A 31 -10.27 2.11 -4.00
CA ILE A 31 -10.40 3.41 -3.35
C ILE A 31 -9.18 4.33 -3.58
N GLY A 32 -8.17 3.92 -4.35
CA GLY A 32 -7.07 4.80 -4.70
C GLY A 32 -6.02 4.11 -5.55
N LEU A 33 -5.64 4.76 -6.65
CA LEU A 33 -4.43 4.43 -7.39
C LEU A 33 -3.23 4.57 -6.47
N LEU A 34 -2.31 3.60 -6.53
CA LEU A 34 -1.04 3.63 -5.83
C LEU A 34 0.07 4.06 -6.79
N TYR A 35 0.13 5.34 -7.13
CA TYR A 35 1.05 5.86 -8.13
C TYR A 35 2.49 5.93 -7.60
N ASP A 36 3.46 6.04 -8.51
CA ASP A 36 4.89 6.22 -8.21
C ASP A 36 5.14 7.61 -7.62
N GLY A 37 5.56 7.66 -6.35
CA GLY A 37 5.89 8.88 -5.63
C GLY A 37 4.94 9.15 -4.46
N MET A 38 3.87 8.35 -4.32
CA MET A 38 2.86 8.49 -3.27
C MET A 38 3.48 8.62 -1.89
N PHE A 39 4.33 7.65 -1.55
CA PHE A 39 4.87 7.46 -0.21
C PHE A 39 6.26 8.07 -0.08
N SER A 40 6.70 8.84 -1.07
CA SER A 40 8.02 9.39 -1.12
C SER A 40 8.17 10.40 0.02
N GLY A 41 9.00 10.08 1.00
CA GLY A 41 9.22 10.91 2.17
C GLY A 41 8.57 10.34 3.43
N CYS A 42 7.82 9.24 3.33
CA CYS A 42 7.36 8.49 4.50
C CYS A 42 8.54 7.67 5.04
N THR A 43 9.50 8.35 5.66
CA THR A 43 10.78 7.83 6.13
C THR A 43 10.67 6.92 7.36
N ALA A 44 9.44 6.65 7.81
CA ALA A 44 9.11 5.72 8.88
C ALA A 44 7.85 4.96 8.46
N LEU A 45 7.84 4.41 7.25
CA LEU A 45 6.71 3.65 6.74
C LEU A 45 7.18 2.26 6.35
N GLU A 46 6.84 1.29 7.19
CA GLU A 46 7.32 -0.09 7.06
C GLU A 46 6.20 -1.14 6.95
N LYS A 47 4.93 -0.78 7.20
CA LYS A 47 3.83 -1.72 7.24
C LYS A 47 2.67 -1.23 6.38
N LEU A 48 2.26 -2.07 5.44
CA LEU A 48 1.07 -1.89 4.64
C LEU A 48 0.15 -3.06 4.93
N ILE A 49 -1.16 -2.81 5.03
CA ILE A 49 -2.16 -3.84 5.25
C ILE A 49 -3.24 -3.67 4.20
N LEU A 50 -3.62 -4.76 3.53
CA LEU A 50 -4.59 -4.73 2.45
C LEU A 50 -5.87 -5.42 2.90
N THR A 51 -6.96 -4.67 3.01
CA THR A 51 -8.24 -5.22 3.46
C THR A 51 -9.04 -5.85 2.29
N GLY A 52 -8.42 -6.07 1.14
CA GLY A 52 -8.99 -6.78 0.01
C GLY A 52 -8.45 -8.20 -0.03
N GLU A 53 -8.93 -8.98 -0.99
CA GLU A 53 -8.71 -10.42 -1.13
C GLU A 53 -8.42 -10.75 -2.60
N ASP A 54 -7.82 -9.80 -3.34
CA ASP A 54 -7.50 -9.97 -4.75
C ASP A 54 -6.46 -8.94 -5.21
N PRO A 55 -5.58 -9.29 -6.17
CA PRO A 55 -4.66 -8.34 -6.80
C PRO A 55 -5.39 -7.30 -7.64
N SER A 56 -6.39 -7.70 -8.43
CA SER A 56 -7.07 -6.78 -9.35
C SER A 56 -8.00 -5.81 -8.63
N ALA A 57 -8.36 -6.06 -7.37
CA ALA A 57 -9.14 -5.13 -6.55
C ALA A 57 -8.34 -3.88 -6.15
N TYR A 58 -7.04 -3.84 -6.44
CA TYR A 58 -6.15 -2.72 -6.14
C TYR A 58 -5.73 -2.04 -7.43
N SER A 59 -4.74 -1.16 -7.37
CA SER A 59 -4.04 -0.60 -8.50
C SER A 59 -2.59 -0.39 -8.07
N ALA A 60 -1.71 -0.01 -8.99
CA ALA A 60 -0.32 0.38 -8.71
C ALA A 60 0.19 1.03 -10.00
N GLY A 61 0.91 2.13 -9.88
CA GLY A 61 1.85 2.56 -10.90
C GLY A 61 3.07 1.65 -10.83
N ASP A 62 4.16 2.05 -11.46
CA ASP A 62 5.39 1.28 -11.41
C ASP A 62 5.88 1.19 -9.96
N GLY A 63 6.15 2.36 -9.37
CA GLY A 63 6.79 2.50 -8.09
C GLY A 63 5.79 2.47 -6.95
N LEU A 64 5.13 1.32 -6.74
CA LEU A 64 4.17 1.11 -5.66
C LEU A 64 4.72 1.65 -4.33
N ARG A 65 5.97 1.32 -3.98
CA ARG A 65 6.61 1.79 -2.74
C ARG A 65 7.70 2.82 -3.03
N ASP A 66 7.54 3.69 -4.02
CA ASP A 66 8.59 4.65 -4.31
C ASP A 66 8.85 5.55 -3.10
N GLY A 67 10.08 5.52 -2.59
CA GLY A 67 10.52 6.38 -1.51
C GLY A 67 10.18 5.90 -0.11
N ALA A 68 9.73 4.65 0.05
CA ALA A 68 9.63 3.96 1.33
C ALA A 68 9.97 2.48 1.10
N ASP A 69 10.10 1.71 2.18
CA ASP A 69 10.35 0.28 2.09
C ASP A 69 9.52 -0.41 3.17
N PHE A 70 8.35 -0.86 2.76
CA PHE A 70 7.38 -1.52 3.61
C PHE A 70 7.05 -2.90 3.07
N LEU A 71 6.42 -3.72 3.91
CA LEU A 71 5.90 -5.04 3.56
C LEU A 71 4.38 -4.95 3.44
N ILE A 72 3.80 -5.90 2.71
CA ILE A 72 2.42 -5.95 2.28
C ILE A 72 1.78 -7.15 2.97
N CYS A 73 1.03 -6.89 4.03
CA CYS A 73 0.21 -7.91 4.67
C CYS A 73 -1.01 -8.17 3.78
N VAL A 74 -1.27 -9.42 3.42
CA VAL A 74 -2.47 -9.88 2.72
C VAL A 74 -3.00 -11.10 3.46
N PRO A 75 -4.29 -11.44 3.36
CA PRO A 75 -4.79 -12.67 3.94
C PRO A 75 -4.16 -13.86 3.21
N GLU A 76 -3.83 -14.93 3.92
CA GLU A 76 -3.35 -16.19 3.39
C GLU A 76 -4.28 -16.70 2.29
N GLU A 77 -5.59 -16.61 2.50
CA GLU A 77 -6.60 -17.00 1.54
C GLU A 77 -6.58 -16.18 0.24
N ALA A 78 -5.81 -15.09 0.19
CA ALA A 78 -5.50 -14.34 -1.03
C ALA A 78 -4.00 -14.38 -1.38
N LEU A 79 -3.12 -14.97 -0.57
CA LEU A 79 -1.67 -14.84 -0.72
C LEU A 79 -1.23 -15.35 -2.10
N ASP A 80 -1.51 -16.61 -2.39
CA ASP A 80 -1.12 -17.21 -3.68
C ASP A 80 -1.97 -16.69 -4.85
N ARG A 81 -3.13 -16.11 -4.51
CA ARG A 81 -4.04 -15.36 -5.37
C ARG A 81 -3.36 -14.07 -5.85
N TYR A 82 -2.70 -13.32 -4.97
CA TYR A 82 -1.83 -12.22 -5.35
C TYR A 82 -0.67 -12.78 -6.16
N ARG A 83 0.04 -13.82 -5.69
CA ARG A 83 1.25 -14.33 -6.36
C ARG A 83 1.02 -14.75 -7.82
N ARG A 84 -0.16 -15.23 -8.19
CA ARG A 84 -0.41 -15.67 -9.58
C ARG A 84 -0.72 -14.53 -10.55
N ASP A 85 -0.71 -13.27 -10.10
CA ASP A 85 -0.96 -12.14 -10.99
C ASP A 85 0.13 -12.02 -12.05
N TYR A 86 -0.13 -11.19 -13.07
CA TYR A 86 0.84 -10.78 -14.04
C TYR A 86 1.85 -9.81 -13.43
N PHE A 87 1.37 -8.82 -12.66
CA PHE A 87 2.12 -7.63 -12.30
C PHE A 87 2.60 -7.70 -10.86
N TRP A 88 1.73 -8.05 -9.90
CA TRP A 88 2.12 -8.12 -8.49
C TRP A 88 3.33 -9.06 -8.27
N GLN A 89 3.59 -9.97 -9.20
CA GLN A 89 4.75 -10.84 -9.24
C GLN A 89 6.05 -10.11 -8.98
N THR A 90 6.26 -8.95 -9.59
CA THR A 90 7.51 -8.23 -9.41
C THR A 90 7.67 -7.78 -7.95
N TYR A 91 6.57 -7.61 -7.20
CA TYR A 91 6.53 -7.23 -5.80
C TYR A 91 6.44 -8.44 -4.87
N ALA A 92 6.60 -9.67 -5.35
CA ALA A 92 6.40 -10.89 -4.59
C ALA A 92 7.45 -11.06 -3.48
N ALA A 93 8.50 -10.22 -3.45
CA ALA A 93 9.45 -10.24 -2.35
C ALA A 93 8.91 -9.56 -1.07
N TRP A 94 7.87 -8.72 -1.15
CA TRP A 94 7.40 -7.91 -0.02
C TRP A 94 6.03 -8.35 0.49
N ILE A 95 5.37 -9.31 -0.16
CA ILE A 95 4.04 -9.76 0.22
C ILE A 95 4.21 -10.85 1.28
N GLN A 96 3.44 -10.80 2.36
CA GLN A 96 3.39 -11.84 3.39
C GLN A 96 1.96 -12.03 3.91
N PRO A 97 1.66 -13.18 4.54
CA PRO A 97 0.37 -13.41 5.19
C PRO A 97 0.14 -12.48 6.38
N MET A 98 -1.11 -12.38 6.83
CA MET A 98 -1.55 -11.62 8.00
C MET A 98 -1.37 -12.42 9.30
N GLU A 99 -1.88 -11.84 10.37
CA GLU A 99 -2.15 -12.43 11.67
C GLU A 99 -3.50 -11.94 12.18
N GLN A 100 -3.89 -12.40 13.37
CA GLN A 100 -5.02 -11.91 14.14
C GLN A 100 -4.49 -11.52 15.51
N GLY A 1 -1.98 17.52 -1.15
CA GLY A 1 -2.58 18.52 -0.24
C GLY A 1 -1.51 19.39 0.42
N SER A 2 -1.95 20.52 1.01
CA SER A 2 -1.08 21.50 1.66
C SER A 2 -1.75 22.05 2.93
N HIS A 3 -0.95 22.29 3.97
CA HIS A 3 -1.39 22.55 5.35
C HIS A 3 -2.47 21.56 5.81
N GLU A 4 -2.29 20.26 5.54
CA GLU A 4 -3.24 19.26 6.01
C GLU A 4 -2.50 17.95 6.31
N GLY A 5 -2.98 17.18 7.30
CA GLY A 5 -2.26 16.03 7.83
C GLY A 5 -3.24 14.96 8.28
N GLU A 6 -3.85 14.30 7.30
CA GLU A 6 -4.70 13.10 7.44
C GLU A 6 -4.20 12.08 6.39
N PRO A 7 -3.08 11.41 6.70
CA PRO A 7 -2.31 10.53 5.82
C PRO A 7 -3.01 9.16 5.82
N VAL A 8 -4.24 9.14 5.33
CA VAL A 8 -5.19 8.05 5.52
C VAL A 8 -5.87 7.78 4.19
N VAL A 9 -6.10 6.49 3.89
CA VAL A 9 -6.74 6.04 2.68
C VAL A 9 -8.25 6.29 2.81
N GLY A 10 -8.66 7.54 2.63
CA GLY A 10 -10.02 8.02 2.78
C GLY A 10 -10.38 8.97 1.65
N MET A 11 -10.56 8.41 0.45
CA MET A 11 -10.98 9.08 -0.78
C MET A 11 -10.06 10.22 -1.27
N ASP A 12 -8.85 10.40 -0.71
CA ASP A 12 -7.76 11.10 -1.39
C ASP A 12 -6.48 10.28 -1.28
N LYS A 13 -5.52 10.53 -2.18
CA LYS A 13 -4.25 9.84 -2.27
C LYS A 13 -3.08 10.79 -2.54
N SER A 14 -3.15 12.03 -2.06
CA SER A 14 -2.08 13.02 -2.14
C SER A 14 -1.86 13.71 -0.77
N LEU A 15 -2.14 13.01 0.34
CA LEU A 15 -2.04 13.48 1.72
C LEU A 15 -0.97 12.71 2.52
N PHE A 16 -0.26 11.78 1.89
CA PHE A 16 0.52 10.76 2.59
C PHE A 16 1.94 11.24 2.85
N ALA A 17 2.55 11.91 1.87
CA ALA A 17 3.87 12.51 1.98
C ALA A 17 3.80 13.73 2.88
N GLY A 18 3.91 13.50 4.18
CA GLY A 18 4.16 14.53 5.16
C GLY A 18 4.41 13.92 6.53
N ASN A 19 3.64 12.90 6.91
CA ASN A 19 3.63 12.38 8.28
C ASN A 19 4.71 11.32 8.51
N THR A 20 5.89 11.78 8.93
CA THR A 20 7.15 11.04 9.08
C THR A 20 7.16 10.01 10.24
N VAL A 21 6.03 9.37 10.55
CA VAL A 21 5.93 8.38 11.63
C VAL A 21 4.89 7.28 11.31
N ILE A 22 4.25 7.33 10.14
CA ILE A 22 3.19 6.41 9.75
C ILE A 22 3.74 5.02 9.46
N ARG A 23 3.92 4.23 10.51
CA ARG A 23 4.54 2.91 10.40
C ARG A 23 3.57 1.85 9.88
N GLU A 24 2.35 2.23 9.50
CA GLU A 24 1.30 1.34 9.03
C GLU A 24 0.37 2.13 8.11
N ILE A 25 -0.05 1.52 7.01
CA ILE A 25 -1.11 2.00 6.15
C ILE A 25 -1.95 0.76 5.85
N THR A 26 -3.26 0.80 6.11
CA THR A 26 -4.22 -0.19 5.66
C THR A 26 -4.96 0.37 4.45
N VAL A 27 -4.91 -0.32 3.31
CA VAL A 27 -5.57 0.06 2.06
C VAL A 27 -6.67 -0.94 1.78
N GLN A 28 -7.92 -0.49 1.85
CA GLN A 28 -9.07 -1.23 1.37
C GLN A 28 -9.00 -1.41 -0.15
N PRO A 29 -9.79 -2.33 -0.74
CA PRO A 29 -9.85 -2.49 -2.18
C PRO A 29 -10.53 -1.29 -2.83
N ASN A 30 -10.20 -1.06 -4.11
CA ASN A 30 -10.83 -0.10 -5.02
C ASN A 30 -11.07 1.27 -4.36
N ILE A 31 -10.02 1.84 -3.77
CA ILE A 31 -9.99 3.18 -3.17
C ILE A 31 -8.67 3.83 -3.57
N GLY A 32 -8.72 4.41 -4.77
CA GLY A 32 -7.70 5.12 -5.53
C GLY A 32 -6.57 4.22 -5.99
N LEU A 33 -5.97 4.54 -7.14
CA LEU A 33 -4.75 3.88 -7.59
C LEU A 33 -3.59 4.20 -6.62
N LEU A 34 -2.58 3.33 -6.57
CA LEU A 34 -1.30 3.53 -5.92
C LEU A 34 -0.32 3.85 -7.06
N TYR A 35 0.36 4.98 -7.03
CA TYR A 35 1.24 5.46 -8.10
C TYR A 35 2.67 5.69 -7.58
N ASP A 36 3.61 6.04 -8.48
CA ASP A 36 5.01 6.28 -8.17
C ASP A 36 5.19 7.49 -7.26
N GLY A 37 5.89 7.28 -6.14
CA GLY A 37 6.16 8.34 -5.18
C GLY A 37 4.85 8.89 -4.60
N MET A 38 3.94 8.01 -4.19
CA MET A 38 2.78 8.33 -3.37
C MET A 38 3.22 8.66 -1.93
N PHE A 39 4.26 8.00 -1.44
CA PHE A 39 4.67 7.99 -0.04
C PHE A 39 6.05 8.67 0.13
N SER A 40 6.35 9.63 -0.74
CA SER A 40 7.68 10.22 -0.87
C SER A 40 8.10 10.89 0.44
N GLY A 41 9.07 10.29 1.14
CA GLY A 41 9.60 10.83 2.38
C GLY A 41 8.93 10.24 3.63
N CYS A 42 8.17 9.15 3.51
CA CYS A 42 7.69 8.40 4.66
C CYS A 42 8.82 7.51 5.19
N THR A 43 9.80 8.15 5.85
CA THR A 43 11.01 7.57 6.43
C THR A 43 10.74 6.65 7.63
N ALA A 44 9.49 6.52 8.05
CA ALA A 44 9.05 5.61 9.09
C ALA A 44 7.75 4.97 8.63
N LEU A 45 7.75 4.37 7.44
CA LEU A 45 6.64 3.61 6.88
C LEU A 45 7.18 2.27 6.41
N GLU A 46 6.80 1.18 7.07
CA GLU A 46 7.38 -0.15 6.82
C GLU A 46 6.32 -1.26 6.76
N LYS A 47 5.03 -0.93 6.75
CA LYS A 47 3.96 -1.88 6.49
C LYS A 47 2.92 -1.28 5.56
N LEU A 48 2.25 -2.16 4.82
CA LEU A 48 1.16 -1.84 3.91
C LEU A 48 0.19 -3.02 3.94
N ILE A 49 -0.84 -2.93 4.79
CA ILE A 49 -1.87 -3.95 4.89
C ILE A 49 -2.88 -3.67 3.77
N LEU A 50 -3.39 -4.73 3.15
CA LEU A 50 -4.31 -4.67 2.02
C LEU A 50 -5.50 -5.57 2.41
N THR A 51 -6.71 -5.02 2.53
CA THR A 51 -7.85 -5.72 3.14
C THR A 51 -8.67 -6.58 2.17
N GLY A 52 -8.36 -6.57 0.87
CA GLY A 52 -9.22 -7.13 -0.17
C GLY A 52 -8.81 -8.53 -0.56
N GLU A 53 -9.76 -9.32 -1.07
CA GLU A 53 -9.58 -10.73 -1.33
C GLU A 53 -8.96 -11.02 -2.71
N ASP A 54 -8.70 -10.00 -3.55
CA ASP A 54 -8.15 -10.18 -4.87
C ASP A 54 -7.18 -9.03 -5.24
N PRO A 55 -6.15 -9.31 -6.05
CA PRO A 55 -5.09 -8.35 -6.34
C PRO A 55 -5.45 -7.34 -7.42
N SER A 56 -6.40 -7.67 -8.28
CA SER A 56 -6.90 -6.85 -9.39
C SER A 56 -7.79 -5.71 -8.86
N ALA A 57 -8.32 -5.85 -7.64
CA ALA A 57 -9.02 -4.84 -6.88
C ALA A 57 -8.11 -3.66 -6.47
N TYR A 58 -6.85 -3.60 -6.92
CA TYR A 58 -5.83 -2.64 -6.54
C TYR A 58 -4.98 -2.23 -7.75
N SER A 59 -4.08 -1.27 -7.54
CA SER A 59 -3.21 -0.62 -8.52
C SER A 59 -1.79 -0.53 -7.95
N ALA A 60 -0.84 0.17 -8.59
CA ALA A 60 0.58 0.27 -8.20
C ALA A 60 1.43 1.09 -9.17
N GLY A 61 0.88 1.39 -10.35
CA GLY A 61 1.48 2.21 -11.38
C GLY A 61 2.73 1.55 -11.94
N ASP A 62 3.89 1.98 -11.46
CA ASP A 62 5.19 1.37 -11.77
C ASP A 62 6.10 1.35 -10.54
N GLY A 63 5.73 2.09 -9.49
CA GLY A 63 6.64 2.53 -8.44
C GLY A 63 5.94 2.60 -7.10
N LEU A 64 5.11 1.61 -6.77
CA LEU A 64 4.25 1.58 -5.59
C LEU A 64 4.98 2.05 -4.34
N ARG A 65 6.11 1.40 -4.04
CA ARG A 65 6.87 1.65 -2.82
C ARG A 65 8.04 2.58 -3.07
N ASP A 66 8.12 3.25 -4.23
CA ASP A 66 9.16 4.23 -4.50
C ASP A 66 9.04 5.42 -3.54
N GLY A 67 10.12 6.17 -3.34
CA GLY A 67 10.21 7.28 -2.41
C GLY A 67 10.14 6.90 -0.92
N ALA A 68 10.16 5.60 -0.62
CA ALA A 68 10.29 4.99 0.71
C ALA A 68 10.74 3.54 0.51
N ASP A 69 10.64 2.68 1.53
CA ASP A 69 10.74 1.23 1.37
C ASP A 69 9.99 0.53 2.52
N PHE A 70 8.89 -0.14 2.18
CA PHE A 70 8.06 -0.91 3.11
C PHE A 70 7.84 -2.36 2.67
N LEU A 71 7.18 -3.14 3.52
CA LEU A 71 6.75 -4.53 3.33
C LEU A 71 5.23 -4.57 3.21
N ILE A 72 4.67 -5.60 2.57
CA ILE A 72 3.25 -5.66 2.19
C ILE A 72 2.62 -6.85 2.92
N CYS A 73 1.40 -6.68 3.42
CA CYS A 73 0.65 -7.66 4.18
C CYS A 73 -0.72 -7.82 3.52
N VAL A 74 -1.17 -9.04 3.25
CA VAL A 74 -2.46 -9.33 2.59
C VAL A 74 -3.16 -10.41 3.41
N PRO A 75 -4.49 -10.61 3.32
CA PRO A 75 -5.08 -11.66 4.11
C PRO A 75 -4.54 -12.99 3.57
N GLU A 76 -4.32 -13.96 4.47
CA GLU A 76 -3.91 -15.31 4.12
C GLU A 76 -4.84 -15.93 3.05
N GLU A 77 -6.12 -15.53 3.06
CA GLU A 77 -7.13 -16.01 2.16
C GLU A 77 -6.81 -15.69 0.69
N ALA A 78 -6.16 -14.56 0.45
CA ALA A 78 -5.85 -14.04 -0.88
C ALA A 78 -4.36 -14.17 -1.22
N LEU A 79 -3.55 -14.64 -0.28
CA LEU A 79 -2.10 -14.65 -0.35
C LEU A 79 -1.59 -15.35 -1.61
N ASP A 80 -2.14 -16.53 -1.91
CA ASP A 80 -1.70 -17.32 -3.07
C ASP A 80 -2.23 -16.71 -4.36
N ARG A 81 -3.46 -16.18 -4.35
CA ARG A 81 -4.07 -15.43 -5.45
C ARG A 81 -3.11 -14.33 -5.91
N TYR A 82 -2.66 -13.50 -4.96
CA TYR A 82 -1.77 -12.38 -5.23
C TYR A 82 -0.43 -12.90 -5.78
N ARG A 83 0.11 -13.97 -5.20
CA ARG A 83 1.30 -14.64 -5.71
C ARG A 83 1.10 -15.30 -7.07
N ARG A 84 -0.14 -15.44 -7.55
CA ARG A 84 -0.50 -15.96 -8.85
C ARG A 84 -1.04 -14.86 -9.75
N ASP A 85 -0.80 -13.58 -9.43
CA ASP A 85 -1.24 -12.47 -10.27
C ASP A 85 -0.32 -12.26 -11.48
N TYR A 86 -0.80 -11.59 -12.53
CA TYR A 86 0.01 -11.28 -13.71
C TYR A 86 0.89 -10.05 -13.50
N PHE A 87 0.40 -9.04 -12.77
CA PHE A 87 1.15 -7.82 -12.49
C PHE A 87 1.94 -8.00 -11.19
N TRP A 88 1.26 -8.36 -10.09
CA TRP A 88 1.85 -8.31 -8.75
C TRP A 88 2.95 -9.35 -8.49
N GLN A 89 3.16 -10.37 -9.34
CA GLN A 89 4.28 -11.30 -9.24
C GLN A 89 5.66 -10.66 -9.02
N THR A 90 5.92 -9.50 -9.61
CA THR A 90 7.18 -8.76 -9.41
C THR A 90 7.35 -8.33 -7.95
N TYR A 91 6.29 -7.87 -7.29
CA TYR A 91 6.30 -7.41 -5.90
C TYR A 91 6.34 -8.58 -4.91
N ALA A 92 6.43 -9.83 -5.38
CA ALA A 92 6.34 -11.00 -4.54
C ALA A 92 7.50 -11.08 -3.55
N ALA A 93 8.59 -10.36 -3.80
CA ALA A 93 9.70 -10.22 -2.88
C ALA A 93 9.32 -9.49 -1.58
N TRP A 94 8.11 -8.94 -1.43
CA TRP A 94 7.70 -8.17 -0.26
C TRP A 94 6.32 -8.58 0.27
N ILE A 95 5.77 -9.71 -0.21
CA ILE A 95 4.44 -10.17 0.15
C ILE A 95 4.54 -11.06 1.39
N GLN A 96 3.71 -10.80 2.40
CA GLN A 96 3.44 -11.70 3.52
C GLN A 96 1.94 -11.73 3.88
N PRO A 97 1.48 -12.71 4.67
CA PRO A 97 0.14 -12.68 5.24
C PRO A 97 -0.04 -11.50 6.21
N MET A 98 -1.26 -11.34 6.74
CA MET A 98 -1.63 -10.36 7.74
C MET A 98 -1.89 -11.11 9.04
N GLU A 99 -1.73 -10.46 10.19
CA GLU A 99 -1.88 -11.06 11.51
C GLU A 99 -2.59 -10.07 12.45
N GLN A 100 -2.86 -10.50 13.69
CA GLN A 100 -3.56 -9.72 14.70
C GLN A 100 -2.59 -9.08 15.68
N GLY A 1 -0.78 25.85 -0.09
CA GLY A 1 -1.44 24.79 0.66
C GLY A 1 -0.77 24.51 1.98
N SER A 2 -1.31 23.52 2.68
CA SER A 2 -0.76 22.76 3.78
C SER A 2 -1.47 21.39 3.71
N HIS A 3 -1.13 20.42 4.56
CA HIS A 3 -1.79 19.12 4.53
C HIS A 3 -2.40 18.78 5.88
N GLU A 4 -3.40 17.91 5.83
CA GLU A 4 -4.13 17.39 6.96
C GLU A 4 -3.22 16.47 7.80
N GLY A 5 -3.67 16.12 9.00
CA GLY A 5 -2.93 15.26 9.93
C GLY A 5 -3.29 13.79 9.80
N GLU A 6 -4.04 13.40 8.76
CA GLU A 6 -4.65 12.08 8.60
C GLU A 6 -4.01 11.35 7.41
N PRO A 7 -2.88 10.66 7.60
CA PRO A 7 -2.23 9.88 6.56
C PRO A 7 -2.95 8.55 6.36
N VAL A 8 -4.20 8.59 5.91
CA VAL A 8 -5.10 7.44 5.87
C VAL A 8 -5.80 7.44 4.52
N VAL A 9 -6.43 6.32 4.16
CA VAL A 9 -6.95 6.10 2.83
C VAL A 9 -8.45 6.45 2.82
N GLY A 10 -8.74 7.74 2.94
CA GLY A 10 -10.09 8.27 2.95
C GLY A 10 -10.47 8.83 1.59
N MET A 11 -10.63 7.92 0.62
CA MET A 11 -11.08 8.18 -0.75
C MET A 11 -10.23 9.17 -1.56
N ASP A 12 -9.01 9.52 -1.12
CA ASP A 12 -7.99 10.04 -2.03
C ASP A 12 -6.66 9.37 -1.77
N LYS A 13 -5.67 9.62 -2.63
CA LYS A 13 -4.36 9.01 -2.60
C LYS A 13 -3.23 10.01 -2.39
N SER A 14 -3.51 11.29 -2.16
CA SER A 14 -2.41 12.21 -1.90
C SER A 14 -1.91 12.19 -0.45
N LEU A 15 -2.76 11.78 0.51
CA LEU A 15 -2.58 11.97 1.95
C LEU A 15 -1.60 10.93 2.55
N PHE A 16 -0.33 10.91 2.14
CA PHE A 16 0.62 9.88 2.58
C PHE A 16 2.02 10.45 2.80
N ALA A 17 2.53 11.19 1.81
CA ALA A 17 3.84 11.83 1.85
C ALA A 17 3.82 13.06 2.76
N GLY A 18 3.62 12.86 4.06
CA GLY A 18 3.75 13.90 5.07
C GLY A 18 4.01 13.36 6.47
N ASN A 19 3.43 12.20 6.85
CA ASN A 19 3.45 11.80 8.25
C ASN A 19 4.62 10.86 8.57
N THR A 20 5.78 11.43 8.78
CA THR A 20 7.13 10.84 8.87
C THR A 20 7.38 9.83 10.03
N VAL A 21 6.32 9.21 10.53
CA VAL A 21 6.25 8.29 11.66
C VAL A 21 5.31 7.12 11.36
N ILE A 22 4.48 7.19 10.32
CA ILE A 22 3.46 6.19 10.02
C ILE A 22 4.13 4.85 9.71
N ARG A 23 4.15 3.97 10.71
CA ARG A 23 4.66 2.60 10.58
C ARG A 23 3.64 1.68 9.95
N GLU A 24 2.42 2.15 9.67
CA GLU A 24 1.35 1.29 9.21
C GLU A 24 0.34 2.03 8.37
N ILE A 25 -0.03 1.45 7.23
CA ILE A 25 -1.09 1.96 6.36
C ILE A 25 -1.96 0.79 5.96
N THR A 26 -3.17 0.70 6.47
CA THR A 26 -4.17 -0.21 5.93
C THR A 26 -4.80 0.45 4.69
N VAL A 27 -5.18 -0.34 3.67
CA VAL A 27 -5.77 0.14 2.43
C VAL A 27 -6.89 -0.82 2.06
N GLN A 28 -8.14 -0.36 2.05
CA GLN A 28 -9.23 -1.18 1.51
C GLN A 28 -9.05 -1.36 0.00
N PRO A 29 -9.75 -2.32 -0.62
CA PRO A 29 -9.74 -2.47 -2.07
C PRO A 29 -10.40 -1.26 -2.74
N ASN A 30 -10.12 -1.12 -4.03
CA ASN A 30 -10.75 -0.22 -4.99
C ASN A 30 -10.94 1.20 -4.45
N ILE A 31 -9.85 1.82 -4.00
CA ILE A 31 -9.83 3.14 -3.37
C ILE A 31 -8.55 3.88 -3.78
N GLY A 32 -8.56 4.27 -5.05
CA GLY A 32 -7.63 5.18 -5.69
C GLY A 32 -6.44 4.46 -6.31
N LEU A 33 -5.65 5.19 -7.08
CA LEU A 33 -4.44 4.72 -7.73
C LEU A 33 -3.25 4.78 -6.77
N LEU A 34 -2.47 3.71 -6.72
CA LEU A 34 -1.10 3.75 -6.21
C LEU A 34 -0.25 4.18 -7.41
N TYR A 35 0.48 5.29 -7.30
CA TYR A 35 1.31 5.86 -8.37
C TYR A 35 2.74 6.05 -7.85
N ASP A 36 3.67 6.47 -8.72
CA ASP A 36 5.04 6.78 -8.35
C ASP A 36 5.08 7.96 -7.40
N GLY A 37 6.15 8.06 -6.61
CA GLY A 37 6.45 9.15 -5.67
C GLY A 37 5.45 9.32 -4.52
N MET A 38 4.39 8.51 -4.45
CA MET A 38 3.29 8.61 -3.49
C MET A 38 3.77 8.60 -2.03
N PHE A 39 4.89 7.91 -1.78
CA PHE A 39 5.47 7.73 -0.46
C PHE A 39 6.79 8.50 -0.27
N SER A 40 7.08 9.50 -1.09
CA SER A 40 8.33 10.26 -1.05
C SER A 40 8.55 10.89 0.33
N GLY A 41 9.47 10.30 1.09
CA GLY A 41 9.88 10.78 2.40
C GLY A 41 9.01 10.23 3.53
N CYS A 42 8.34 9.09 3.35
CA CYS A 42 7.78 8.34 4.48
C CYS A 42 8.92 7.66 5.26
N THR A 43 9.62 8.45 6.07
CA THR A 43 10.83 8.10 6.82
C THR A 43 10.58 7.16 8.03
N ALA A 44 9.42 6.49 8.10
CA ALA A 44 9.16 5.44 9.11
C ALA A 44 8.38 4.23 8.58
N LEU A 45 8.07 4.16 7.28
CA LEU A 45 7.15 3.15 6.76
C LEU A 45 7.76 1.76 6.87
N GLU A 46 7.11 0.87 7.61
CA GLU A 46 7.46 -0.54 7.65
C GLU A 46 6.30 -1.44 7.24
N LYS A 47 5.03 -1.16 7.54
CA LYS A 47 3.92 -2.01 7.10
C LYS A 47 2.90 -1.28 6.23
N LEU A 48 2.42 -1.99 5.23
CA LEU A 48 1.20 -1.74 4.47
C LEU A 48 0.34 -2.98 4.70
N ILE A 49 -0.96 -2.82 4.90
CA ILE A 49 -1.91 -3.93 4.96
C ILE A 49 -2.96 -3.64 3.88
N LEU A 50 -3.40 -4.67 3.18
CA LEU A 50 -4.45 -4.62 2.17
C LEU A 50 -5.59 -5.48 2.72
N THR A 51 -6.84 -5.17 2.34
CA THR A 51 -8.03 -5.83 2.87
C THR A 51 -8.85 -6.52 1.77
N GLY A 52 -8.37 -6.56 0.53
CA GLY A 52 -9.10 -7.12 -0.61
C GLY A 52 -8.75 -8.58 -0.85
N GLU A 53 -9.51 -9.27 -1.70
CA GLU A 53 -9.39 -10.72 -1.89
C GLU A 53 -9.14 -11.11 -3.35
N ASP A 54 -8.74 -10.20 -4.23
CA ASP A 54 -8.14 -10.55 -5.53
C ASP A 54 -7.12 -9.48 -5.91
N PRO A 55 -6.09 -9.80 -6.70
CA PRO A 55 -5.05 -8.88 -7.13
C PRO A 55 -5.48 -7.95 -8.27
N SER A 56 -6.69 -8.08 -8.81
CA SER A 56 -7.30 -7.01 -9.60
C SER A 56 -8.17 -6.06 -8.74
N ALA A 57 -8.07 -6.08 -7.40
CA ALA A 57 -8.83 -5.20 -6.52
C ALA A 57 -8.08 -3.88 -6.19
N TYR A 58 -6.84 -3.73 -6.63
CA TYR A 58 -5.99 -2.56 -6.41
C TYR A 58 -5.42 -2.08 -7.73
N SER A 59 -4.71 -0.95 -7.71
CA SER A 59 -3.90 -0.43 -8.80
C SER A 59 -2.44 -0.33 -8.31
N ALA A 60 -1.48 -0.02 -9.20
CA ALA A 60 -0.09 0.34 -8.93
C ALA A 60 0.50 0.75 -10.28
N GLY A 61 0.95 2.00 -10.38
CA GLY A 61 1.86 2.49 -11.37
C GLY A 61 3.20 1.78 -11.24
N ASP A 62 4.12 2.18 -12.10
CA ASP A 62 5.34 1.43 -12.42
C ASP A 62 6.22 1.23 -11.21
N GLY A 63 6.28 2.28 -10.39
CA GLY A 63 7.01 2.36 -9.15
C GLY A 63 6.01 2.44 -8.02
N LEU A 64 5.45 1.30 -7.57
CA LEU A 64 4.58 1.24 -6.39
C LEU A 64 5.27 1.92 -5.22
N ARG A 65 6.55 1.59 -4.99
CA ARG A 65 7.26 1.92 -3.75
C ARG A 65 7.89 3.31 -3.74
N ASP A 66 7.87 4.03 -4.85
CA ASP A 66 8.77 5.14 -5.11
C ASP A 66 8.68 6.15 -3.97
N GLY A 67 9.77 6.27 -3.19
CA GLY A 67 9.91 7.28 -2.16
C GLY A 67 10.07 6.76 -0.73
N ALA A 68 9.81 5.47 -0.48
CA ALA A 68 9.99 4.81 0.83
C ALA A 68 10.38 3.34 0.60
N ASP A 69 10.46 2.51 1.65
CA ASP A 69 10.60 1.06 1.51
C ASP A 69 9.96 0.33 2.70
N PHE A 70 8.74 -0.15 2.49
CA PHE A 70 7.87 -0.80 3.47
C PHE A 70 7.47 -2.20 2.97
N LEU A 71 6.95 -3.03 3.86
CA LEU A 71 6.48 -4.41 3.60
C LEU A 71 4.98 -4.42 3.30
N ILE A 72 4.54 -5.36 2.47
CA ILE A 72 3.14 -5.51 2.06
C ILE A 72 2.56 -6.70 2.81
N CYS A 73 1.44 -6.49 3.50
CA CYS A 73 0.69 -7.54 4.16
C CYS A 73 -0.65 -7.67 3.43
N VAL A 74 -1.12 -8.90 3.25
CA VAL A 74 -2.41 -9.22 2.61
C VAL A 74 -3.11 -10.25 3.50
N PRO A 75 -4.43 -10.44 3.41
CA PRO A 75 -5.10 -11.43 4.25
C PRO A 75 -4.62 -12.81 3.83
N GLU A 76 -4.53 -13.74 4.78
CA GLU A 76 -4.05 -15.10 4.52
C GLU A 76 -4.80 -15.79 3.36
N GLU A 77 -6.07 -15.42 3.16
CA GLU A 77 -6.92 -15.97 2.13
C GLU A 77 -6.53 -15.50 0.73
N ALA A 78 -5.87 -14.33 0.59
CA ALA A 78 -5.50 -13.75 -0.69
C ALA A 78 -4.05 -14.09 -1.10
N LEU A 79 -3.29 -14.79 -0.25
CA LEU A 79 -1.84 -14.87 -0.37
C LEU A 79 -1.37 -15.53 -1.68
N ASP A 80 -1.91 -16.70 -2.02
CA ASP A 80 -1.54 -17.45 -3.23
C ASP A 80 -2.12 -16.78 -4.47
N ARG A 81 -3.35 -16.25 -4.37
CA ARG A 81 -3.98 -15.45 -5.42
C ARG A 81 -3.00 -14.36 -5.87
N TYR A 82 -2.47 -13.59 -4.93
CA TYR A 82 -1.59 -12.47 -5.23
C TYR A 82 -0.24 -12.95 -5.75
N ARG A 83 0.23 -14.13 -5.33
CA ARG A 83 1.40 -14.79 -5.95
C ARG A 83 1.10 -15.33 -7.34
N ARG A 84 -0.16 -15.60 -7.69
CA ARG A 84 -0.59 -16.09 -9.00
C ARG A 84 -0.95 -14.95 -9.95
N ASP A 85 -0.73 -13.69 -9.61
CA ASP A 85 -1.08 -12.59 -10.53
C ASP A 85 -0.01 -12.38 -11.60
N TYR A 86 -0.36 -11.74 -12.72
CA TYR A 86 0.61 -11.39 -13.74
C TYR A 86 1.52 -10.26 -13.27
N PHE A 87 0.95 -9.23 -12.64
CA PHE A 87 1.65 -8.03 -12.24
C PHE A 87 2.10 -8.14 -10.79
N TRP A 88 1.20 -8.44 -9.84
CA TRP A 88 1.56 -8.44 -8.42
C TRP A 88 2.66 -9.46 -8.07
N GLN A 89 2.97 -10.41 -8.96
CA GLN A 89 4.17 -11.23 -8.92
C GLN A 89 5.47 -10.47 -8.71
N THR A 90 5.73 -9.39 -9.45
CA THR A 90 6.99 -8.66 -9.31
C THR A 90 7.24 -8.30 -7.84
N TYR A 91 6.19 -7.83 -7.16
CA TYR A 91 6.24 -7.39 -5.78
C TYR A 91 6.20 -8.53 -4.76
N ALA A 92 6.27 -9.80 -5.17
CA ALA A 92 6.12 -10.96 -4.29
C ALA A 92 7.14 -10.94 -3.17
N ALA A 93 8.35 -10.48 -3.47
CA ALA A 93 9.50 -10.51 -2.58
C ALA A 93 9.31 -9.71 -1.27
N TRP A 94 8.16 -9.04 -1.09
CA TRP A 94 7.83 -8.25 0.08
C TRP A 94 6.38 -8.49 0.54
N ILE A 95 5.69 -9.52 0.04
CA ILE A 95 4.29 -9.80 0.42
C ILE A 95 4.29 -10.89 1.49
N GLN A 96 3.56 -10.67 2.59
CA GLN A 96 3.38 -11.57 3.73
C GLN A 96 1.93 -11.57 4.24
N PRO A 97 1.54 -12.55 5.08
CA PRO A 97 0.27 -12.50 5.78
C PRO A 97 0.18 -11.31 6.76
N MET A 98 -1.07 -10.91 7.00
CA MET A 98 -1.49 -9.91 7.97
C MET A 98 -1.51 -10.54 9.38
N GLU A 99 -1.52 -9.74 10.43
CA GLU A 99 -1.75 -10.18 11.80
C GLU A 99 -3.19 -9.90 12.24
N GLN A 100 -3.47 -10.03 13.55
CA GLN A 100 -4.83 -10.08 14.10
C GLN A 100 -5.15 -8.80 14.84
N GLY A 1 0.95 24.28 3.00
CA GLY A 1 0.47 23.42 4.08
C GLY A 1 -0.88 22.82 3.73
N SER A 2 -0.96 21.51 3.48
CA SER A 2 -2.18 20.78 3.14
C SER A 2 -2.03 19.32 3.59
N HIS A 3 -2.93 18.79 4.43
CA HIS A 3 -2.97 17.39 4.90
C HIS A 3 -4.27 17.17 5.67
N GLU A 4 -4.80 15.95 5.72
CA GLU A 4 -6.06 15.67 6.42
C GLU A 4 -5.83 15.34 7.91
N GLY A 5 -4.91 16.09 8.53
CA GLY A 5 -4.65 16.10 9.97
C GLY A 5 -3.74 14.96 10.40
N GLU A 6 -3.96 13.77 9.85
CA GLU A 6 -3.17 12.58 10.07
C GLU A 6 -3.19 11.73 8.79
N PRO A 7 -2.24 10.81 8.59
CA PRO A 7 -2.08 10.10 7.33
C PRO A 7 -3.10 8.95 7.23
N VAL A 8 -4.20 9.12 6.50
CA VAL A 8 -5.27 8.12 6.32
C VAL A 8 -5.74 8.15 4.87
N VAL A 9 -6.49 7.14 4.40
CA VAL A 9 -6.86 6.96 3.01
C VAL A 9 -8.35 7.24 2.77
N GLY A 10 -8.66 8.11 1.81
CA GLY A 10 -10.00 8.34 1.29
C GLY A 10 -9.93 8.96 -0.09
N MET A 11 -9.60 8.16 -1.12
CA MET A 11 -9.39 8.50 -2.55
C MET A 11 -8.23 9.47 -2.84
N ASP A 12 -7.92 10.38 -1.93
CA ASP A 12 -6.85 11.34 -1.68
C ASP A 12 -5.38 10.87 -1.87
N LYS A 13 -5.07 10.13 -2.94
CA LYS A 13 -3.71 9.60 -3.17
C LYS A 13 -2.76 10.73 -3.60
N SER A 14 -2.39 11.61 -2.67
CA SER A 14 -1.39 12.67 -2.81
C SER A 14 -0.95 13.23 -1.44
N LEU A 15 -1.42 12.71 -0.30
CA LEU A 15 -1.13 13.30 1.02
C LEU A 15 -0.15 12.46 1.84
N PHE A 16 0.11 11.21 1.44
CA PHE A 16 0.68 10.17 2.32
C PHE A 16 2.14 10.46 2.66
N ALA A 17 2.88 11.05 1.70
CA ALA A 17 4.20 11.64 1.87
C ALA A 17 4.20 12.87 2.80
N GLY A 18 3.34 12.89 3.83
CA GLY A 18 3.17 13.99 4.74
C GLY A 18 3.73 13.68 6.13
N ASN A 19 3.51 12.45 6.65
CA ASN A 19 4.08 12.05 7.94
C ASN A 19 5.30 11.16 7.73
N THR A 20 6.18 11.10 8.72
CA THR A 20 7.43 10.34 8.69
C THR A 20 7.48 9.35 9.85
N VAL A 21 6.31 8.97 10.38
CA VAL A 21 6.13 8.20 11.61
C VAL A 21 4.92 7.26 11.42
N ILE A 22 4.51 7.04 10.17
CA ILE A 22 3.49 6.09 9.82
C ILE A 22 4.21 4.77 9.63
N ARG A 23 4.07 3.89 10.62
CA ARG A 23 4.68 2.57 10.69
C ARG A 23 3.66 1.45 10.47
N GLU A 24 2.42 1.78 10.06
CA GLU A 24 1.51 0.88 9.35
C GLU A 24 0.57 1.74 8.51
N ILE A 25 0.10 1.25 7.36
CA ILE A 25 -1.01 1.86 6.62
C ILE A 25 -2.00 0.78 6.27
N THR A 26 -3.23 0.88 6.77
CA THR A 26 -4.30 0.04 6.25
C THR A 26 -4.82 0.73 4.97
N VAL A 27 -4.85 0.00 3.85
CA VAL A 27 -5.46 0.44 2.60
C VAL A 27 -6.55 -0.57 2.27
N GLN A 28 -7.42 -0.16 1.36
CA GLN A 28 -8.67 -0.80 1.05
C GLN A 28 -8.75 -0.95 -0.46
N PRO A 29 -9.54 -1.88 -0.99
CA PRO A 29 -9.59 -2.10 -2.42
C PRO A 29 -10.29 -0.90 -3.09
N ASN A 30 -10.00 -0.71 -4.37
CA ASN A 30 -10.59 0.30 -5.25
C ASN A 30 -10.65 1.73 -4.65
N ILE A 31 -9.65 2.17 -3.88
CA ILE A 31 -9.67 3.46 -3.16
C ILE A 31 -8.58 4.44 -3.64
N GLY A 32 -8.01 4.21 -4.83
CA GLY A 32 -7.14 5.13 -5.55
C GLY A 32 -5.95 4.38 -6.15
N LEU A 33 -5.42 4.85 -7.28
CA LEU A 33 -4.17 4.35 -7.85
C LEU A 33 -3.04 4.73 -6.89
N LEU A 34 -2.20 3.75 -6.55
CA LEU A 34 -0.99 3.93 -5.77
C LEU A 34 0.11 4.48 -6.70
N TYR A 35 0.06 5.78 -7.01
CA TYR A 35 0.81 6.32 -8.15
C TYR A 35 2.30 6.42 -7.84
N ASP A 36 3.08 6.67 -8.88
CA ASP A 36 4.52 6.80 -8.78
C ASP A 36 4.92 8.13 -8.15
N GLY A 37 5.20 8.11 -6.85
CA GLY A 37 5.67 9.24 -6.04
C GLY A 37 4.76 9.56 -4.86
N MET A 38 3.65 8.83 -4.68
CA MET A 38 2.63 9.02 -3.65
C MET A 38 3.18 8.92 -2.22
N PHE A 39 4.13 8.00 -1.98
CA PHE A 39 4.75 7.76 -0.68
C PHE A 39 6.16 8.36 -0.57
N SER A 40 6.56 9.20 -1.52
CA SER A 40 7.92 9.69 -1.64
C SER A 40 8.17 10.64 -0.46
N GLY A 41 8.74 10.12 0.63
CA GLY A 41 8.97 10.84 1.86
C GLY A 41 8.46 10.11 3.10
N CYS A 42 7.76 8.97 2.98
CA CYS A 42 7.34 8.14 4.12
C CYS A 42 8.55 7.36 4.67
N THR A 43 9.48 8.07 5.31
CA THR A 43 10.78 7.56 5.69
C THR A 43 10.75 6.48 6.77
N ALA A 44 9.62 6.24 7.44
CA ALA A 44 9.48 5.24 8.51
C ALA A 44 8.54 4.09 8.09
N LEU A 45 8.29 3.90 6.79
CA LEU A 45 7.31 2.91 6.34
C LEU A 45 7.96 1.53 6.38
N GLU A 46 7.40 0.62 7.17
CA GLU A 46 7.86 -0.75 7.36
C GLU A 46 6.76 -1.78 7.07
N LYS A 47 5.48 -1.39 7.05
CA LYS A 47 4.30 -2.23 6.94
C LYS A 47 3.15 -1.48 6.28
N LEU A 48 2.30 -2.20 5.58
CA LEU A 48 1.11 -1.78 4.88
C LEU A 48 0.19 -2.99 4.92
N ILE A 49 -1.12 -2.79 5.02
CA ILE A 49 -2.10 -3.85 5.21
C ILE A 49 -3.19 -3.60 4.17
N LEU A 50 -3.73 -4.66 3.58
CA LEU A 50 -4.66 -4.54 2.45
C LEU A 50 -5.94 -5.31 2.75
N THR A 51 -7.08 -4.63 2.87
CA THR A 51 -8.37 -5.24 3.23
C THR A 51 -9.11 -5.88 2.04
N GLY A 52 -8.46 -6.05 0.88
CA GLY A 52 -9.09 -6.70 -0.28
C GLY A 52 -8.73 -8.18 -0.31
N GLU A 53 -9.29 -8.93 -1.25
CA GLU A 53 -9.18 -10.38 -1.32
C GLU A 53 -8.82 -10.84 -2.75
N ASP A 54 -8.29 -9.95 -3.59
CA ASP A 54 -7.78 -10.26 -4.94
C ASP A 54 -6.83 -9.13 -5.39
N PRO A 55 -5.76 -9.43 -6.14
CA PRO A 55 -4.85 -8.41 -6.66
C PRO A 55 -5.50 -7.50 -7.71
N SER A 56 -6.53 -7.98 -8.40
CA SER A 56 -7.37 -7.15 -9.27
C SER A 56 -8.15 -6.09 -8.49
N ALA A 57 -8.20 -6.15 -7.15
CA ALA A 57 -8.88 -5.15 -6.34
C ALA A 57 -8.04 -3.88 -6.15
N TYR A 58 -6.83 -3.82 -6.69
CA TYR A 58 -5.89 -2.72 -6.50
C TYR A 58 -5.21 -2.38 -7.83
N SER A 59 -4.47 -1.26 -7.83
CA SER A 59 -3.69 -0.79 -8.95
C SER A 59 -2.57 0.13 -8.44
N ALA A 60 -1.43 0.18 -9.13
CA ALA A 60 -0.22 0.92 -8.81
C ALA A 60 0.39 1.53 -10.06
N GLY A 61 1.19 2.57 -9.86
CA GLY A 61 1.92 3.26 -10.91
C GLY A 61 3.23 2.53 -11.13
N ASP A 62 4.13 3.20 -11.85
CA ASP A 62 5.43 2.63 -12.19
C ASP A 62 6.29 2.43 -10.93
N GLY A 63 6.01 3.19 -9.88
CA GLY A 63 6.72 3.18 -8.61
C GLY A 63 5.74 3.16 -7.45
N LEU A 64 5.09 2.02 -7.22
CA LEU A 64 4.16 1.77 -6.10
C LEU A 64 4.72 2.32 -4.78
N ARG A 65 6.02 2.16 -4.53
CA ARG A 65 6.65 2.52 -3.26
C ARG A 65 7.85 3.47 -3.47
N ASP A 66 7.88 4.23 -4.56
CA ASP A 66 8.97 5.17 -4.85
C ASP A 66 9.23 6.09 -3.66
N GLY A 67 10.46 6.09 -3.13
CA GLY A 67 10.82 6.95 -2.02
C GLY A 67 10.28 6.50 -0.66
N ALA A 68 9.77 5.27 -0.55
CA ALA A 68 9.53 4.54 0.68
C ALA A 68 10.08 3.10 0.50
N ASP A 69 10.05 2.26 1.53
CA ASP A 69 10.57 0.89 1.46
C ASP A 69 9.87 0.00 2.49
N PHE A 70 8.62 -0.39 2.21
CA PHE A 70 7.69 -0.98 3.18
C PHE A 70 7.26 -2.40 2.79
N LEU A 71 6.57 -3.07 3.70
CA LEU A 71 6.09 -4.45 3.58
C LEU A 71 4.57 -4.48 3.52
N ILE A 72 3.98 -5.57 3.04
CA ILE A 72 2.59 -5.70 2.56
C ILE A 72 1.93 -6.95 3.19
N CYS A 73 1.05 -6.77 4.19
CA CYS A 73 0.35 -7.84 4.93
C CYS A 73 -1.05 -8.15 4.36
N VAL A 74 -1.23 -9.27 3.66
CA VAL A 74 -2.48 -9.65 2.98
C VAL A 74 -3.08 -10.88 3.67
N PRO A 75 -4.40 -11.16 3.58
CA PRO A 75 -4.93 -12.34 4.24
C PRO A 75 -4.37 -13.59 3.55
N GLU A 76 -4.26 -14.69 4.29
CA GLU A 76 -3.78 -15.97 3.78
C GLU A 76 -4.63 -16.48 2.60
N GLU A 77 -5.93 -16.15 2.60
CA GLU A 77 -6.85 -16.39 1.52
C GLU A 77 -6.42 -15.71 0.23
N ALA A 78 -5.78 -14.54 0.30
CA ALA A 78 -5.36 -13.78 -0.86
C ALA A 78 -3.90 -14.07 -1.24
N LEU A 79 -3.16 -14.82 -0.42
CA LEU A 79 -1.70 -14.86 -0.50
C LEU A 79 -1.23 -15.39 -1.86
N ASP A 80 -1.74 -16.54 -2.30
CA ASP A 80 -1.31 -17.15 -3.57
C ASP A 80 -1.99 -16.44 -4.76
N ARG A 81 -3.21 -15.93 -4.56
CA ARG A 81 -3.90 -15.02 -5.49
C ARG A 81 -2.97 -13.87 -5.86
N TYR A 82 -2.42 -13.15 -4.88
CA TYR A 82 -1.52 -12.03 -5.11
C TYR A 82 -0.25 -12.49 -5.84
N ARG A 83 0.27 -13.68 -5.51
CA ARG A 83 1.49 -14.21 -6.11
C ARG A 83 1.32 -14.56 -7.58
N ARG A 84 0.11 -14.91 -8.06
CA ARG A 84 -0.13 -15.27 -9.46
C ARG A 84 -0.47 -14.06 -10.33
N ASP A 85 -0.45 -12.84 -9.79
CA ASP A 85 -0.73 -11.61 -10.54
C ASP A 85 0.33 -11.31 -11.60
N TYR A 86 -0.06 -10.69 -12.71
CA TYR A 86 0.84 -10.30 -13.79
C TYR A 86 1.95 -9.35 -13.32
N PHE A 87 1.62 -8.36 -12.48
CA PHE A 87 2.53 -7.29 -12.09
C PHE A 87 3.06 -7.55 -10.69
N TRP A 88 2.18 -7.79 -9.70
CA TRP A 88 2.55 -7.94 -8.29
C TRP A 88 3.51 -9.10 -8.02
N GLN A 89 3.74 -10.01 -8.97
CA GLN A 89 4.85 -10.96 -8.96
C GLN A 89 6.20 -10.36 -8.56
N THR A 90 6.56 -9.20 -9.09
CA THR A 90 7.83 -8.58 -8.70
C THR A 90 7.79 -8.23 -7.20
N TYR A 91 6.71 -7.60 -6.74
CA TYR A 91 6.54 -7.18 -5.36
C TYR A 91 6.28 -8.36 -4.39
N ALA A 92 6.34 -9.62 -4.85
CA ALA A 92 6.06 -10.79 -4.04
C ALA A 92 6.99 -10.88 -2.83
N ALA A 93 8.22 -10.35 -2.98
CA ALA A 93 9.22 -10.31 -1.91
C ALA A 93 8.73 -9.59 -0.66
N TRP A 94 7.68 -8.77 -0.76
CA TRP A 94 7.14 -7.97 0.32
C TRP A 94 5.70 -8.34 0.68
N ILE A 95 5.13 -9.38 0.08
CA ILE A 95 3.74 -9.76 0.33
C ILE A 95 3.78 -10.91 1.33
N GLN A 96 3.63 -10.60 2.62
CA GLN A 96 3.51 -11.59 3.68
C GLN A 96 2.02 -11.82 3.98
N PRO A 97 1.69 -12.93 4.67
CA PRO A 97 0.35 -13.13 5.21
C PRO A 97 0.08 -12.16 6.37
N MET A 98 -1.19 -12.04 6.78
CA MET A 98 -1.61 -11.40 8.02
C MET A 98 -1.58 -12.42 9.16
N GLU A 99 -1.81 -11.93 10.36
CA GLU A 99 -2.10 -12.67 11.59
C GLU A 99 -3.55 -12.36 11.96
N GLN A 100 -3.96 -12.67 13.20
CA GLN A 100 -5.25 -12.28 13.76
C GLN A 100 -4.99 -11.60 15.11
N GLY A 1 -9.26 26.32 1.59
CA GLY A 1 -9.19 24.92 2.00
C GLY A 1 -7.75 24.46 2.04
N SER A 2 -7.19 24.41 3.23
CA SER A 2 -5.90 23.85 3.61
C SER A 2 -6.08 23.38 5.06
N HIS A 3 -4.98 23.07 5.75
CA HIS A 3 -4.99 22.71 7.18
C HIS A 3 -5.90 21.50 7.43
N GLU A 4 -5.90 20.54 6.50
CA GLU A 4 -6.52 19.24 6.64
C GLU A 4 -5.79 18.26 5.72
N GLY A 5 -5.86 16.96 6.02
CA GLY A 5 -5.25 15.89 5.25
C GLY A 5 -4.36 15.03 6.14
N GLU A 6 -4.97 14.08 6.85
CA GLU A 6 -4.31 13.05 7.64
C GLU A 6 -3.88 11.90 6.68
N PRO A 7 -2.74 11.22 6.88
CA PRO A 7 -2.18 10.25 5.92
C PRO A 7 -2.88 8.87 5.98
N VAL A 8 -4.16 8.81 5.64
CA VAL A 8 -4.99 7.63 5.82
C VAL A 8 -5.80 7.37 4.54
N VAL A 9 -6.00 6.09 4.23
CA VAL A 9 -6.77 5.62 3.09
C VAL A 9 -8.24 5.77 3.47
N GLY A 10 -8.81 6.90 3.06
CA GLY A 10 -10.24 7.21 3.01
C GLY A 10 -10.45 8.02 1.74
N MET A 11 -10.62 7.33 0.61
CA MET A 11 -11.11 7.83 -0.67
C MET A 11 -10.39 9.03 -1.32
N ASP A 12 -9.27 9.51 -0.76
CA ASP A 12 -8.47 10.58 -1.38
C ASP A 12 -6.97 10.21 -1.37
N LYS A 13 -6.50 9.47 -2.36
CA LYS A 13 -5.09 9.15 -2.53
C LYS A 13 -4.35 10.38 -3.05
N SER A 14 -4.15 11.37 -2.18
CA SER A 14 -3.35 12.55 -2.44
C SER A 14 -2.61 13.06 -1.20
N LEU A 15 -3.02 12.62 0.00
CA LEU A 15 -2.57 13.10 1.31
C LEU A 15 -1.93 11.92 2.03
N PHE A 16 -0.63 11.69 1.80
CA PHE A 16 0.17 10.68 2.51
C PHE A 16 1.58 11.16 2.81
N ALA A 17 2.28 11.63 1.78
CA ALA A 17 3.64 12.16 1.83
C ALA A 17 3.60 13.52 2.54
N GLY A 18 3.69 13.53 3.87
CA GLY A 18 3.49 14.71 4.67
C GLY A 18 3.79 14.48 6.15
N ASN A 19 3.37 13.33 6.69
CA ASN A 19 3.60 12.97 8.10
C ASN A 19 4.61 11.84 8.18
N THR A 20 5.60 11.97 9.06
CA THR A 20 6.91 11.31 9.00
C THR A 20 7.05 10.09 9.92
N VAL A 21 5.97 9.67 10.58
CA VAL A 21 5.96 8.79 11.76
C VAL A 21 4.88 7.70 11.61
N ILE A 22 4.41 7.47 10.38
CA ILE A 22 3.35 6.54 10.06
C ILE A 22 4.06 5.28 9.59
N ARG A 23 4.33 4.40 10.55
CA ARG A 23 5.01 3.14 10.34
C ARG A 23 4.12 2.16 9.61
N GLU A 24 2.80 2.36 9.57
CA GLU A 24 1.82 1.35 9.19
C GLU A 24 0.76 2.00 8.31
N ILE A 25 0.58 1.56 7.06
CA ILE A 25 -0.48 2.02 6.17
C ILE A 25 -1.43 0.84 5.90
N THR A 26 -2.73 1.07 5.96
CA THR A 26 -3.78 0.10 5.67
C THR A 26 -4.57 0.64 4.46
N VAL A 27 -4.86 -0.17 3.43
CA VAL A 27 -5.48 0.22 2.16
C VAL A 27 -6.63 -0.74 1.84
N GLN A 28 -7.86 -0.25 1.66
CA GLN A 28 -8.97 -1.04 1.15
C GLN A 28 -8.85 -1.14 -0.38
N PRO A 29 -9.57 -2.05 -1.06
CA PRO A 29 -9.56 -2.14 -2.52
C PRO A 29 -10.38 -1.02 -3.17
N ASN A 30 -10.25 -0.89 -4.49
CA ASN A 30 -11.07 -0.04 -5.38
C ASN A 30 -11.21 1.41 -4.90
N ILE A 31 -10.17 1.96 -4.27
CA ILE A 31 -10.23 3.24 -3.59
C ILE A 31 -8.97 4.11 -3.83
N GLY A 32 -8.30 3.91 -4.96
CA GLY A 32 -7.49 4.95 -5.62
C GLY A 32 -6.19 4.43 -6.20
N LEU A 33 -5.60 5.23 -7.09
CA LEU A 33 -4.38 4.88 -7.81
C LEU A 33 -3.18 5.16 -6.91
N LEU A 34 -2.38 4.12 -6.65
CA LEU A 34 -1.11 4.23 -5.95
C LEU A 34 -0.05 4.72 -6.93
N TYR A 35 0.02 6.04 -7.14
CA TYR A 35 1.00 6.66 -8.05
C TYR A 35 2.43 6.55 -7.49
N ASP A 36 3.41 6.82 -8.34
CA ASP A 36 4.83 6.76 -8.00
C ASP A 36 5.20 7.91 -7.08
N GLY A 37 5.79 7.54 -5.94
CA GLY A 37 6.15 8.49 -4.89
C GLY A 37 4.92 8.99 -4.14
N MET A 38 3.84 8.19 -4.05
CA MET A 38 2.79 8.41 -3.05
C MET A 38 3.40 8.45 -1.64
N PHE A 39 4.44 7.65 -1.41
CA PHE A 39 5.10 7.46 -0.11
C PHE A 39 6.48 8.10 -0.07
N SER A 40 6.74 9.09 -0.93
CA SER A 40 8.03 9.78 -0.97
C SER A 40 8.24 10.58 0.30
N GLY A 41 9.31 10.27 1.01
CA GLY A 41 9.74 11.03 2.18
C GLY A 41 9.07 10.54 3.47
N CYS A 42 8.39 9.39 3.47
CA CYS A 42 7.88 8.76 4.68
C CYS A 42 9.07 8.14 5.43
N THR A 43 9.65 8.92 6.35
CA THR A 43 10.94 8.70 7.00
C THR A 43 10.86 7.73 8.19
N ALA A 44 9.67 7.26 8.56
CA ALA A 44 9.51 6.08 9.38
C ALA A 44 8.27 5.33 8.88
N LEU A 45 8.32 4.77 7.68
CA LEU A 45 7.26 3.92 7.09
C LEU A 45 7.81 2.55 6.76
N GLU A 46 7.42 1.51 7.51
CA GLU A 46 7.94 0.16 7.33
C GLU A 46 6.84 -0.91 7.46
N LYS A 47 5.58 -0.64 7.11
CA LYS A 47 4.54 -1.65 6.99
C LYS A 47 3.43 -1.18 6.07
N LEU A 48 2.83 -2.12 5.36
CA LEU A 48 1.64 -1.95 4.54
C LEU A 48 0.71 -3.11 4.85
N ILE A 49 -0.58 -2.89 4.72
CA ILE A 49 -1.63 -3.88 4.94
C ILE A 49 -2.63 -3.68 3.80
N LEU A 50 -3.28 -4.74 3.30
CA LEU A 50 -4.33 -4.66 2.28
C LEU A 50 -5.58 -5.43 2.69
N THR A 51 -6.67 -4.73 3.04
CA THR A 51 -7.94 -5.30 3.43
C THR A 51 -8.86 -5.42 2.21
N GLY A 52 -8.36 -6.14 1.21
CA GLY A 52 -9.07 -6.65 0.04
C GLY A 52 -8.67 -8.11 -0.14
N GLU A 53 -9.28 -8.79 -1.11
CA GLU A 53 -9.25 -10.25 -1.22
C GLU A 53 -8.91 -10.71 -2.65
N ASP A 54 -8.58 -9.80 -3.57
CA ASP A 54 -8.18 -10.14 -4.95
C ASP A 54 -7.14 -9.13 -5.46
N PRO A 55 -6.14 -9.55 -6.26
CA PRO A 55 -5.06 -8.67 -6.71
C PRO A 55 -5.51 -7.62 -7.72
N SER A 56 -6.54 -7.92 -8.52
CA SER A 56 -7.01 -6.97 -9.53
C SER A 56 -7.79 -5.81 -8.89
N ALA A 57 -8.27 -5.96 -7.66
CA ALA A 57 -9.02 -4.96 -6.91
C ALA A 57 -8.17 -3.78 -6.41
N TYR A 58 -6.97 -3.62 -6.94
CA TYR A 58 -6.00 -2.59 -6.62
C TYR A 58 -5.34 -2.12 -7.90
N SER A 59 -4.57 -1.03 -7.83
CA SER A 59 -3.71 -0.55 -8.91
C SER A 59 -2.38 -0.12 -8.30
N ALA A 60 -1.37 0.07 -9.13
CA ALA A 60 -0.15 0.81 -8.84
C ALA A 60 0.33 1.43 -10.16
N GLY A 61 1.22 2.40 -10.07
CA GLY A 61 2.02 2.90 -11.17
C GLY A 61 3.29 2.08 -11.26
N ASP A 62 4.34 2.68 -11.81
CA ASP A 62 5.61 2.00 -12.08
C ASP A 62 6.34 1.62 -10.79
N GLY A 63 6.04 2.30 -9.69
CA GLY A 63 6.78 2.23 -8.44
C GLY A 63 5.82 2.43 -7.28
N LEU A 64 5.06 1.38 -6.96
CA LEU A 64 4.07 1.35 -5.88
C LEU A 64 4.63 1.97 -4.60
N ARG A 65 5.69 1.36 -4.08
CA ARG A 65 6.38 1.76 -2.86
C ARG A 65 7.49 2.77 -3.15
N ASP A 66 7.51 3.41 -4.31
CA ASP A 66 8.59 4.35 -4.62
C ASP A 66 8.63 5.43 -3.54
N GLY A 67 9.83 5.83 -3.14
CA GLY A 67 10.01 6.80 -2.09
C GLY A 67 10.05 6.18 -0.68
N ALA A 68 9.72 4.90 -0.53
CA ALA A 68 9.87 4.10 0.69
C ALA A 68 10.39 2.71 0.32
N ASP A 69 10.48 1.82 1.32
CA ASP A 69 10.78 0.40 1.16
C ASP A 69 10.20 -0.35 2.36
N PHE A 70 9.04 -0.97 2.17
CA PHE A 70 8.26 -1.64 3.21
C PHE A 70 7.71 -2.97 2.69
N LEU A 71 7.13 -3.78 3.58
CA LEU A 71 6.51 -5.08 3.27
C LEU A 71 4.99 -4.95 3.20
N ILE A 72 4.37 -5.81 2.40
CA ILE A 72 2.95 -5.82 2.06
C ILE A 72 2.27 -6.98 2.79
N CYS A 73 1.52 -6.70 3.85
CA CYS A 73 0.67 -7.70 4.51
C CYS A 73 -0.64 -7.85 3.72
N VAL A 74 -1.08 -9.07 3.41
CA VAL A 74 -2.35 -9.40 2.72
C VAL A 74 -2.98 -10.60 3.44
N PRO A 75 -4.30 -10.86 3.34
CA PRO A 75 -4.90 -11.97 4.09
C PRO A 75 -4.50 -13.31 3.49
N GLU A 76 -4.57 -14.39 4.29
CA GLU A 76 -4.06 -15.70 3.90
C GLU A 76 -4.83 -16.33 2.73
N GLU A 77 -6.09 -15.92 2.56
CA GLU A 77 -6.95 -16.30 1.44
C GLU A 77 -6.43 -15.70 0.12
N ALA A 78 -6.02 -14.44 0.16
CA ALA A 78 -5.55 -13.72 -1.02
C ALA A 78 -4.09 -14.08 -1.35
N LEU A 79 -3.42 -14.81 -0.46
CA LEU A 79 -1.99 -15.00 -0.49
C LEU A 79 -1.55 -15.75 -1.76
N ASP A 80 -2.22 -16.84 -2.13
CA ASP A 80 -1.89 -17.55 -3.37
C ASP A 80 -2.41 -16.78 -4.59
N ARG A 81 -3.52 -16.04 -4.41
CA ARG A 81 -4.16 -15.21 -5.43
C ARG A 81 -3.19 -14.16 -5.96
N TYR A 82 -2.65 -13.29 -5.10
CA TYR A 82 -1.72 -12.26 -5.58
C TYR A 82 -0.49 -12.90 -6.22
N ARG A 83 0.02 -13.99 -5.64
CA ARG A 83 1.27 -14.59 -6.10
C ARG A 83 1.14 -15.03 -7.55
N ARG A 84 -0.03 -15.56 -7.90
CA ARG A 84 -0.38 -16.06 -9.22
C ARG A 84 -0.68 -14.94 -10.23
N ASP A 85 -0.62 -13.67 -9.86
CA ASP A 85 -0.99 -12.56 -10.72
C ASP A 85 0.03 -12.34 -11.86
N TYR A 86 -0.30 -11.43 -12.79
CA TYR A 86 0.56 -11.00 -13.90
C TYR A 86 1.41 -9.77 -13.55
N PHE A 87 1.04 -8.96 -12.55
CA PHE A 87 1.80 -7.79 -12.09
C PHE A 87 2.34 -8.03 -10.68
N TRP A 88 1.47 -8.33 -9.70
CA TRP A 88 1.87 -8.49 -8.30
C TRP A 88 2.91 -9.61 -8.09
N GLN A 89 3.16 -10.43 -9.11
CA GLN A 89 4.24 -11.40 -9.24
C GLN A 89 5.62 -10.87 -8.81
N THR A 90 6.15 -9.85 -9.48
CA THR A 90 7.44 -9.24 -9.16
C THR A 90 7.44 -8.77 -7.69
N TYR A 91 6.38 -8.09 -7.25
CA TYR A 91 6.26 -7.58 -5.88
C TYR A 91 6.10 -8.71 -4.82
N ALA A 92 5.96 -9.99 -5.21
CA ALA A 92 5.79 -11.12 -4.30
C ALA A 92 6.96 -11.27 -3.34
N ALA A 93 8.13 -10.73 -3.67
CA ALA A 93 9.30 -10.81 -2.81
C ALA A 93 9.11 -10.11 -1.46
N TRP A 94 8.11 -9.22 -1.32
CA TRP A 94 7.85 -8.47 -0.09
C TRP A 94 6.42 -8.66 0.43
N ILE A 95 5.58 -9.44 -0.27
CA ILE A 95 4.21 -9.68 0.14
C ILE A 95 4.22 -10.83 1.15
N GLN A 96 3.52 -10.70 2.28
CA GLN A 96 3.44 -11.68 3.36
C GLN A 96 2.01 -11.74 3.89
N PRO A 97 1.65 -12.77 4.68
CA PRO A 97 0.35 -12.85 5.33
C PRO A 97 0.13 -11.73 6.36
N MET A 98 -1.10 -11.65 6.84
CA MET A 98 -1.49 -10.83 7.98
C MET A 98 -1.33 -11.64 9.28
N GLU A 99 -1.59 -10.97 10.38
CA GLU A 99 -1.98 -11.54 11.66
C GLU A 99 -3.30 -10.87 12.01
N GLN A 100 -3.94 -11.40 13.05
CA GLN A 100 -5.02 -10.81 13.83
C GLN A 100 -6.32 -10.68 13.06
N GLY A 1 -0.21 23.40 11.60
CA GLY A 1 -0.87 22.09 11.69
C GLY A 1 -2.04 22.17 12.64
N SER A 2 -3.17 22.69 12.15
CA SER A 2 -4.45 22.68 12.84
C SER A 2 -5.55 22.72 11.77
N HIS A 3 -5.73 21.61 11.06
CA HIS A 3 -6.75 21.40 10.04
C HIS A 3 -7.09 19.92 9.96
N GLU A 4 -8.15 19.57 9.21
CA GLU A 4 -8.57 18.20 9.01
C GLU A 4 -7.74 17.64 7.85
N GLY A 5 -6.82 16.70 8.11
CA GLY A 5 -5.89 16.26 7.08
C GLY A 5 -4.74 15.46 7.68
N GLU A 6 -5.08 14.45 8.48
CA GLU A 6 -4.14 13.45 8.98
C GLU A 6 -3.57 12.57 7.84
N PRO A 7 -2.45 11.85 8.08
CA PRO A 7 -1.85 10.94 7.11
C PRO A 7 -2.67 9.65 6.98
N VAL A 8 -3.84 9.71 6.35
CA VAL A 8 -4.77 8.57 6.26
C VAL A 8 -5.49 8.58 4.90
N VAL A 9 -5.70 7.38 4.37
CA VAL A 9 -6.60 7.10 3.26
C VAL A 9 -8.06 7.35 3.66
N GLY A 10 -8.91 7.40 2.64
CA GLY A 10 -10.31 7.72 2.70
C GLY A 10 -10.74 7.72 1.25
N MET A 11 -10.77 8.89 0.59
CA MET A 11 -11.17 9.02 -0.81
C MET A 11 -10.32 10.05 -1.56
N ASP A 12 -9.08 10.28 -1.13
CA ASP A 12 -8.06 10.90 -1.98
C ASP A 12 -6.69 10.32 -1.64
N LYS A 13 -5.68 10.53 -2.50
CA LYS A 13 -4.44 9.75 -2.49
C LYS A 13 -3.11 10.54 -2.48
N SER A 14 -3.04 11.85 -2.27
CA SER A 14 -1.72 12.52 -2.12
C SER A 14 -1.22 12.55 -0.67
N LEU A 15 -2.10 12.32 0.32
CA LEU A 15 -1.99 12.64 1.75
C LEU A 15 -0.95 11.80 2.52
N PHE A 16 0.04 11.21 1.87
CA PHE A 16 0.90 10.16 2.42
C PHE A 16 2.35 10.59 2.47
N ALA A 17 2.78 11.42 1.51
CA ALA A 17 4.10 12.02 1.50
C ALA A 17 4.12 13.24 2.43
N GLY A 18 3.79 13.04 3.71
CA GLY A 18 3.72 14.12 4.68
C GLY A 18 3.94 13.73 6.14
N ASN A 19 3.82 12.45 6.51
CA ASN A 19 4.11 11.97 7.86
C ASN A 19 5.22 10.91 7.85
N THR A 20 6.01 10.88 8.92
CA THR A 20 7.38 10.34 8.95
C THR A 20 7.55 9.31 10.07
N VAL A 21 6.43 8.79 10.59
CA VAL A 21 6.33 8.02 11.83
C VAL A 21 5.13 7.05 11.74
N ILE A 22 4.80 6.62 10.51
CA ILE A 22 3.68 5.78 10.16
C ILE A 22 4.24 4.44 9.68
N ARG A 23 4.28 3.44 10.55
CA ARG A 23 4.81 2.13 10.19
C ARG A 23 3.73 1.23 9.61
N GLU A 24 2.44 1.60 9.66
CA GLU A 24 1.36 0.75 9.19
C GLU A 24 0.35 1.60 8.42
N ILE A 25 -0.11 1.09 7.27
CA ILE A 25 -1.06 1.75 6.40
C ILE A 25 -2.05 0.69 5.90
N THR A 26 -3.26 0.64 6.44
CA THR A 26 -4.24 -0.40 6.12
C THR A 26 -5.13 0.07 4.95
N VAL A 27 -4.81 -0.28 3.71
CA VAL A 27 -5.49 0.23 2.51
C VAL A 27 -6.56 -0.75 2.04
N GLN A 28 -7.76 -0.25 1.86
CA GLN A 28 -8.85 -1.04 1.33
C GLN A 28 -8.72 -1.14 -0.21
N PRO A 29 -9.41 -2.10 -0.84
CA PRO A 29 -9.44 -2.21 -2.30
C PRO A 29 -10.35 -1.16 -2.92
N ASN A 30 -10.20 -0.96 -4.23
CA ASN A 30 -11.02 -0.11 -5.09
C ASN A 30 -11.28 1.27 -4.47
N ILE A 31 -10.23 1.94 -3.99
CA ILE A 31 -10.36 3.18 -3.21
C ILE A 31 -9.37 4.30 -3.59
N GLY A 32 -8.41 4.07 -4.49
CA GLY A 32 -7.73 5.12 -5.24
C GLY A 32 -6.49 4.60 -5.92
N LEU A 33 -6.02 5.29 -6.98
CA LEU A 33 -4.78 4.97 -7.68
C LEU A 33 -3.60 4.98 -6.70
N LEU A 34 -2.51 4.30 -7.06
CA LEU A 34 -1.24 4.31 -6.36
C LEU A 34 -0.12 4.71 -7.34
N TYR A 35 0.07 6.01 -7.60
CA TYR A 35 1.07 6.48 -8.57
C TYR A 35 2.51 6.28 -8.06
N ASP A 36 3.53 6.56 -8.88
CA ASP A 36 4.94 6.50 -8.47
C ASP A 36 5.26 7.68 -7.55
N GLY A 37 5.90 7.38 -6.44
CA GLY A 37 6.26 8.37 -5.45
C GLY A 37 5.10 8.72 -4.51
N MET A 38 3.96 8.04 -4.55
CA MET A 38 2.85 8.26 -3.62
C MET A 38 3.27 8.11 -2.15
N PHE A 39 4.46 7.56 -1.86
CA PHE A 39 4.98 7.31 -0.52
C PHE A 39 6.33 8.04 -0.30
N SER A 40 6.73 8.94 -1.19
CA SER A 40 8.00 9.65 -1.11
C SER A 40 8.03 10.57 0.11
N GLY A 41 8.62 10.13 1.21
CA GLY A 41 8.77 10.89 2.45
C GLY A 41 8.28 10.12 3.67
N CYS A 42 7.67 8.95 3.50
CA CYS A 42 7.20 8.10 4.60
C CYS A 42 8.39 7.41 5.32
N THR A 43 9.31 8.17 5.91
CA THR A 43 10.58 7.69 6.46
C THR A 43 10.44 6.88 7.78
N ALA A 44 9.29 6.23 8.01
CA ALA A 44 9.16 5.13 8.98
C ALA A 44 8.23 4.04 8.45
N LEU A 45 7.93 3.98 7.15
CA LEU A 45 7.00 2.99 6.60
C LEU A 45 7.66 1.61 6.66
N GLU A 46 7.02 0.67 7.36
CA GLU A 46 7.51 -0.70 7.42
C GLU A 46 6.43 -1.72 7.08
N LYS A 47 5.13 -1.38 7.10
CA LYS A 47 4.01 -2.24 6.70
C LYS A 47 2.88 -1.48 6.02
N LEU A 48 2.14 -2.19 5.16
CA LEU A 48 1.01 -1.75 4.38
C LEU A 48 0.08 -2.93 4.36
N ILE A 49 -0.98 -2.87 5.14
CA ILE A 49 -1.94 -3.98 5.22
C ILE A 49 -2.95 -3.72 4.11
N LEU A 50 -3.41 -4.77 3.43
CA LEU A 50 -4.43 -4.63 2.38
C LEU A 50 -5.67 -5.40 2.84
N THR A 51 -6.87 -4.93 2.49
CA THR A 51 -8.14 -5.51 2.95
C THR A 51 -8.98 -6.01 1.76
N GLY A 52 -8.32 -6.38 0.66
CA GLY A 52 -8.96 -6.84 -0.57
C GLY A 52 -8.46 -8.21 -0.94
N GLU A 53 -9.28 -8.99 -1.64
CA GLU A 53 -9.13 -10.44 -1.68
C GLU A 53 -8.66 -10.92 -3.06
N ASP A 54 -8.34 -10.00 -3.96
CA ASP A 54 -7.72 -10.28 -5.26
C ASP A 54 -6.79 -9.12 -5.59
N PRO A 55 -5.65 -9.37 -6.23
CA PRO A 55 -4.74 -8.31 -6.67
C PRO A 55 -5.28 -7.47 -7.84
N SER A 56 -6.36 -7.93 -8.46
CA SER A 56 -7.18 -7.15 -9.40
C SER A 56 -7.75 -5.89 -8.73
N ALA A 57 -7.99 -5.95 -7.41
CA ALA A 57 -8.78 -4.96 -6.68
C ALA A 57 -8.01 -3.66 -6.37
N TYR A 58 -6.87 -3.44 -7.02
CA TYR A 58 -5.95 -2.31 -6.82
C TYR A 58 -5.41 -1.81 -8.18
N SER A 59 -4.50 -0.83 -8.16
CA SER A 59 -3.77 -0.28 -9.30
C SER A 59 -2.36 0.06 -8.84
N ALA A 60 -1.48 0.45 -9.75
CA ALA A 60 -0.24 1.17 -9.47
C ALA A 60 0.12 2.00 -10.71
N GLY A 61 1.09 2.91 -10.59
CA GLY A 61 1.40 3.91 -11.59
C GLY A 61 2.60 3.46 -12.41
N ASP A 62 3.76 4.08 -12.19
CA ASP A 62 5.00 3.75 -12.91
C ASP A 62 5.96 2.97 -12.03
N GLY A 63 5.78 3.07 -10.72
CA GLY A 63 6.14 2.07 -9.74
C GLY A 63 4.92 1.91 -8.86
N LEU A 64 5.12 1.84 -7.55
CA LEU A 64 4.06 1.61 -6.56
C LEU A 64 4.51 2.06 -5.18
N ARG A 65 5.71 1.67 -4.74
CA ARG A 65 6.22 1.95 -3.39
C ARG A 65 7.30 3.03 -3.39
N ASP A 66 7.47 3.72 -4.51
CA ASP A 66 8.62 4.56 -4.82
C ASP A 66 8.81 5.66 -3.78
N GLY A 67 10.07 5.99 -3.52
CA GLY A 67 10.50 6.88 -2.45
C GLY A 67 10.50 6.21 -1.07
N ALA A 68 9.62 5.24 -0.83
CA ALA A 68 9.53 4.47 0.39
C ALA A 68 10.12 3.06 0.18
N ASP A 69 10.00 2.22 1.20
CA ASP A 69 10.47 0.84 1.28
C ASP A 69 9.76 0.21 2.49
N PHE A 70 8.60 -0.41 2.25
CA PHE A 70 7.68 -0.95 3.27
C PHE A 70 7.24 -2.37 2.85
N LEU A 71 6.53 -3.07 3.73
CA LEU A 71 6.02 -4.42 3.45
C LEU A 71 4.53 -4.39 3.13
N ILE A 72 4.01 -5.40 2.43
CA ILE A 72 2.63 -5.53 1.99
C ILE A 72 2.08 -6.81 2.65
N CYS A 73 1.29 -6.66 3.71
CA CYS A 73 0.74 -7.73 4.53
C CYS A 73 -0.72 -8.03 4.14
N VAL A 74 -1.02 -9.17 3.53
CA VAL A 74 -2.30 -9.44 2.87
C VAL A 74 -3.08 -10.54 3.62
N PRO A 75 -4.42 -10.63 3.48
CA PRO A 75 -5.17 -11.64 4.22
C PRO A 75 -4.77 -13.03 3.76
N GLU A 76 -4.80 -14.00 4.68
CA GLU A 76 -4.28 -15.34 4.42
C GLU A 76 -4.96 -15.99 3.21
N GLU A 77 -6.26 -15.76 3.02
CA GLU A 77 -7.02 -16.37 1.93
C GLU A 77 -6.52 -15.83 0.58
N ALA A 78 -6.20 -14.53 0.52
CA ALA A 78 -5.81 -13.86 -0.70
C ALA A 78 -4.34 -14.11 -1.06
N LEU A 79 -3.52 -14.54 -0.10
CA LEU A 79 -2.06 -14.57 -0.17
C LEU A 79 -1.55 -15.16 -1.48
N ASP A 80 -1.99 -16.36 -1.84
CA ASP A 80 -1.49 -17.06 -3.03
C ASP A 80 -2.05 -16.48 -4.34
N ARG A 81 -3.25 -15.90 -4.31
CA ARG A 81 -3.84 -15.11 -5.41
C ARG A 81 -2.96 -13.91 -5.70
N TYR A 82 -2.51 -13.22 -4.65
CA TYR A 82 -1.64 -12.07 -4.78
C TYR A 82 -0.30 -12.48 -5.38
N ARG A 83 0.23 -13.64 -5.00
CA ARG A 83 1.54 -14.11 -5.46
C ARG A 83 1.57 -14.47 -6.95
N ARG A 84 0.46 -14.95 -7.52
CA ARG A 84 0.41 -15.39 -8.92
C ARG A 84 0.18 -14.26 -9.92
N ASP A 85 0.25 -12.99 -9.51
CA ASP A 85 -0.18 -11.87 -10.33
C ASP A 85 0.73 -11.65 -11.55
N TYR A 86 0.26 -10.89 -12.54
CA TYR A 86 1.08 -10.51 -13.69
C TYR A 86 1.85 -9.21 -13.41
N PHE A 87 1.27 -8.25 -12.69
CA PHE A 87 1.97 -7.05 -12.27
C PHE A 87 2.75 -7.38 -11.00
N TRP A 88 2.04 -7.67 -9.90
CA TRP A 88 2.57 -7.67 -8.55
C TRP A 88 3.59 -8.79 -8.27
N GLN A 89 3.84 -9.69 -9.22
CA GLN A 89 4.84 -10.76 -9.21
C GLN A 89 6.18 -10.30 -8.66
N THR A 90 6.74 -9.26 -9.27
CA THR A 90 8.00 -8.65 -8.87
C THR A 90 7.99 -8.29 -7.39
N TYR A 91 6.88 -7.76 -6.88
CA TYR A 91 6.78 -7.33 -5.50
C TYR A 91 6.69 -8.51 -4.51
N ALA A 92 6.79 -9.77 -4.94
CA ALA A 92 6.60 -10.92 -4.05
C ALA A 92 7.59 -10.91 -2.90
N ALA A 93 8.76 -10.29 -3.07
CA ALA A 93 9.74 -10.15 -2.01
C ALA A 93 9.24 -9.34 -0.80
N TRP A 94 8.10 -8.66 -0.91
CA TRP A 94 7.57 -7.82 0.16
C TRP A 94 6.13 -8.23 0.48
N ILE A 95 5.67 -9.42 0.05
CA ILE A 95 4.33 -9.93 0.35
C ILE A 95 4.46 -10.90 1.51
N GLN A 96 3.75 -10.64 2.60
CA GLN A 96 3.58 -11.54 3.74
C GLN A 96 2.09 -11.61 4.12
N PRO A 97 1.67 -12.58 4.94
CA PRO A 97 0.31 -12.59 5.48
C PRO A 97 0.05 -11.42 6.44
N MET A 98 -1.19 -11.28 6.90
CA MET A 98 -1.64 -10.30 7.88
C MET A 98 -1.77 -10.95 9.27
N GLU A 99 -1.87 -10.11 10.30
CA GLU A 99 -2.05 -10.52 11.69
C GLU A 99 -3.01 -9.57 12.41
N GLN A 100 -3.13 -9.80 13.72
CA GLN A 100 -3.68 -8.94 14.74
C GLN A 100 -2.73 -9.09 15.92
N GLY A 1 -6.10 26.66 7.56
CA GLY A 1 -6.49 26.71 8.97
C GLY A 1 -6.27 25.33 9.55
N SER A 2 -7.35 24.63 9.88
CA SER A 2 -7.35 23.30 10.45
C SER A 2 -8.34 22.44 9.65
N HIS A 3 -8.16 21.11 9.66
CA HIS A 3 -9.14 20.10 9.27
C HIS A 3 -8.67 18.75 9.83
N GLU A 4 -9.48 17.71 9.67
CA GLU A 4 -9.22 16.40 10.25
C GLU A 4 -8.55 15.52 9.19
N GLY A 5 -7.31 15.89 8.86
CA GLY A 5 -6.53 15.33 7.77
C GLY A 5 -5.29 14.68 8.32
N GLU A 6 -5.32 13.36 8.43
CA GLU A 6 -4.20 12.49 8.74
C GLU A 6 -3.90 11.58 7.53
N PRO A 7 -2.69 11.01 7.38
CA PRO A 7 -2.17 10.43 6.12
C PRO A 7 -2.71 9.00 5.87
N VAL A 8 -4.03 8.88 5.68
CA VAL A 8 -4.80 7.64 5.70
C VAL A 8 -5.59 7.46 4.40
N VAL A 9 -5.97 6.22 4.08
CA VAL A 9 -6.66 5.85 2.86
C VAL A 9 -8.17 6.16 3.01
N GLY A 10 -8.50 7.45 3.09
CA GLY A 10 -9.86 7.95 3.00
C GLY A 10 -10.14 8.45 1.60
N MET A 11 -10.03 7.56 0.61
CA MET A 11 -10.18 7.81 -0.82
C MET A 11 -9.05 8.63 -1.42
N ASP A 12 -8.76 9.82 -0.92
CA ASP A 12 -7.72 10.73 -1.41
C ASP A 12 -6.35 10.06 -1.44
N LYS A 13 -5.80 9.69 -2.60
CA LYS A 13 -4.41 9.30 -2.80
C LYS A 13 -3.62 10.53 -3.23
N SER A 14 -3.25 11.34 -2.24
CA SER A 14 -2.84 12.72 -2.46
C SER A 14 -2.18 13.35 -1.22
N LEU A 15 -2.35 12.76 -0.02
CA LEU A 15 -2.15 13.45 1.25
C LEU A 15 -1.25 12.65 2.21
N PHE A 16 -0.64 11.55 1.77
CA PHE A 16 0.21 10.69 2.59
C PHE A 16 1.50 11.42 2.94
N ALA A 17 2.31 11.74 1.92
CA ALA A 17 3.63 12.35 2.01
C ALA A 17 3.59 13.61 2.88
N GLY A 18 3.93 13.43 4.15
CA GLY A 18 4.11 14.49 5.11
C GLY A 18 4.48 13.88 6.46
N ASN A 19 3.79 12.79 6.83
CA ASN A 19 4.05 12.12 8.11
C ASN A 19 5.26 11.18 8.00
N THR A 20 6.34 11.51 8.68
CA THR A 20 7.57 10.74 8.79
C THR A 20 7.50 9.66 9.89
N VAL A 21 6.32 9.31 10.42
CA VAL A 21 6.12 8.46 11.59
C VAL A 21 4.84 7.61 11.42
N ILE A 22 4.67 6.99 10.25
CA ILE A 22 3.53 6.12 9.95
C ILE A 22 4.06 4.77 9.49
N ARG A 23 4.31 3.90 10.46
CA ARG A 23 4.86 2.57 10.21
C ARG A 23 3.86 1.67 9.51
N GLU A 24 2.57 1.99 9.57
CA GLU A 24 1.52 1.10 9.13
C GLU A 24 0.46 1.88 8.37
N ILE A 25 0.18 1.42 7.17
CA ILE A 25 -0.80 2.00 6.26
C ILE A 25 -1.65 0.84 5.81
N THR A 26 -2.73 0.56 6.54
CA THR A 26 -3.78 -0.27 5.98
C THR A 26 -4.39 0.47 4.78
N VAL A 27 -4.72 -0.25 3.71
CA VAL A 27 -5.32 0.21 2.47
C VAL A 27 -6.47 -0.74 2.19
N GLN A 28 -7.41 -0.30 1.37
CA GLN A 28 -8.52 -1.06 0.86
C GLN A 28 -8.40 -1.13 -0.66
N PRO A 29 -9.12 -2.04 -1.34
CA PRO A 29 -9.18 -2.03 -2.78
C PRO A 29 -10.08 -0.89 -3.28
N ASN A 30 -10.08 -0.68 -4.61
CA ASN A 30 -10.96 0.25 -5.34
C ASN A 30 -10.97 1.68 -4.78
N ILE A 31 -9.88 2.12 -4.14
CA ILE A 31 -9.81 3.37 -3.38
C ILE A 31 -8.68 4.29 -3.87
N GLY A 32 -7.98 3.90 -4.95
CA GLY A 32 -7.11 4.77 -5.71
C GLY A 32 -5.95 4.03 -6.37
N LEU A 33 -5.21 4.73 -7.22
CA LEU A 33 -4.01 4.25 -7.89
C LEU A 33 -2.82 4.62 -7.02
N LEU A 34 -2.03 3.62 -6.66
CA LEU A 34 -0.73 3.80 -6.02
C LEU A 34 0.26 4.11 -7.14
N TYR A 35 0.66 5.38 -7.24
CA TYR A 35 1.59 5.87 -8.27
C TYR A 35 2.94 6.20 -7.64
N ASP A 36 3.89 6.58 -8.49
CA ASP A 36 5.26 6.92 -8.13
C ASP A 36 5.29 8.20 -7.27
N GLY A 37 5.76 8.09 -6.04
CA GLY A 37 5.94 9.22 -5.14
C GLY A 37 4.66 9.63 -4.43
N MET A 38 3.71 8.72 -4.19
CA MET A 38 2.73 8.89 -3.11
C MET A 38 3.48 8.96 -1.79
N PHE A 39 4.34 7.96 -1.53
CA PHE A 39 4.94 7.74 -0.23
C PHE A 39 6.28 8.48 -0.06
N SER A 40 6.50 9.54 -0.84
CA SER A 40 7.66 10.41 -0.68
C SER A 40 7.78 10.78 0.81
N GLY A 41 8.95 10.50 1.39
CA GLY A 41 9.26 10.92 2.75
C GLY A 41 8.60 10.07 3.84
N CYS A 42 7.99 8.93 3.54
CA CYS A 42 7.53 8.01 4.59
C CYS A 42 8.74 7.25 5.16
N THR A 43 9.61 7.97 5.86
CA THR A 43 10.93 7.55 6.32
C THR A 43 10.86 6.45 7.38
N ALA A 44 9.75 6.38 8.13
CA ALA A 44 9.43 5.33 9.07
C ALA A 44 8.10 4.70 8.68
N LEU A 45 8.06 4.13 7.49
CA LEU A 45 7.02 3.21 7.01
C LEU A 45 7.67 1.83 6.95
N GLU A 46 7.03 0.81 7.53
CA GLU A 46 7.44 -0.58 7.28
C GLU A 46 6.30 -1.50 6.81
N LYS A 47 5.01 -1.18 6.93
CA LYS A 47 3.92 -2.07 6.50
C LYS A 47 2.81 -1.36 5.71
N LEU A 48 2.20 -2.11 4.79
CA LEU A 48 1.12 -1.74 3.89
C LEU A 48 0.15 -2.92 3.86
N ILE A 49 -0.86 -2.90 4.73
CA ILE A 49 -1.81 -4.01 4.83
C ILE A 49 -2.95 -3.74 3.85
N LEU A 50 -3.52 -4.78 3.24
CA LEU A 50 -4.42 -4.67 2.10
C LEU A 50 -5.67 -5.48 2.40
N THR A 51 -6.84 -4.85 2.59
CA THR A 51 -8.07 -5.58 2.93
C THR A 51 -8.64 -6.40 1.76
N GLY A 52 -8.12 -6.30 0.54
CA GLY A 52 -8.82 -6.77 -0.64
C GLY A 52 -8.54 -8.24 -0.88
N GLU A 53 -9.59 -8.98 -1.17
CA GLU A 53 -9.58 -10.43 -1.31
C GLU A 53 -8.94 -10.91 -2.62
N ASP A 54 -8.74 -10.03 -3.60
CA ASP A 54 -8.25 -10.35 -4.94
C ASP A 54 -7.23 -9.29 -5.35
N PRO A 55 -6.17 -9.66 -6.08
CA PRO A 55 -5.16 -8.72 -6.54
C PRO A 55 -5.75 -7.71 -7.53
N SER A 56 -6.68 -8.14 -8.39
CA SER A 56 -7.24 -7.31 -9.46
C SER A 56 -8.08 -6.14 -8.92
N ALA A 57 -8.41 -6.15 -7.63
CA ALA A 57 -9.13 -5.07 -6.96
C ALA A 57 -8.22 -3.85 -6.68
N TYR A 58 -6.91 -3.94 -6.93
CA TYR A 58 -5.88 -2.94 -6.63
C TYR A 58 -5.29 -2.34 -7.92
N SER A 59 -4.37 -1.37 -7.80
CA SER A 59 -3.73 -0.67 -8.92
C SER A 59 -2.44 0.00 -8.43
N ALA A 60 -1.30 -0.29 -9.05
CA ALA A 60 0.04 0.00 -8.51
C ALA A 60 1.02 0.62 -9.54
N GLY A 61 0.57 0.83 -10.76
CA GLY A 61 1.30 1.40 -11.90
C GLY A 61 2.70 0.79 -12.07
N ASP A 62 3.72 1.55 -11.64
CA ASP A 62 5.16 1.23 -11.73
C ASP A 62 5.91 1.73 -10.49
N GLY A 63 5.24 2.49 -9.61
CA GLY A 63 5.87 3.31 -8.58
C GLY A 63 5.25 3.13 -7.21
N LEU A 64 4.64 1.96 -6.97
CA LEU A 64 3.97 1.63 -5.74
C LEU A 64 4.82 1.99 -4.54
N ARG A 65 6.06 1.49 -4.49
CA ARG A 65 6.98 1.84 -3.43
C ARG A 65 8.04 2.73 -4.06
N ASP A 66 7.66 3.98 -4.31
CA ASP A 66 8.57 5.00 -4.82
C ASP A 66 8.52 6.17 -3.85
N GLY A 67 9.67 6.59 -3.33
CA GLY A 67 9.75 7.57 -2.25
C GLY A 67 9.78 6.91 -0.87
N ALA A 68 9.48 5.62 -0.79
CA ALA A 68 9.62 4.76 0.38
C ALA A 68 9.81 3.32 -0.10
N ASP A 69 10.13 2.42 0.84
CA ASP A 69 10.21 0.99 0.68
C ASP A 69 9.65 0.42 1.98
N PHE A 70 8.50 -0.20 1.85
CA PHE A 70 7.65 -0.74 2.91
C PHE A 70 7.39 -2.23 2.63
N LEU A 71 6.62 -2.91 3.45
CA LEU A 71 6.27 -4.33 3.30
C LEU A 71 4.78 -4.43 3.00
N ILE A 72 4.34 -5.50 2.33
CA ILE A 72 2.97 -5.64 1.88
C ILE A 72 2.36 -6.85 2.58
N CYS A 73 1.17 -6.68 3.16
CA CYS A 73 0.52 -7.69 3.99
C CYS A 73 -0.88 -7.91 3.46
N VAL A 74 -1.27 -9.15 3.19
CA VAL A 74 -2.57 -9.51 2.63
C VAL A 74 -3.23 -10.56 3.52
N PRO A 75 -4.56 -10.71 3.51
CA PRO A 75 -5.20 -11.76 4.27
C PRO A 75 -4.80 -13.12 3.70
N GLU A 76 -4.82 -14.17 4.54
CA GLU A 76 -4.37 -15.50 4.13
C GLU A 76 -5.18 -16.05 2.95
N GLU A 77 -6.47 -15.73 2.83
CA GLU A 77 -7.32 -16.19 1.75
C GLU A 77 -6.79 -15.69 0.40
N ALA A 78 -6.29 -14.45 0.41
CA ALA A 78 -5.82 -13.76 -0.78
C ALA A 78 -4.33 -14.02 -1.03
N LEU A 79 -3.61 -14.70 -0.13
CA LEU A 79 -2.15 -14.72 -0.12
C LEU A 79 -1.57 -15.41 -1.36
N ASP A 80 -1.88 -16.69 -1.55
CA ASP A 80 -1.50 -17.46 -2.74
C ASP A 80 -2.14 -16.84 -3.98
N ARG A 81 -3.35 -16.33 -3.84
CA ARG A 81 -4.10 -15.59 -4.86
C ARG A 81 -3.27 -14.45 -5.46
N TYR A 82 -2.78 -13.52 -4.64
CA TYR A 82 -1.95 -12.39 -5.05
C TYR A 82 -0.63 -12.90 -5.62
N ARG A 83 -0.02 -13.89 -4.97
CA ARG A 83 1.21 -14.50 -5.48
C ARG A 83 1.00 -15.00 -6.92
N ARG A 84 -0.16 -15.56 -7.22
CA ARG A 84 -0.55 -16.09 -8.52
C ARG A 84 -1.02 -15.02 -9.52
N ASP A 85 -0.92 -13.72 -9.22
CA ASP A 85 -1.22 -12.68 -10.18
C ASP A 85 -0.25 -12.72 -11.37
N TYR A 86 -0.49 -11.88 -12.35
CA TYR A 86 0.46 -11.51 -13.39
C TYR A 86 1.50 -10.51 -12.85
N PHE A 87 1.07 -9.34 -12.39
CA PHE A 87 1.95 -8.23 -12.02
C PHE A 87 2.54 -8.49 -10.65
N TRP A 88 1.70 -8.68 -9.62
CA TRP A 88 2.12 -8.73 -8.20
C TRP A 88 3.19 -9.77 -7.89
N GLN A 89 3.40 -10.74 -8.77
CA GLN A 89 4.56 -11.62 -8.79
C GLN A 89 5.89 -10.90 -8.59
N THR A 90 6.11 -9.79 -9.29
CA THR A 90 7.39 -9.09 -9.20
C THR A 90 7.58 -8.50 -7.78
N TYR A 91 6.50 -8.11 -7.10
CA TYR A 91 6.55 -7.60 -5.73
C TYR A 91 6.55 -8.75 -4.70
N ALA A 92 6.61 -10.02 -5.11
CA ALA A 92 6.56 -11.17 -4.21
C ALA A 92 7.82 -11.34 -3.39
N ALA A 93 8.78 -10.42 -3.48
CA ALA A 93 9.90 -10.36 -2.54
C ALA A 93 9.49 -9.73 -1.19
N TRP A 94 8.29 -9.17 -1.05
CA TRP A 94 7.89 -8.35 0.11
C TRP A 94 6.45 -8.63 0.59
N ILE A 95 5.82 -9.72 0.14
CA ILE A 95 4.44 -10.05 0.50
C ILE A 95 4.51 -10.95 1.74
N GLN A 96 3.63 -10.74 2.70
CA GLN A 96 3.39 -11.69 3.79
C GLN A 96 1.88 -11.79 4.05
N PRO A 97 1.43 -12.82 4.79
CA PRO A 97 0.10 -12.84 5.36
C PRO A 97 -0.03 -11.75 6.44
N MET A 98 -1.26 -11.43 6.83
CA MET A 98 -1.57 -10.38 7.78
C MET A 98 -1.57 -10.95 9.21
N GLU A 99 -1.52 -10.11 10.25
CA GLU A 99 -1.58 -10.52 11.66
C GLU A 99 -2.15 -9.38 12.53
N GLN A 100 -2.40 -9.66 13.83
CA GLN A 100 -2.50 -8.62 14.85
C GLN A 100 -1.12 -8.16 15.25
N GLY A 1 -3.74 25.23 10.74
CA GLY A 1 -3.98 24.95 12.16
C GLY A 1 -5.38 24.41 12.39
N SER A 2 -5.55 23.09 12.38
CA SER A 2 -6.71 22.40 12.93
C SER A 2 -6.21 21.09 13.55
N HIS A 3 -7.06 20.40 14.31
CA HIS A 3 -6.68 19.27 15.14
C HIS A 3 -7.16 17.96 14.53
N GLU A 4 -7.11 17.82 13.20
CA GLU A 4 -7.66 16.66 12.53
C GLU A 4 -6.95 16.45 11.18
N GLY A 5 -7.09 15.28 10.57
CA GLY A 5 -6.49 14.95 9.27
C GLY A 5 -5.14 14.24 9.43
N GLU A 6 -5.17 12.95 9.74
CA GLU A 6 -3.97 12.10 9.73
C GLU A 6 -3.61 11.68 8.30
N PRO A 7 -2.38 11.17 8.10
CA PRO A 7 -2.03 10.39 6.92
C PRO A 7 -2.88 9.09 6.96
N VAL A 8 -3.87 8.97 6.09
CA VAL A 8 -4.70 7.77 5.94
C VAL A 8 -5.23 7.69 4.51
N VAL A 9 -5.72 6.52 4.14
CA VAL A 9 -6.59 6.33 2.99
C VAL A 9 -7.98 6.89 3.39
N GLY A 10 -8.17 8.21 3.37
CA GLY A 10 -9.48 8.83 3.15
C GLY A 10 -9.75 8.76 1.64
N MET A 11 -10.75 9.47 1.10
CA MET A 11 -11.01 9.43 -0.34
C MET A 11 -9.76 9.78 -1.19
N ASP A 12 -9.09 10.91 -0.98
CA ASP A 12 -8.20 11.46 -2.02
C ASP A 12 -6.80 10.89 -1.85
N LYS A 13 -6.32 10.09 -2.79
CA LYS A 13 -4.97 9.51 -2.73
C LYS A 13 -3.97 10.55 -3.20
N SER A 14 -3.47 11.38 -2.28
CA SER A 14 -2.47 12.40 -2.59
C SER A 14 -1.62 12.81 -1.39
N LEU A 15 -1.86 12.28 -0.19
CA LEU A 15 -1.59 12.98 1.07
C LEU A 15 -0.70 12.17 2.02
N PHE A 16 0.11 11.25 1.48
CA PHE A 16 0.81 10.20 2.23
C PHE A 16 2.29 10.53 2.43
N ALA A 17 2.94 11.14 1.43
CA ALA A 17 4.30 11.63 1.48
C ALA A 17 4.46 12.90 2.33
N GLY A 18 3.61 13.07 3.34
CA GLY A 18 3.59 14.24 4.19
C GLY A 18 3.92 13.94 5.64
N ASN A 19 3.79 12.71 6.15
CA ASN A 19 4.17 12.44 7.54
C ASN A 19 5.15 11.27 7.63
N THR A 20 6.35 11.52 8.12
CA THR A 20 7.49 10.61 8.22
C THR A 20 7.34 9.55 9.33
N VAL A 21 6.13 9.29 9.86
CA VAL A 21 5.97 8.68 11.19
C VAL A 21 4.83 7.64 11.20
N ILE A 22 4.24 7.34 10.04
CA ILE A 22 3.16 6.38 9.90
C ILE A 22 3.77 5.03 9.58
N ARG A 23 3.98 4.24 10.63
CA ARG A 23 4.57 2.90 10.51
C ARG A 23 3.59 1.88 9.96
N GLU A 24 2.29 2.17 9.91
CA GLU A 24 1.29 1.20 9.49
C GLU A 24 0.23 1.89 8.65
N ILE A 25 -0.15 1.26 7.53
CA ILE A 25 -1.13 1.78 6.58
C ILE A 25 -2.10 0.65 6.20
N THR A 26 -3.20 0.52 6.92
CA THR A 26 -4.33 -0.29 6.47
C THR A 26 -4.94 0.38 5.21
N VAL A 27 -5.37 -0.40 4.21
CA VAL A 27 -6.07 0.09 3.01
C VAL A 27 -7.27 -0.83 2.69
N GLN A 28 -8.17 -0.41 1.78
CA GLN A 28 -9.26 -1.21 1.23
C GLN A 28 -9.04 -1.44 -0.28
N PRO A 29 -9.72 -2.41 -0.91
CA PRO A 29 -9.65 -2.61 -2.35
C PRO A 29 -10.30 -1.45 -3.08
N ASN A 30 -9.87 -1.21 -4.31
CA ASN A 30 -10.41 -0.21 -5.25
C ASN A 30 -10.67 1.13 -4.56
N ILE A 31 -9.63 1.80 -4.06
CA ILE A 31 -9.75 3.06 -3.31
C ILE A 31 -8.61 4.01 -3.71
N GLY A 32 -8.53 4.26 -5.01
CA GLY A 32 -7.63 5.22 -5.64
C GLY A 32 -6.25 4.64 -5.89
N LEU A 33 -5.44 5.41 -6.60
CA LEU A 33 -4.30 4.92 -7.36
C LEU A 33 -2.98 5.23 -6.69
N LEU A 34 -2.18 4.17 -6.63
CA LEU A 34 -0.85 4.15 -6.06
C LEU A 34 0.13 4.62 -7.13
N TYR A 35 0.05 5.90 -7.51
CA TYR A 35 0.98 6.48 -8.48
C TYR A 35 2.39 6.51 -7.89
N ASP A 36 3.37 6.68 -8.78
CA ASP A 36 4.78 6.76 -8.44
C ASP A 36 5.08 8.16 -7.89
N GLY A 37 5.35 8.22 -6.58
CA GLY A 37 5.69 9.41 -5.84
C GLY A 37 4.80 9.62 -4.61
N MET A 38 3.66 8.93 -4.52
CA MET A 38 2.65 9.04 -3.46
C MET A 38 3.25 8.92 -2.06
N PHE A 39 4.30 8.11 -1.92
CA PHE A 39 4.98 7.81 -0.65
C PHE A 39 6.43 8.31 -0.62
N SER A 40 6.89 9.10 -1.59
CA SER A 40 8.26 9.60 -1.63
C SER A 40 8.47 10.52 -0.42
N GLY A 41 9.14 10.00 0.63
CA GLY A 41 9.34 10.70 1.90
C GLY A 41 8.80 9.94 3.11
N CYS A 42 8.16 8.78 2.95
CA CYS A 42 7.72 7.97 4.10
C CYS A 42 8.94 7.22 4.67
N THR A 43 9.77 7.90 5.45
CA THR A 43 11.04 7.41 5.96
C THR A 43 10.87 6.30 7.02
N ALA A 44 9.72 6.26 7.70
CA ALA A 44 9.42 5.32 8.78
C ALA A 44 8.18 4.51 8.40
N LEU A 45 8.10 4.02 7.16
CA LEU A 45 7.01 3.16 6.73
C LEU A 45 7.50 1.73 6.81
N GLU A 46 7.00 0.94 7.75
CA GLU A 46 7.40 -0.45 7.84
C GLU A 46 6.30 -1.44 7.47
N LYS A 47 5.02 -1.05 7.54
CA LYS A 47 3.91 -1.97 7.37
C LYS A 47 2.75 -1.34 6.63
N LEU A 48 1.99 -2.17 5.92
CA LEU A 48 0.79 -1.87 5.18
C LEU A 48 -0.05 -3.14 5.21
N ILE A 49 -1.35 -3.01 5.34
CA ILE A 49 -2.30 -4.12 5.31
C ILE A 49 -3.29 -3.79 4.18
N LEU A 50 -3.93 -4.81 3.59
CA LEU A 50 -5.00 -4.62 2.62
C LEU A 50 -6.22 -5.45 3.04
N THR A 51 -7.42 -4.84 3.12
CA THR A 51 -8.68 -5.53 3.41
C THR A 51 -9.33 -6.00 2.09
N GLY A 52 -8.52 -6.47 1.13
CA GLY A 52 -8.95 -6.96 -0.16
C GLY A 52 -8.22 -8.25 -0.50
N GLU A 53 -8.79 -9.02 -1.42
CA GLU A 53 -8.54 -10.46 -1.53
C GLU A 53 -8.05 -10.85 -2.92
N ASP A 54 -7.78 -9.90 -3.82
CA ASP A 54 -7.34 -10.21 -5.18
C ASP A 54 -6.49 -9.07 -5.74
N PRO A 55 -5.45 -9.35 -6.55
CA PRO A 55 -4.56 -8.32 -7.09
C PRO A 55 -5.25 -7.38 -8.07
N SER A 56 -6.25 -7.87 -8.80
CA SER A 56 -7.05 -7.05 -9.70
C SER A 56 -8.07 -6.19 -8.94
N ALA A 57 -8.21 -6.35 -7.62
CA ALA A 57 -8.94 -5.41 -6.76
C ALA A 57 -8.06 -4.20 -6.37
N TYR A 58 -6.83 -4.11 -6.89
CA TYR A 58 -5.91 -3.02 -6.61
C TYR A 58 -5.27 -2.51 -7.89
N SER A 59 -4.66 -1.33 -7.77
CA SER A 59 -3.91 -0.65 -8.80
C SER A 59 -2.59 -0.14 -8.19
N ALA A 60 -1.70 0.35 -9.04
CA ALA A 60 -0.37 0.93 -8.80
C ALA A 60 0.07 1.42 -10.19
N GLY A 61 1.29 1.97 -10.28
CA GLY A 61 1.89 2.48 -11.49
C GLY A 61 3.32 1.97 -11.57
N ASP A 62 4.22 2.77 -12.12
CA ASP A 62 5.60 2.38 -12.39
C ASP A 62 6.48 2.35 -11.14
N GLY A 63 5.92 2.69 -9.97
CA GLY A 63 6.66 2.74 -8.73
C GLY A 63 5.74 2.89 -7.53
N LEU A 64 5.04 1.81 -7.16
CA LEU A 64 4.09 1.75 -6.02
C LEU A 64 4.73 2.46 -4.82
N ARG A 65 6.03 2.26 -4.56
CA ARG A 65 6.75 2.75 -3.39
C ARG A 65 7.98 3.57 -3.79
N ASP A 66 7.93 4.33 -4.88
CA ASP A 66 9.00 5.26 -5.21
C ASP A 66 9.27 6.16 -3.98
N GLY A 67 10.51 6.14 -3.46
CA GLY A 67 10.91 6.94 -2.32
C GLY A 67 10.45 6.42 -0.96
N ALA A 68 9.93 5.19 -0.86
CA ALA A 68 9.65 4.48 0.39
C ALA A 68 10.07 3.02 0.27
N ASP A 69 10.00 2.26 1.36
CA ASP A 69 10.31 0.84 1.39
C ASP A 69 9.60 0.23 2.61
N PHE A 70 8.40 -0.33 2.40
CA PHE A 70 7.51 -0.84 3.46
C PHE A 70 6.99 -2.26 3.13
N LEU A 71 6.36 -2.92 4.09
CA LEU A 71 5.91 -4.32 3.98
C LEU A 71 4.39 -4.41 3.76
N ILE A 72 3.91 -5.38 3.01
CA ILE A 72 2.52 -5.57 2.55
C ILE A 72 1.95 -6.85 3.20
N CYS A 73 0.78 -6.78 3.83
CA CYS A 73 0.13 -7.86 4.58
C CYS A 73 -1.27 -8.17 4.05
N VAL A 74 -1.46 -9.32 3.39
CA VAL A 74 -2.72 -9.72 2.75
C VAL A 74 -3.35 -10.86 3.55
N PRO A 75 -4.65 -11.15 3.42
CA PRO A 75 -5.21 -12.34 4.04
C PRO A 75 -4.54 -13.57 3.42
N GLU A 76 -4.18 -14.57 4.22
CA GLU A 76 -3.46 -15.74 3.72
C GLU A 76 -4.19 -16.42 2.55
N GLU A 77 -5.52 -16.35 2.54
CA GLU A 77 -6.36 -17.03 1.58
C GLU A 77 -6.12 -16.42 0.17
N ALA A 78 -5.84 -15.13 0.12
CA ALA A 78 -5.48 -14.40 -1.10
C ALA A 78 -3.97 -14.43 -1.37
N LEU A 79 -3.13 -15.02 -0.51
CA LEU A 79 -1.68 -14.81 -0.61
C LEU A 79 -1.10 -15.30 -1.94
N ASP A 80 -1.42 -16.54 -2.31
CA ASP A 80 -0.97 -17.10 -3.60
C ASP A 80 -1.60 -16.36 -4.77
N ARG A 81 -2.83 -15.88 -4.56
CA ARG A 81 -3.65 -15.12 -5.49
C ARG A 81 -2.92 -13.86 -5.93
N TYR A 82 -2.50 -13.02 -4.98
CA TYR A 82 -1.67 -11.85 -5.25
C TYR A 82 -0.33 -12.26 -5.88
N ARG A 83 0.33 -13.27 -5.32
CA ARG A 83 1.66 -13.68 -5.79
C ARG A 83 1.70 -14.06 -7.26
N ARG A 84 0.66 -14.73 -7.74
CA ARG A 84 0.56 -15.19 -9.12
C ARG A 84 0.21 -14.06 -10.09
N ASP A 85 0.03 -12.82 -9.64
CA ASP A 85 -0.40 -11.73 -10.50
C ASP A 85 0.63 -11.44 -11.59
N TYR A 86 0.22 -10.70 -12.61
CA TYR A 86 1.04 -10.32 -13.75
C TYR A 86 1.68 -8.92 -13.60
N PHE A 87 1.64 -8.40 -12.39
CA PHE A 87 2.18 -7.10 -11.98
C PHE A 87 2.70 -7.16 -10.55
N TRP A 88 1.89 -7.50 -9.55
CA TRP A 88 2.28 -7.57 -8.12
C TRP A 88 3.38 -8.62 -7.87
N GLN A 89 3.70 -9.43 -8.87
CA GLN A 89 4.79 -10.43 -8.92
C GLN A 89 6.13 -9.92 -8.34
N THR A 90 6.68 -8.87 -8.94
CA THR A 90 7.90 -8.19 -8.49
C THR A 90 7.81 -7.89 -6.98
N TYR A 91 6.69 -7.27 -6.59
CA TYR A 91 6.42 -6.80 -5.25
C TYR A 91 6.15 -7.96 -4.26
N ALA A 92 6.14 -9.22 -4.70
CA ALA A 92 5.88 -10.39 -3.87
C ALA A 92 6.91 -10.55 -2.77
N ALA A 93 8.11 -10.00 -2.95
CA ALA A 93 9.18 -10.19 -1.98
C ALA A 93 8.82 -9.63 -0.59
N TRP A 94 7.87 -8.69 -0.51
CA TRP A 94 7.46 -8.00 0.70
C TRP A 94 5.99 -8.31 1.05
N ILE A 95 5.37 -9.27 0.38
CA ILE A 95 3.97 -9.64 0.61
C ILE A 95 3.98 -10.85 1.55
N GLN A 96 3.45 -10.68 2.77
CA GLN A 96 3.26 -11.76 3.75
C GLN A 96 1.76 -11.95 4.03
N PRO A 97 1.37 -13.09 4.63
CA PRO A 97 0.02 -13.25 5.16
C PRO A 97 -0.18 -12.36 6.40
N MET A 98 -1.43 -12.17 6.77
CA MET A 98 -1.90 -11.48 7.96
C MET A 98 -1.73 -12.34 9.23
N GLU A 99 -2.28 -11.88 10.35
CA GLU A 99 -2.49 -12.63 11.59
C GLU A 99 -3.96 -13.09 11.67
N GLN A 100 -4.33 -13.73 12.78
CA GLN A 100 -5.67 -14.15 13.18
C GLN A 100 -5.77 -13.85 14.67
N GLY A 1 -9.31 25.82 6.88
CA GLY A 1 -9.21 25.58 8.32
C GLY A 1 -10.13 24.44 8.67
N SER A 2 -9.57 23.32 9.13
CA SER A 2 -10.30 22.07 9.32
C SER A 2 -9.70 21.31 10.53
N HIS A 3 -10.06 20.04 10.71
CA HIS A 3 -9.61 19.18 11.79
C HIS A 3 -9.27 17.81 11.20
N GLU A 4 -8.49 17.82 10.11
CA GLU A 4 -8.11 16.63 9.39
C GLU A 4 -6.75 16.86 8.71
N GLY A 5 -6.01 15.77 8.49
CA GLY A 5 -4.67 15.78 7.90
C GLY A 5 -3.79 14.63 8.36
N GLU A 6 -4.31 13.67 9.15
CA GLU A 6 -3.63 12.43 9.42
C GLU A 6 -3.45 11.69 8.06
N PRO A 7 -2.33 10.98 7.86
CA PRO A 7 -1.94 10.39 6.58
C PRO A 7 -2.67 9.07 6.25
N VAL A 8 -3.98 9.14 6.02
CA VAL A 8 -4.82 7.95 5.87
C VAL A 8 -5.53 7.95 4.52
N VAL A 9 -5.61 6.79 3.89
CA VAL A 9 -6.32 6.62 2.63
C VAL A 9 -7.80 6.99 2.81
N GLY A 10 -8.29 7.93 2.00
CA GLY A 10 -9.69 8.35 1.98
C GLY A 10 -10.04 8.87 0.60
N MET A 11 -10.03 7.98 -0.40
CA MET A 11 -10.22 8.23 -1.84
C MET A 11 -9.17 9.15 -2.46
N ASP A 12 -8.97 10.35 -1.93
CA ASP A 12 -7.80 11.18 -2.21
C ASP A 12 -6.57 10.37 -1.82
N LYS A 13 -5.76 10.03 -2.82
CA LYS A 13 -4.46 9.44 -2.64
C LYS A 13 -3.39 10.51 -2.90
N SER A 14 -2.99 11.26 -1.86
CA SER A 14 -1.67 11.89 -1.76
C SER A 14 -1.21 12.12 -0.31
N LEU A 15 -2.11 12.05 0.68
CA LEU A 15 -1.89 12.53 2.05
C LEU A 15 -0.80 11.78 2.85
N PHE A 16 -0.20 10.73 2.29
CA PHE A 16 0.75 9.87 2.98
C PHE A 16 2.06 10.61 3.19
N ALA A 17 2.62 11.21 2.13
CA ALA A 17 3.92 11.89 2.15
C ALA A 17 3.92 13.20 2.94
N GLY A 18 2.86 13.42 3.72
CA GLY A 18 2.66 14.54 4.61
C GLY A 18 2.74 14.15 6.08
N ASN A 19 3.08 12.90 6.40
CA ASN A 19 3.64 12.56 7.71
C ASN A 19 4.88 11.69 7.53
N THR A 20 5.69 11.63 8.57
CA THR A 20 7.07 11.18 8.57
C THR A 20 7.29 9.96 9.48
N VAL A 21 6.24 9.53 10.20
CA VAL A 21 6.33 8.70 11.40
C VAL A 21 5.24 7.60 11.36
N ILE A 22 4.43 7.56 10.29
CA ILE A 22 3.41 6.57 10.04
C ILE A 22 4.06 5.24 9.68
N ARG A 23 4.19 4.32 10.63
CA ARG A 23 4.82 3.02 10.40
C ARG A 23 3.88 2.05 9.68
N GLU A 24 2.62 2.40 9.42
CA GLU A 24 1.59 1.45 9.02
C GLU A 24 0.52 2.10 8.16
N ILE A 25 0.07 1.44 7.10
CA ILE A 25 -0.94 1.92 6.18
C ILE A 25 -1.80 0.73 5.72
N THR A 26 -3.00 0.57 6.27
CA THR A 26 -3.96 -0.43 5.81
C THR A 26 -4.75 0.16 4.65
N VAL A 27 -4.32 -0.11 3.42
CA VAL A 27 -5.04 0.26 2.21
C VAL A 27 -6.12 -0.79 1.93
N GLN A 28 -7.24 -0.39 1.35
CA GLN A 28 -8.32 -1.28 0.91
C GLN A 28 -8.32 -1.28 -0.62
N PRO A 29 -8.98 -2.25 -1.27
CA PRO A 29 -9.11 -2.28 -2.71
C PRO A 29 -9.98 -1.09 -3.14
N ASN A 30 -10.00 -0.83 -4.45
CA ASN A 30 -10.93 0.07 -5.12
C ASN A 30 -10.89 1.55 -4.70
N ILE A 31 -10.13 1.95 -3.68
CA ILE A 31 -10.14 3.30 -3.07
C ILE A 31 -8.98 4.18 -3.57
N GLY A 32 -8.84 4.34 -4.88
CA GLY A 32 -7.82 5.18 -5.51
C GLY A 32 -6.55 4.40 -5.83
N LEU A 33 -5.67 4.98 -6.64
CA LEU A 33 -4.47 4.36 -7.22
C LEU A 33 -3.33 4.22 -6.19
N LEU A 34 -2.29 3.43 -6.47
CA LEU A 34 -1.05 3.39 -5.68
C LEU A 34 0.10 3.82 -6.57
N TYR A 35 0.14 5.12 -6.84
CA TYR A 35 1.02 5.70 -7.84
C TYR A 35 2.42 5.98 -7.27
N ASP A 36 3.35 6.33 -8.16
CA ASP A 36 4.75 6.50 -7.79
C ASP A 36 4.94 7.79 -7.00
N GLY A 37 5.94 7.77 -6.13
CA GLY A 37 6.33 8.90 -5.31
C GLY A 37 5.35 9.20 -4.17
N MET A 38 4.23 8.46 -4.04
CA MET A 38 3.20 8.76 -3.07
C MET A 38 3.67 8.68 -1.61
N PHE A 39 4.86 8.14 -1.34
CA PHE A 39 5.40 7.91 -0.01
C PHE A 39 6.73 8.64 0.20
N SER A 40 7.09 9.58 -0.68
CA SER A 40 8.37 10.29 -0.65
C SER A 40 8.43 11.20 0.58
N GLY A 41 9.07 10.72 1.64
CA GLY A 41 9.18 11.40 2.93
C GLY A 41 8.48 10.64 4.05
N CYS A 42 7.75 9.57 3.77
CA CYS A 42 7.32 8.62 4.78
C CYS A 42 8.56 7.81 5.18
N THR A 43 9.53 8.44 5.85
CA THR A 43 10.81 7.81 6.14
C THR A 43 10.57 6.59 7.05
N ALA A 44 9.90 6.79 8.19
CA ALA A 44 9.56 5.71 9.09
C ALA A 44 8.18 5.17 8.72
N LEU A 45 8.06 4.74 7.47
CA LEU A 45 7.02 3.84 6.97
C LEU A 45 7.70 2.54 6.54
N GLU A 46 7.30 1.41 7.13
CA GLU A 46 7.85 0.10 6.76
C GLU A 46 6.77 -0.99 6.63
N LYS A 47 5.50 -0.73 6.95
CA LYS A 47 4.42 -1.70 6.77
C LYS A 47 3.31 -1.11 5.93
N LEU A 48 2.58 -1.99 5.24
CA LEU A 48 1.46 -1.70 4.39
C LEU A 48 0.61 -2.96 4.41
N ILE A 49 -0.70 -2.85 4.63
CA ILE A 49 -1.61 -3.99 4.59
C ILE A 49 -2.62 -3.72 3.49
N LEU A 50 -3.04 -4.76 2.77
CA LEU A 50 -3.96 -4.68 1.65
C LEU A 50 -5.18 -5.55 1.97
N THR A 51 -6.22 -4.98 2.58
CA THR A 51 -7.44 -5.67 2.99
C THR A 51 -8.41 -5.79 1.80
N GLY A 52 -7.98 -6.53 0.78
CA GLY A 52 -8.82 -7.02 -0.31
C GLY A 52 -8.67 -8.54 -0.48
N GLU A 53 -9.73 -9.19 -0.96
CA GLU A 53 -9.84 -10.64 -1.07
C GLU A 53 -9.32 -11.20 -2.39
N ASP A 54 -9.23 -10.36 -3.41
CA ASP A 54 -8.66 -10.64 -4.73
C ASP A 54 -7.56 -9.60 -4.97
N PRO A 55 -6.60 -9.85 -5.88
CA PRO A 55 -5.56 -8.90 -6.26
C PRO A 55 -6.11 -7.78 -7.14
N SER A 56 -6.92 -8.13 -8.14
CA SER A 56 -7.19 -7.29 -9.30
C SER A 56 -7.85 -5.95 -8.98
N ALA A 57 -8.58 -5.87 -7.86
CA ALA A 57 -9.28 -4.67 -7.39
C ALA A 57 -8.33 -3.58 -6.85
N TYR A 58 -7.01 -3.79 -6.91
CA TYR A 58 -5.99 -2.78 -6.63
C TYR A 58 -5.36 -2.35 -7.96
N SER A 59 -4.79 -1.16 -7.97
CA SER A 59 -3.96 -0.65 -9.04
C SER A 59 -2.73 0.00 -8.40
N ALA A 60 -1.58 -0.16 -9.03
CA ALA A 60 -0.23 0.25 -8.64
C ALA A 60 0.57 0.44 -9.94
N GLY A 61 1.60 1.28 -9.91
CA GLY A 61 2.39 1.62 -11.08
C GLY A 61 3.75 0.94 -11.06
N ASP A 62 4.66 1.48 -11.87
CA ASP A 62 6.01 0.97 -12.08
C ASP A 62 6.93 1.13 -10.85
N GLY A 63 6.38 1.68 -9.77
CA GLY A 63 7.03 1.87 -8.50
C GLY A 63 5.99 2.14 -7.42
N LEU A 64 5.24 1.13 -6.97
CA LEU A 64 4.21 1.25 -5.94
C LEU A 64 4.80 1.95 -4.70
N ARG A 65 5.99 1.52 -4.28
CA ARG A 65 6.66 1.92 -3.05
C ARG A 65 7.84 2.86 -3.36
N ASP A 66 7.68 3.75 -4.34
CA ASP A 66 8.67 4.79 -4.60
C ASP A 66 8.63 5.79 -3.44
N GLY A 67 9.73 5.92 -2.71
CA GLY A 67 9.96 6.99 -1.74
C GLY A 67 9.89 6.55 -0.28
N ALA A 68 9.41 5.34 -0.02
CA ALA A 68 9.53 4.63 1.25
C ALA A 68 10.00 3.21 0.98
N ASP A 69 10.13 2.38 2.01
CA ASP A 69 10.70 1.05 1.92
C ASP A 69 9.91 0.16 2.86
N PHE A 70 8.85 -0.46 2.35
CA PHE A 70 7.92 -1.24 3.16
C PHE A 70 7.55 -2.57 2.52
N LEU A 71 6.99 -3.46 3.33
CA LEU A 71 6.43 -4.75 2.91
C LEU A 71 4.93 -4.61 2.70
N ILE A 72 4.37 -5.55 1.95
CA ILE A 72 2.99 -5.51 1.47
C ILE A 72 2.30 -6.75 2.05
N CYS A 73 1.73 -6.61 3.23
CA CYS A 73 0.95 -7.68 3.84
C CYS A 73 -0.45 -7.76 3.23
N VAL A 74 -1.06 -8.94 3.30
CA VAL A 74 -2.33 -9.28 2.67
C VAL A 74 -3.08 -10.29 3.56
N PRO A 75 -4.39 -10.46 3.40
CA PRO A 75 -5.13 -11.43 4.18
C PRO A 75 -4.69 -12.82 3.74
N GLU A 76 -4.56 -13.72 4.72
CA GLU A 76 -4.10 -15.09 4.52
C GLU A 76 -4.90 -15.84 3.45
N GLU A 77 -6.18 -15.51 3.31
CA GLU A 77 -7.11 -16.10 2.37
C GLU A 77 -6.72 -15.76 0.93
N ALA A 78 -6.40 -14.50 0.66
CA ALA A 78 -6.01 -13.99 -0.66
C ALA A 78 -4.53 -14.23 -0.96
N LEU A 79 -3.77 -14.86 -0.05
CA LEU A 79 -2.31 -14.86 -0.10
C LEU A 79 -1.77 -15.42 -1.41
N ASP A 80 -2.31 -16.55 -1.87
CA ASP A 80 -1.94 -17.19 -3.14
C ASP A 80 -2.29 -16.30 -4.32
N ARG A 81 -3.50 -15.72 -4.28
CA ARG A 81 -4.09 -14.98 -5.37
C ARG A 81 -3.12 -13.94 -5.91
N TYR A 82 -2.58 -13.09 -5.03
CA TYR A 82 -1.66 -12.04 -5.45
C TYR A 82 -0.38 -12.65 -5.97
N ARG A 83 0.14 -13.73 -5.36
CA ARG A 83 1.30 -14.40 -5.95
C ARG A 83 0.99 -14.95 -7.34
N ARG A 84 -0.27 -15.11 -7.73
CA ARG A 84 -0.63 -15.58 -9.07
C ARG A 84 -0.76 -14.50 -10.13
N ASP A 85 -0.87 -13.22 -9.81
CA ASP A 85 -0.97 -12.17 -10.85
C ASP A 85 0.37 -12.02 -11.55
N TYR A 86 0.40 -12.03 -12.87
CA TYR A 86 1.57 -11.69 -13.69
C TYR A 86 2.21 -10.38 -13.19
N PHE A 87 1.39 -9.40 -12.82
CA PHE A 87 1.83 -8.13 -12.25
C PHE A 87 2.42 -8.35 -10.86
N TRP A 88 1.57 -8.60 -9.85
CA TRP A 88 1.98 -8.69 -8.45
C TRP A 88 3.09 -9.73 -8.21
N GLN A 89 3.27 -10.73 -9.08
CA GLN A 89 4.42 -11.62 -9.11
C GLN A 89 5.77 -10.95 -8.95
N THR A 90 6.05 -9.88 -9.71
CA THR A 90 7.36 -9.24 -9.63
C THR A 90 7.61 -8.74 -8.20
N TYR A 91 6.60 -8.13 -7.57
CA TYR A 91 6.69 -7.66 -6.20
C TYR A 91 6.55 -8.79 -5.17
N ALA A 92 6.51 -10.07 -5.58
CA ALA A 92 6.27 -11.18 -4.65
C ALA A 92 7.34 -11.29 -3.59
N ALA A 93 8.52 -10.71 -3.84
CA ALA A 93 9.58 -10.68 -2.86
C ALA A 93 9.19 -9.99 -1.55
N TRP A 94 8.13 -9.17 -1.53
CA TRP A 94 7.79 -8.29 -0.42
C TRP A 94 6.40 -8.59 0.16
N ILE A 95 5.77 -9.68 -0.30
CA ILE A 95 4.47 -10.14 0.17
C ILE A 95 4.66 -10.98 1.44
N GLN A 96 3.69 -10.93 2.36
CA GLN A 96 3.51 -11.86 3.48
C GLN A 96 2.06 -11.77 4.00
N PRO A 97 1.58 -12.72 4.81
CA PRO A 97 0.26 -12.62 5.43
C PRO A 97 0.17 -11.48 6.45
N MET A 98 -1.05 -11.10 6.81
CA MET A 98 -1.39 -10.06 7.78
C MET A 98 -1.33 -10.61 9.21
N GLU A 99 -1.73 -9.79 10.18
CA GLU A 99 -1.98 -10.13 11.57
C GLU A 99 -3.38 -9.63 11.94
N GLN A 100 -3.77 -9.64 13.22
CA GLN A 100 -5.04 -9.13 13.72
C GLN A 100 -4.75 -7.89 14.57
N GLY A 1 -6.16 27.60 7.58
CA GLY A 1 -7.22 26.91 6.86
C GLY A 1 -8.11 26.20 7.86
N SER A 2 -8.38 24.92 7.62
CA SER A 2 -9.10 24.05 8.54
C SER A 2 -8.17 23.59 9.69
N HIS A 3 -8.66 22.62 10.44
CA HIS A 3 -7.99 21.88 11.50
C HIS A 3 -8.48 20.43 11.35
N GLU A 4 -7.89 19.70 10.40
CA GLU A 4 -8.19 18.29 10.18
C GLU A 4 -7.14 17.66 9.26
N GLY A 5 -7.11 16.33 9.17
CA GLY A 5 -6.41 15.62 8.11
C GLY A 5 -5.18 14.93 8.66
N GLU A 6 -5.37 13.75 9.22
CA GLU A 6 -4.30 12.79 9.42
C GLU A 6 -3.89 12.18 8.06
N PRO A 7 -2.71 11.57 7.93
CA PRO A 7 -2.21 10.95 6.70
C PRO A 7 -2.91 9.62 6.42
N VAL A 8 -4.18 9.63 6.06
CA VAL A 8 -4.99 8.41 5.98
C VAL A 8 -5.78 8.39 4.68
N VAL A 9 -5.99 7.20 4.13
CA VAL A 9 -6.77 6.99 2.93
C VAL A 9 -8.26 7.30 3.21
N GLY A 10 -8.90 8.07 2.34
CA GLY A 10 -10.34 8.28 2.34
C GLY A 10 -10.80 8.70 0.96
N MET A 11 -11.00 7.73 0.07
CA MET A 11 -11.33 7.91 -1.34
C MET A 11 -10.42 8.94 -2.02
N ASP A 12 -9.18 9.08 -1.55
CA ASP A 12 -8.26 10.11 -2.01
C ASP A 12 -6.86 9.54 -1.93
N LYS A 13 -6.13 9.50 -3.05
CA LYS A 13 -4.69 9.34 -3.07
C LYS A 13 -4.09 10.70 -3.42
N SER A 14 -3.71 11.46 -2.40
CA SER A 14 -3.01 12.75 -2.50
C SER A 14 -2.45 13.17 -1.12
N LEU A 15 -2.29 12.23 -0.16
CA LEU A 15 -2.03 12.53 1.25
C LEU A 15 -1.33 11.35 1.95
N PHE A 16 -0.09 11.00 1.55
CA PHE A 16 0.67 9.91 2.21
C PHE A 16 2.16 10.17 2.42
N ALA A 17 2.75 11.22 1.84
CA ALA A 17 4.17 11.54 1.97
C ALA A 17 4.41 12.79 2.82
N GLY A 18 3.40 13.18 3.59
CA GLY A 18 3.32 14.46 4.27
C GLY A 18 3.36 14.35 5.80
N ASN A 19 3.30 13.16 6.40
CA ASN A 19 3.55 12.98 7.82
C ASN A 19 4.39 11.74 8.04
N THR A 20 5.66 11.86 8.35
CA THR A 20 6.62 10.76 8.34
C THR A 20 6.47 9.73 9.48
N VAL A 21 5.39 9.80 10.26
CA VAL A 21 5.20 9.25 11.60
C VAL A 21 3.95 8.33 11.61
N ILE A 22 3.78 7.58 10.53
CA ILE A 22 2.73 6.61 10.27
C ILE A 22 3.43 5.32 9.84
N ARG A 23 3.61 4.42 10.81
CA ARG A 23 4.42 3.20 10.67
C ARG A 23 3.67 2.11 9.92
N GLU A 24 2.36 2.27 9.75
CA GLU A 24 1.44 1.29 9.19
C GLU A 24 0.40 2.06 8.38
N ILE A 25 0.29 1.76 7.09
CA ILE A 25 -0.71 2.34 6.19
C ILE A 25 -1.67 1.22 5.82
N THR A 26 -2.85 1.21 6.43
CA THR A 26 -3.93 0.36 5.96
C THR A 26 -4.46 0.96 4.65
N VAL A 27 -4.85 0.12 3.69
CA VAL A 27 -5.52 0.44 2.45
C VAL A 27 -6.58 -0.64 2.24
N GLN A 28 -7.58 -0.37 1.41
CA GLN A 28 -8.70 -1.25 1.16
C GLN A 28 -8.97 -1.38 -0.34
N PRO A 29 -9.73 -2.39 -0.80
CA PRO A 29 -9.86 -2.65 -2.22
C PRO A 29 -10.67 -1.53 -2.86
N ASN A 30 -10.33 -1.21 -4.10
CA ASN A 30 -10.95 -0.21 -4.96
C ASN A 30 -11.03 1.13 -4.22
N ILE A 31 -9.86 1.74 -3.93
CA ILE A 31 -9.75 3.01 -3.19
C ILE A 31 -8.76 3.96 -3.89
N GLY A 32 -8.78 4.02 -5.21
CA GLY A 32 -7.97 4.94 -6.03
C GLY A 32 -6.56 4.43 -6.30
N LEU A 33 -5.96 4.94 -7.38
CA LEU A 33 -4.71 4.52 -7.99
C LEU A 33 -3.54 4.77 -7.05
N LEU A 34 -2.74 3.74 -6.81
CA LEU A 34 -1.48 3.84 -6.07
C LEU A 34 -0.40 4.30 -7.04
N TYR A 35 -0.37 5.59 -7.37
CA TYR A 35 0.63 6.17 -8.26
C TYR A 35 2.01 6.16 -7.58
N ASP A 36 3.07 6.37 -8.36
CA ASP A 36 4.44 6.36 -7.87
C ASP A 36 4.77 7.69 -7.21
N GLY A 37 5.57 7.65 -6.15
CA GLY A 37 5.97 8.82 -5.38
C GLY A 37 4.96 9.19 -4.30
N MET A 38 3.93 8.36 -4.09
CA MET A 38 2.96 8.49 -2.99
C MET A 38 3.63 8.55 -1.62
N PHE A 39 4.81 7.94 -1.48
CA PHE A 39 5.40 7.58 -0.19
C PHE A 39 6.88 8.02 -0.13
N SER A 40 7.30 8.97 -0.97
CA SER A 40 8.67 9.48 -0.93
C SER A 40 8.90 10.20 0.39
N GLY A 41 9.83 9.67 1.21
CA GLY A 41 10.30 10.35 2.42
C GLY A 41 9.61 9.89 3.71
N CYS A 42 8.79 8.84 3.67
CA CYS A 42 8.11 8.28 4.84
C CYS A 42 9.08 7.62 5.84
N THR A 43 9.84 8.40 6.61
CA THR A 43 10.98 7.88 7.37
C THR A 43 10.59 6.86 8.44
N ALA A 44 9.40 6.94 9.05
CA ALA A 44 8.90 5.91 9.95
C ALA A 44 7.64 5.32 9.33
N LEU A 45 7.78 4.69 8.17
CA LEU A 45 6.83 3.75 7.56
C LEU A 45 7.58 2.45 7.33
N GLU A 46 7.08 1.36 7.93
CA GLU A 46 7.62 0.00 7.80
C GLU A 46 6.58 -1.08 7.49
N LYS A 47 5.28 -0.74 7.42
CA LYS A 47 4.24 -1.65 6.94
C LYS A 47 3.13 -0.94 6.17
N LEU A 48 2.45 -1.73 5.35
CA LEU A 48 1.31 -1.42 4.51
C LEU A 48 0.42 -2.66 4.63
N ILE A 49 -0.89 -2.49 4.69
CA ILE A 49 -1.87 -3.57 4.94
C ILE A 49 -3.00 -3.37 3.94
N LEU A 50 -3.54 -4.48 3.42
CA LEU A 50 -4.49 -4.49 2.31
C LEU A 50 -5.72 -5.31 2.72
N THR A 51 -6.84 -4.66 3.03
CA THR A 51 -8.07 -5.33 3.46
C THR A 51 -8.84 -5.91 2.25
N GLY A 52 -8.13 -6.43 1.24
CA GLY A 52 -8.72 -6.96 0.03
C GLY A 52 -8.06 -8.28 -0.29
N GLU A 53 -8.83 -9.20 -0.87
CA GLU A 53 -8.44 -10.60 -0.97
C GLU A 53 -7.83 -10.91 -2.33
N ASP A 54 -7.42 -9.88 -3.07
CA ASP A 54 -7.12 -9.96 -4.48
C ASP A 54 -6.12 -8.86 -4.87
N PRO A 55 -5.25 -9.14 -5.86
CA PRO A 55 -4.40 -8.15 -6.48
C PRO A 55 -5.21 -7.20 -7.36
N SER A 56 -6.17 -7.75 -8.11
CA SER A 56 -6.92 -7.08 -9.16
C SER A 56 -7.83 -5.96 -8.67
N ALA A 57 -8.23 -5.99 -7.40
CA ALA A 57 -9.04 -4.96 -6.77
C ALA A 57 -8.22 -3.72 -6.42
N TYR A 58 -6.94 -3.67 -6.79
CA TYR A 58 -6.07 -2.53 -6.55
C TYR A 58 -5.52 -2.03 -7.88
N SER A 59 -4.82 -0.91 -7.80
CA SER A 59 -4.29 -0.17 -8.93
C SER A 59 -2.94 0.34 -8.49
N ALA A 60 -1.88 0.07 -9.24
CA ALA A 60 -0.55 0.61 -9.05
C ALA A 60 -0.09 1.20 -10.39
N GLY A 61 0.89 2.10 -10.35
CA GLY A 61 1.52 2.72 -11.50
C GLY A 61 2.78 1.94 -11.82
N ASP A 62 3.91 2.64 -11.93
CA ASP A 62 5.20 2.07 -12.27
C ASP A 62 6.13 2.00 -11.05
N GLY A 63 5.58 2.16 -9.84
CA GLY A 63 6.32 2.02 -8.62
C GLY A 63 5.37 2.21 -7.45
N LEU A 64 4.64 1.16 -7.06
CA LEU A 64 3.66 1.22 -5.97
C LEU A 64 4.36 1.81 -4.73
N ARG A 65 5.51 1.23 -4.39
CA ARG A 65 6.35 1.66 -3.29
C ARG A 65 7.54 2.46 -3.79
N ASP A 66 7.32 3.32 -4.77
CA ASP A 66 8.36 4.28 -5.13
C ASP A 66 8.55 5.23 -3.95
N GLY A 67 9.80 5.52 -3.61
CA GLY A 67 10.16 6.50 -2.59
C GLY A 67 10.51 5.92 -1.23
N ALA A 68 10.28 4.62 -0.97
CA ALA A 68 10.66 3.92 0.26
C ALA A 68 10.81 2.42 -0.03
N ASP A 69 11.01 1.61 1.02
CA ASP A 69 10.98 0.14 0.98
C ASP A 69 10.15 -0.29 2.18
N PHE A 70 8.82 -0.24 2.04
CA PHE A 70 7.90 -0.71 3.07
C PHE A 70 7.50 -2.15 2.75
N LEU A 71 6.85 -2.82 3.70
CA LEU A 71 6.42 -4.21 3.59
C LEU A 71 4.90 -4.25 3.47
N ILE A 72 4.35 -5.25 2.79
CA ILE A 72 2.93 -5.38 2.48
C ILE A 72 2.37 -6.54 3.31
N CYS A 73 1.09 -6.46 3.68
CA CYS A 73 0.35 -7.49 4.40
C CYS A 73 -0.97 -7.73 3.63
N VAL A 74 -1.32 -8.99 3.35
CA VAL A 74 -2.55 -9.40 2.65
C VAL A 74 -3.19 -10.56 3.45
N PRO A 75 -4.49 -10.86 3.29
CA PRO A 75 -5.06 -12.03 3.92
C PRO A 75 -4.41 -13.29 3.35
N GLU A 76 -4.28 -14.33 4.17
CA GLU A 76 -3.69 -15.59 3.74
C GLU A 76 -4.44 -16.27 2.59
N GLU A 77 -5.74 -16.03 2.46
CA GLU A 77 -6.57 -16.57 1.38
C GLU A 77 -6.35 -15.81 0.06
N ALA A 78 -5.57 -14.72 0.07
CA ALA A 78 -5.08 -14.06 -1.15
C ALA A 78 -3.64 -14.44 -1.48
N LEU A 79 -2.95 -15.23 -0.64
CA LEU A 79 -1.50 -15.30 -0.69
C LEU A 79 -0.96 -15.95 -1.96
N ASP A 80 -1.63 -16.96 -2.50
CA ASP A 80 -1.25 -17.52 -3.81
C ASP A 80 -1.84 -16.65 -4.92
N ARG A 81 -3.00 -16.03 -4.67
CA ARG A 81 -3.71 -15.20 -5.64
C ARG A 81 -2.81 -14.07 -6.15
N TYR A 82 -2.33 -13.19 -5.26
CA TYR A 82 -1.40 -12.13 -5.64
C TYR A 82 -0.17 -12.70 -6.34
N ARG A 83 0.35 -13.84 -5.86
CA ARG A 83 1.59 -14.39 -6.40
C ARG A 83 1.43 -14.82 -7.86
N ARG A 84 0.19 -15.04 -8.32
CA ARG A 84 -0.13 -15.43 -9.68
C ARG A 84 -0.62 -14.24 -10.50
N ASP A 85 -0.61 -13.02 -9.96
CA ASP A 85 -1.02 -11.85 -10.72
C ASP A 85 -0.05 -11.56 -11.86
N TYR A 86 -0.48 -10.76 -12.83
CA TYR A 86 0.35 -10.30 -13.92
C TYR A 86 1.39 -9.28 -13.45
N PHE A 87 0.98 -8.33 -12.61
CA PHE A 87 1.81 -7.21 -12.15
C PHE A 87 2.43 -7.55 -10.81
N TRP A 88 1.62 -7.81 -9.78
CA TRP A 88 2.02 -7.94 -8.38
C TRP A 88 3.09 -9.02 -8.13
N GLN A 89 3.28 -9.97 -9.06
CA GLN A 89 4.42 -10.89 -9.10
C GLN A 89 5.77 -10.23 -8.85
N THR A 90 6.01 -9.06 -9.45
CA THR A 90 7.28 -8.37 -9.30
C THR A 90 7.55 -8.08 -7.80
N TYR A 91 6.50 -7.72 -7.06
CA TYR A 91 6.55 -7.36 -5.65
C TYR A 91 6.47 -8.59 -4.72
N ALA A 92 6.58 -9.83 -5.21
CA ALA A 92 6.34 -11.01 -4.39
C ALA A 92 7.41 -11.22 -3.33
N ALA A 93 8.44 -10.37 -3.24
CA ALA A 93 9.40 -10.41 -2.16
C ALA A 93 8.91 -9.69 -0.88
N TRP A 94 7.87 -8.85 -0.95
CA TRP A 94 7.45 -8.01 0.18
C TRP A 94 6.02 -8.31 0.67
N ILE A 95 5.32 -9.28 0.07
CA ILE A 95 3.89 -9.51 0.27
C ILE A 95 3.71 -10.70 1.23
N GLN A 96 3.59 -10.46 2.54
CA GLN A 96 3.38 -11.51 3.56
C GLN A 96 1.91 -11.63 3.99
N PRO A 97 1.50 -12.74 4.64
CA PRO A 97 0.17 -12.89 5.21
C PRO A 97 -0.03 -12.03 6.46
N MET A 98 -1.28 -11.63 6.71
CA MET A 98 -1.77 -11.08 7.96
C MET A 98 -1.83 -12.16 9.05
N GLU A 99 -2.27 -11.78 10.24
CA GLU A 99 -2.42 -12.65 11.39
C GLU A 99 -3.90 -13.07 11.60
N GLN A 100 -4.13 -13.82 12.66
CA GLN A 100 -5.40 -13.94 13.35
C GLN A 100 -5.09 -13.65 14.80
N GLY A 1 4.59 20.73 0.15
CA GLY A 1 3.88 22.01 0.22
C GLY A 1 2.40 21.76 0.10
N SER A 2 1.74 21.45 1.22
CA SER A 2 0.36 20.98 1.27
C SER A 2 -0.35 21.53 2.52
N HIS A 3 -1.63 21.22 2.70
CA HIS A 3 -2.46 21.75 3.77
C HIS A 3 -3.45 20.72 4.29
N GLU A 4 -2.98 19.50 4.53
CA GLU A 4 -3.84 18.40 4.97
C GLU A 4 -3.03 17.43 5.82
N GLY A 5 -3.58 16.90 6.91
CA GLY A 5 -2.86 16.14 7.93
C GLY A 5 -3.46 14.77 8.24
N GLU A 6 -4.31 14.22 7.39
CA GLU A 6 -4.87 12.89 7.49
C GLU A 6 -4.17 11.93 6.52
N PRO A 7 -3.03 11.33 6.93
CA PRO A 7 -2.40 10.26 6.20
C PRO A 7 -3.24 8.98 6.36
N VAL A 8 -4.40 8.91 5.69
CA VAL A 8 -5.31 7.77 5.65
C VAL A 8 -5.71 7.53 4.19
N VAL A 9 -6.30 6.36 3.89
CA VAL A 9 -6.70 5.92 2.57
C VAL A 9 -8.21 6.16 2.42
N GLY A 10 -8.62 7.42 2.40
CA GLY A 10 -9.98 7.88 2.11
C GLY A 10 -9.98 8.49 0.72
N MET A 11 -10.08 7.65 -0.32
CA MET A 11 -10.12 7.94 -1.77
C MET A 11 -8.92 8.69 -2.34
N ASP A 12 -8.62 9.89 -1.84
CA ASP A 12 -7.62 10.81 -2.37
C ASP A 12 -6.22 10.21 -2.29
N LYS A 13 -5.65 9.71 -3.39
CA LYS A 13 -4.26 9.28 -3.42
C LYS A 13 -3.41 10.44 -3.94
N SER A 14 -3.16 11.44 -3.09
CA SER A 14 -2.18 12.50 -3.33
C SER A 14 -1.46 12.96 -2.05
N LEU A 15 -1.86 12.52 -0.85
CA LEU A 15 -1.40 13.14 0.41
C LEU A 15 -0.54 12.25 1.33
N PHE A 16 -0.13 11.06 0.92
CA PHE A 16 0.59 10.12 1.79
C PHE A 16 1.99 10.63 2.13
N ALA A 17 2.72 11.16 1.14
CA ALA A 17 4.10 11.64 1.22
C ALA A 17 4.22 12.97 1.98
N GLY A 18 3.60 13.07 3.15
CA GLY A 18 3.73 14.20 4.04
C GLY A 18 3.97 13.75 5.48
N ASN A 19 3.30 12.68 5.92
CA ASN A 19 3.37 12.31 7.33
C ASN A 19 4.60 11.45 7.61
N THR A 20 5.64 12.06 8.16
CA THR A 20 6.94 11.49 8.51
C THR A 20 6.89 10.54 9.74
N VAL A 21 5.69 10.17 10.21
CA VAL A 21 5.48 9.35 11.40
C VAL A 21 4.24 8.46 11.20
N ILE A 22 4.22 7.68 10.12
CA ILE A 22 3.21 6.65 9.86
C ILE A 22 3.87 5.33 9.51
N ARG A 23 4.09 4.49 10.51
CA ARG A 23 4.77 3.21 10.34
C ARG A 23 3.85 2.17 9.71
N GLU A 24 2.54 2.38 9.68
CA GLU A 24 1.55 1.38 9.25
C GLU A 24 0.52 2.06 8.37
N ILE A 25 0.14 1.45 7.24
CA ILE A 25 -0.84 2.01 6.31
C ILE A 25 -1.83 0.90 5.92
N THR A 26 -3.10 1.03 6.33
CA THR A 26 -4.15 0.08 5.98
C THR A 26 -4.86 0.59 4.71
N VAL A 27 -4.65 -0.06 3.56
CA VAL A 27 -5.24 0.26 2.27
C VAL A 27 -6.36 -0.74 1.98
N GLN A 28 -7.60 -0.31 2.13
CA GLN A 28 -8.75 -1.06 1.63
C GLN A 28 -8.75 -1.18 0.10
N PRO A 29 -9.55 -2.08 -0.50
CA PRO A 29 -9.62 -2.23 -1.94
C PRO A 29 -10.37 -1.05 -2.55
N ASN A 30 -10.28 -0.96 -3.89
CA ASN A 30 -11.05 -0.06 -4.74
C ASN A 30 -11.07 1.40 -4.20
N ILE A 31 -9.97 1.93 -3.65
CA ILE A 31 -9.94 3.27 -3.02
C ILE A 31 -8.77 4.13 -3.54
N GLY A 32 -8.26 3.81 -4.73
CA GLY A 32 -7.57 4.76 -5.60
C GLY A 32 -6.19 4.27 -6.05
N LEU A 33 -5.65 4.92 -7.08
CA LEU A 33 -4.34 4.65 -7.66
C LEU A 33 -3.21 5.01 -6.72
N LEU A 34 -2.43 4.02 -6.33
CA LEU A 34 -1.14 4.24 -5.70
C LEU A 34 -0.18 4.68 -6.82
N TYR A 35 0.00 5.99 -6.99
CA TYR A 35 0.84 6.56 -8.04
C TYR A 35 2.33 6.44 -7.68
N ASP A 36 3.21 6.82 -8.62
CA ASP A 36 4.66 6.74 -8.47
C ASP A 36 5.19 7.60 -7.34
N GLY A 37 6.01 7.00 -6.46
CA GLY A 37 6.62 7.71 -5.36
C GLY A 37 5.58 8.16 -4.32
N MET A 38 4.44 7.44 -4.26
CA MET A 38 3.28 7.72 -3.41
C MET A 38 3.65 8.07 -1.97
N PHE A 39 4.69 7.41 -1.46
CA PHE A 39 5.08 7.39 -0.06
C PHE A 39 6.42 8.11 0.15
N SER A 40 6.91 8.87 -0.82
CA SER A 40 8.22 9.49 -0.79
C SER A 40 8.46 10.24 0.53
N GLY A 41 9.48 9.83 1.28
CA GLY A 41 9.88 10.52 2.50
C GLY A 41 8.91 10.26 3.66
N CYS A 42 8.14 9.18 3.61
CA CYS A 42 7.57 8.58 4.80
C CYS A 42 8.73 7.88 5.54
N THR A 43 9.53 8.66 6.25
CA THR A 43 10.82 8.29 6.82
C THR A 43 10.67 7.42 8.07
N ALA A 44 9.45 7.22 8.55
CA ALA A 44 9.10 6.17 9.47
C ALA A 44 7.79 5.56 8.96
N LEU A 45 7.89 4.81 7.87
CA LEU A 45 6.92 3.93 7.22
C LEU A 45 7.61 2.62 6.84
N GLU A 46 7.10 1.47 7.31
CA GLU A 46 7.56 0.16 6.84
C GLU A 46 6.45 -0.90 6.72
N LYS A 47 5.29 -0.78 7.38
CA LYS A 47 4.20 -1.74 7.20
C LYS A 47 3.14 -1.20 6.27
N LEU A 48 2.54 -2.11 5.50
CA LEU A 48 1.31 -1.93 4.74
C LEU A 48 0.38 -3.05 5.18
N ILE A 49 -0.93 -2.83 5.14
CA ILE A 49 -1.95 -3.84 5.36
C ILE A 49 -2.98 -3.64 4.27
N LEU A 50 -3.47 -4.73 3.69
CA LEU A 50 -4.55 -4.70 2.71
C LEU A 50 -5.78 -5.36 3.33
N THR A 51 -6.96 -4.99 2.85
CA THR A 51 -8.24 -5.50 3.37
C THR A 51 -9.08 -6.08 2.22
N GLY A 52 -8.50 -6.21 1.02
CA GLY A 52 -9.19 -6.81 -0.12
C GLY A 52 -8.88 -8.29 -0.19
N GLU A 53 -9.45 -8.97 -1.18
CA GLU A 53 -9.30 -10.42 -1.34
C GLU A 53 -8.79 -10.79 -2.74
N ASP A 54 -8.47 -9.81 -3.59
CA ASP A 54 -7.93 -10.02 -4.94
C ASP A 54 -6.98 -8.87 -5.30
N PRO A 55 -5.88 -9.12 -6.03
CA PRO A 55 -4.91 -8.09 -6.38
C PRO A 55 -5.44 -7.10 -7.43
N SER A 56 -6.36 -7.54 -8.27
CA SER A 56 -6.99 -6.74 -9.33
C SER A 56 -7.91 -5.67 -8.72
N ALA A 57 -8.26 -5.80 -7.43
CA ALA A 57 -9.08 -4.83 -6.72
C ALA A 57 -8.32 -3.53 -6.40
N TYR A 58 -7.03 -3.47 -6.73
CA TYR A 58 -6.12 -2.36 -6.43
C TYR A 58 -5.45 -1.88 -7.72
N SER A 59 -4.84 -0.69 -7.67
CA SER A 59 -4.24 -0.01 -8.79
C SER A 59 -2.94 0.60 -8.30
N ALA A 60 -1.84 0.26 -8.94
CA ALA A 60 -0.47 0.54 -8.48
C ALA A 60 0.38 1.26 -9.55
N GLY A 61 -0.21 1.51 -10.72
CA GLY A 61 0.36 2.23 -11.86
C GLY A 61 1.55 1.44 -12.38
N ASP A 62 2.74 1.84 -11.96
CA ASP A 62 3.98 1.04 -11.99
C ASP A 62 4.89 1.40 -10.80
N GLY A 63 4.59 2.47 -10.06
CA GLY A 63 5.52 3.12 -9.13
C GLY A 63 5.09 3.06 -7.67
N LEU A 64 4.28 2.06 -7.30
CA LEU A 64 3.66 1.89 -5.99
C LEU A 64 4.61 2.11 -4.82
N ARG A 65 5.84 1.58 -4.88
CA ARG A 65 6.71 1.42 -3.75
C ARG A 65 8.05 2.02 -4.19
N ASP A 66 8.04 3.30 -4.57
CA ASP A 66 9.25 4.12 -4.65
C ASP A 66 9.19 5.17 -3.55
N GLY A 67 10.35 5.64 -3.09
CA GLY A 67 10.48 6.77 -2.20
C GLY A 67 10.27 6.43 -0.71
N ALA A 68 9.78 5.23 -0.39
CA ALA A 68 9.84 4.59 0.92
C ALA A 68 9.92 3.08 0.70
N ASP A 69 10.28 2.34 1.75
CA ASP A 69 10.65 0.93 1.67
C ASP A 69 9.86 0.14 2.72
N PHE A 70 8.67 -0.28 2.31
CA PHE A 70 7.73 -1.00 3.16
C PHE A 70 7.53 -2.44 2.71
N LEU A 71 6.78 -3.21 3.50
CA LEU A 71 6.43 -4.61 3.36
C LEU A 71 4.89 -4.71 3.34
N ILE A 72 4.34 -5.76 2.71
CA ILE A 72 2.94 -5.88 2.31
C ILE A 72 2.32 -7.06 3.06
N CYS A 73 1.44 -6.80 4.03
CA CYS A 73 0.54 -7.87 4.48
C CYS A 73 -0.58 -8.09 3.46
N VAL A 74 -1.10 -9.32 3.39
CA VAL A 74 -2.37 -9.69 2.76
C VAL A 74 -3.03 -10.75 3.64
N PRO A 75 -4.34 -11.02 3.53
CA PRO A 75 -4.90 -12.19 4.17
C PRO A 75 -4.35 -13.44 3.45
N GLU A 76 -4.20 -14.55 4.19
CA GLU A 76 -3.77 -15.83 3.64
C GLU A 76 -4.62 -16.26 2.43
N GLU A 77 -5.89 -15.90 2.44
CA GLU A 77 -6.86 -16.19 1.39
C GLU A 77 -6.42 -15.59 0.05
N ALA A 78 -5.92 -14.36 0.07
CA ALA A 78 -5.49 -13.66 -1.13
C ALA A 78 -4.02 -13.95 -1.45
N LEU A 79 -3.27 -14.64 -0.59
CA LEU A 79 -1.80 -14.70 -0.64
C LEU A 79 -1.28 -15.20 -1.98
N ASP A 80 -1.70 -16.38 -2.42
CA ASP A 80 -1.21 -16.94 -3.68
C ASP A 80 -1.84 -16.25 -4.89
N ARG A 81 -3.09 -15.82 -4.74
CA ARG A 81 -3.82 -14.92 -5.63
C ARG A 81 -2.93 -13.75 -6.00
N TYR A 82 -2.36 -13.09 -5.00
CA TYR A 82 -1.46 -11.96 -5.17
C TYR A 82 -0.16 -12.39 -5.87
N ARG A 83 0.41 -13.54 -5.48
CA ARG A 83 1.65 -14.06 -6.07
C ARG A 83 1.49 -14.49 -7.53
N ARG A 84 0.28 -14.74 -8.03
CA ARG A 84 0.04 -15.28 -9.38
C ARG A 84 -0.43 -14.23 -10.38
N ASP A 85 -0.22 -12.94 -10.08
CA ASP A 85 -0.60 -11.79 -10.89
C ASP A 85 0.43 -11.51 -12.01
N TYR A 86 0.07 -10.68 -12.99
CA TYR A 86 0.96 -10.28 -14.09
C TYR A 86 1.76 -9.02 -13.73
N PHE A 87 1.17 -8.11 -12.98
CA PHE A 87 1.79 -6.85 -12.59
C PHE A 87 2.49 -7.05 -11.24
N TRP A 88 1.73 -7.43 -10.22
CA TRP A 88 2.20 -7.49 -8.85
C TRP A 88 3.31 -8.52 -8.59
N GLN A 89 3.56 -9.42 -9.51
CA GLN A 89 4.57 -10.50 -9.43
C GLN A 89 5.93 -10.11 -8.87
N THR A 90 6.40 -8.99 -9.38
CA THR A 90 7.68 -8.38 -9.02
C THR A 90 7.70 -8.01 -7.52
N TYR A 91 6.63 -7.44 -6.99
CA TYR A 91 6.46 -7.07 -5.59
C TYR A 91 6.29 -8.30 -4.67
N ALA A 92 6.29 -9.54 -5.17
CA ALA A 92 5.97 -10.73 -4.39
C ALA A 92 6.95 -10.93 -3.25
N ALA A 93 8.21 -10.49 -3.43
CA ALA A 93 9.24 -10.65 -2.43
C ALA A 93 9.02 -9.77 -1.18
N TRP A 94 7.90 -9.06 -1.10
CA TRP A 94 7.48 -8.24 0.03
C TRP A 94 6.08 -8.63 0.53
N ILE A 95 5.48 -9.72 0.05
CA ILE A 95 4.08 -10.09 0.37
C ILE A 95 4.09 -11.23 1.40
N GLN A 96 3.56 -10.97 2.59
CA GLN A 96 3.41 -11.92 3.69
C GLN A 96 1.94 -12.03 4.14
N PRO A 97 1.55 -13.16 4.75
CA PRO A 97 0.23 -13.35 5.36
C PRO A 97 0.10 -12.56 6.67
N MET A 98 -1.13 -12.08 6.95
CA MET A 98 -1.49 -11.37 8.16
C MET A 98 -1.39 -12.24 9.41
N GLU A 99 -1.40 -11.58 10.58
CA GLU A 99 -1.72 -12.14 11.89
C GLU A 99 -3.21 -12.53 11.96
N GLN A 100 -3.63 -13.01 13.13
CA GLN A 100 -4.99 -13.40 13.46
C GLN A 100 -5.20 -12.99 14.91
#